data_6UTT
#
_entry.id   6UTT
#
_cell.length_a   107.661
_cell.length_b   107.661
_cell.length_c   320.418
_cell.angle_alpha   90.000
_cell.angle_beta   90.000
_cell.angle_gamma   90.000
#
_symmetry.space_group_name_H-M   'P 41 2 2'
#
loop_
_entity.id
_entity.type
_entity.pdbx_description
1 polymer 'ATP-dependent sacrificial sulfur transferase LarE'
2 non-polymer 'PHOSPHATE ION'
3 non-polymer 'SULFATE ION'
4 non-polymer 'CALCIUM ION'
5 water water
#
_entity_poly.entity_id   1
_entity_poly.type   'polypeptide(L)'
_entity_poly.pdbx_seq_one_letter_code
;MATLATKKATLVAALKDLQRVTVAFSGGIDSTLVLKMALDVLGRDNVTAVVANSELFTDEEFDKAMSLAEELGANVQGTT
LDYLSDDHIKNNTPDSWYYAKKMFYSRLNDIAANNGSAAVLDGMIKNDENDYRPGLKARSEAGARSLLQEADFFKTDVRA
LAQELGLTNWNKVASCSVSSRFPYGTTLTHDNIAQVMAAEKYLRSLGFPTVRVRFHNDIARIELPEARIGDFLVFNDRVN
RQLQSLGFRYVTLDLGGFRSGRMNDTLTKAQLATFAASWSHPQFEK
;
_entity_poly.pdbx_strand_id   A,B,C,D,E,F
#
loop_
_chem_comp.id
_chem_comp.type
_chem_comp.name
_chem_comp.formula
CA non-polymer 'CALCIUM ION' 'Ca 2'
PO4 non-polymer 'PHOSPHATE ION' 'O4 P -3'
SO4 non-polymer 'SULFATE ION' 'O4 S -2'
#
# COMPACT_ATOMS: atom_id res chain seq x y z
N ALA A 2 47.67 9.43 14.31
CA ALA A 2 48.84 8.73 13.80
C ALA A 2 48.59 7.22 13.76
N THR A 3 48.54 6.57 14.93
CA THR A 3 48.20 5.15 15.03
C THR A 3 47.19 4.92 16.14
N LEU A 4 46.45 3.80 16.07
CA LEU A 4 45.51 3.48 17.14
C LEU A 4 46.23 3.25 18.46
N ALA A 5 47.44 2.68 18.41
CA ALA A 5 48.22 2.46 19.63
C ALA A 5 48.61 3.78 20.28
N THR A 6 49.01 4.77 19.48
CA THR A 6 49.35 6.08 20.01
C THR A 6 48.11 6.81 20.55
N LYS A 7 46.96 6.67 19.87
CA LYS A 7 45.75 7.32 20.35
C LYS A 7 45.35 6.75 21.71
N LYS A 8 45.58 5.45 21.91
CA LYS A 8 45.29 4.83 23.19
C LYS A 8 46.29 5.29 24.24
N ALA A 9 47.55 5.52 23.84
CA ALA A 9 48.55 6.02 24.78
C ALA A 9 48.19 7.41 25.29
N THR A 10 47.76 8.30 24.40
CA THR A 10 47.33 9.62 24.83
C THR A 10 46.19 9.49 25.85
N LEU A 11 45.26 8.58 25.59
CA LEU A 11 44.13 8.41 26.49
C LEU A 11 44.55 7.77 27.81
N VAL A 12 45.42 6.75 27.76
CA VAL A 12 45.92 6.18 29.03
C VAL A 12 46.74 7.20 29.81
N ALA A 13 47.62 7.94 29.13
CA ALA A 13 48.40 8.98 29.82
C ALA A 13 47.48 10.04 30.44
N ALA A 14 46.51 10.54 29.65
CA ALA A 14 45.62 11.58 30.18
C ALA A 14 44.85 11.08 31.40
N LEU A 15 44.49 9.80 31.41
CA LEU A 15 43.75 9.29 32.55
C LEU A 15 44.66 9.15 33.77
N LYS A 16 45.89 8.67 33.58
CA LYS A 16 46.81 8.51 34.70
C LYS A 16 47.17 9.86 35.31
N ASP A 17 47.12 10.91 34.51
CA ASP A 17 47.35 12.24 35.04
C ASP A 17 46.23 12.68 35.97
N LEU A 18 44.99 12.30 35.65
CA LEU A 18 43.84 12.81 36.40
C LEU A 18 43.64 12.09 37.73
N GLN A 19 43.97 10.78 37.78
CA GLN A 19 44.00 9.93 38.96
C GLN A 19 42.64 9.44 39.42
N ARG A 20 41.67 10.35 39.58
CA ARG A 20 40.30 9.99 39.95
C ARG A 20 39.33 10.82 39.12
N VAL A 21 38.37 10.18 38.47
CA VAL A 21 37.50 10.84 37.51
C VAL A 21 36.05 10.44 37.76
N THR A 22 35.14 11.33 37.38
CA THR A 22 33.72 11.03 37.28
C THR A 22 33.34 11.01 35.80
N VAL A 23 32.68 9.95 35.36
CA VAL A 23 32.40 9.74 33.94
C VAL A 23 30.90 9.86 33.67
N ALA A 24 30.56 10.76 32.74
CA ALA A 24 29.21 10.83 32.19
C ALA A 24 28.97 9.61 31.31
N PHE A 25 27.99 8.77 31.70
CA PHE A 25 27.73 7.50 31.01
C PHE A 25 26.35 7.49 30.31
N SER A 26 26.37 7.52 28.98
CA SER A 26 25.15 7.37 28.18
C SER A 26 24.66 5.92 28.09
N GLY A 27 25.57 4.97 28.06
CA GLY A 27 25.25 3.62 27.66
C GLY A 27 25.63 3.34 26.22
N GLY A 28 25.98 4.37 25.44
CA GLY A 28 26.45 4.21 24.09
C GLY A 28 27.88 3.75 24.06
N ILE A 29 28.38 3.52 22.85
CA ILE A 29 29.68 2.89 22.71
C ILE A 29 30.80 3.84 23.15
N ASP A 30 30.66 5.14 22.86
CA ASP A 30 31.75 6.07 23.17
C ASP A 30 31.93 6.24 24.66
N SER A 31 30.81 6.44 25.38
CA SER A 31 30.91 6.55 26.83
C SER A 31 31.20 5.18 27.48
N THR A 32 30.91 4.07 26.80
CA THR A 32 31.32 2.77 27.31
C THR A 32 32.83 2.60 27.20
N LEU A 33 33.43 3.10 26.11
CA LEU A 33 34.88 3.01 25.96
C LEU A 33 35.61 3.82 27.01
N VAL A 34 35.23 5.10 27.21
CA VAL A 34 35.93 5.92 28.19
C VAL A 34 35.70 5.37 29.60
N LEU A 35 34.49 4.85 29.87
CA LEU A 35 34.23 4.23 31.16
C LEU A 35 35.09 3.00 31.35
N LYS A 36 35.29 2.20 30.30
CA LYS A 36 36.06 0.97 30.45
C LYS A 36 37.57 1.24 30.45
N MET A 37 38.03 2.31 29.80
CA MET A 37 39.44 2.66 29.88
C MET A 37 39.77 3.30 31.21
N ALA A 38 38.82 4.07 31.77
CA ALA A 38 39.00 4.66 33.09
C ALA A 38 39.16 3.57 34.15
N LEU A 39 38.38 2.49 34.05
CA LEU A 39 38.50 1.39 34.99
C LEU A 39 39.84 0.68 34.85
N ASP A 40 40.29 0.47 33.62
CA ASP A 40 41.55 -0.23 33.37
C ASP A 40 42.76 0.57 33.82
N VAL A 41 42.68 1.91 33.76
CA VAL A 41 43.87 2.68 34.10
C VAL A 41 43.86 3.08 35.56
N LEU A 42 42.69 3.15 36.19
CA LEU A 42 42.65 3.66 37.59
C LEU A 42 41.93 2.71 38.55
N GLY A 43 41.06 1.82 38.08
CA GLY A 43 40.37 0.90 39.01
C GLY A 43 39.05 1.45 39.53
N ARG A 44 38.24 0.60 40.13
CA ARG A 44 36.87 1.01 40.55
C ARG A 44 36.87 2.16 41.56
N ASP A 45 37.80 2.19 42.50
CA ASP A 45 37.76 3.24 43.55
C ASP A 45 38.03 4.66 43.03
N ASN A 46 38.59 4.81 41.85
CA ASN A 46 38.88 6.13 41.31
C ASN A 46 37.92 6.54 40.20
N VAL A 47 36.88 5.75 39.93
CA VAL A 47 35.99 6.03 38.82
C VAL A 47 34.56 5.96 39.31
N THR A 48 33.80 7.04 39.12
CA THR A 48 32.38 7.07 39.38
C THR A 48 31.65 7.31 38.06
N ALA A 49 30.82 6.37 37.64
CA ALA A 49 29.97 6.52 36.46
C ALA A 49 28.65 7.17 36.86
N VAL A 50 28.25 8.20 36.13
CA VAL A 50 27.02 8.93 36.43
C VAL A 50 26.03 8.74 35.28
N VAL A 51 24.81 8.32 35.64
CA VAL A 51 23.73 8.10 34.68
C VAL A 51 22.62 9.08 34.99
N ALA A 52 22.25 9.87 33.98
CA ALA A 52 21.22 10.91 34.11
C ALA A 52 19.82 10.37 33.90
N ASN A 53 18.92 10.74 34.80
CA ASN A 53 17.50 10.44 34.73
C ASN A 53 16.71 11.74 34.61
N SER A 54 15.74 11.78 33.70
CA SER A 54 14.99 13.02 33.48
C SER A 54 13.65 12.72 32.86
N GLU A 55 12.82 13.76 32.80
CA GLU A 55 11.54 13.70 32.11
C GLU A 55 11.71 13.67 30.59
N LEU A 56 12.89 14.04 30.08
CA LEU A 56 13.07 14.13 28.65
C LEU A 56 13.62 12.85 28.04
N PHE A 57 13.77 11.79 28.82
CA PHE A 57 14.19 10.50 28.28
C PHE A 57 13.35 9.41 28.94
N THR A 58 13.31 8.24 28.31
CA THR A 58 12.45 7.18 28.78
C THR A 58 13.06 6.52 29.99
N ASP A 59 12.21 6.03 30.89
CA ASP A 59 12.67 5.27 32.04
C ASP A 59 13.47 4.05 31.60
N GLU A 60 13.08 3.46 30.47
CA GLU A 60 13.78 2.28 29.96
C GLU A 60 15.22 2.61 29.58
N GLU A 61 15.45 3.76 28.91
CA GLU A 61 16.82 4.14 28.58
C GLU A 61 17.65 4.35 29.84
N PHE A 62 17.04 4.91 30.89
CA PHE A 62 17.75 5.12 32.15
C PHE A 62 18.15 3.79 32.78
N ASP A 63 17.19 2.87 32.90
CA ASP A 63 17.47 1.58 33.51
C ASP A 63 18.46 0.76 32.68
N LYS A 64 18.43 0.89 31.34
CA LYS A 64 19.41 0.14 30.56
C LYS A 64 20.79 0.76 30.70
N ALA A 65 20.88 2.07 30.89
CA ALA A 65 22.19 2.67 31.03
C ALA A 65 22.81 2.30 32.38
N MET A 66 21.99 2.29 33.42
CA MET A 66 22.46 1.84 34.74
C MET A 66 23.05 0.44 34.69
N SER A 67 22.37 -0.49 33.99
CA SER A 67 22.81 -1.88 34.00
C SER A 67 24.07 -2.09 33.17
N LEU A 68 24.29 -1.26 32.16
CA LEU A 68 25.52 -1.39 31.38
C LEU A 68 26.71 -0.84 32.16
N ALA A 69 26.46 0.17 33.00
CA ALA A 69 27.51 0.70 33.85
C ALA A 69 27.79 -0.26 35.00
N GLU A 70 26.75 -0.92 35.51
CA GLU A 70 26.95 -1.94 36.52
C GLU A 70 27.62 -3.17 35.90
N GLU A 71 27.24 -3.50 34.66
CA GLU A 71 27.82 -4.69 34.03
C GLU A 71 29.28 -4.47 33.66
N LEU A 72 29.70 -3.23 33.44
CA LEU A 72 31.12 -2.98 33.20
C LEU A 72 31.94 -2.94 34.48
N GLY A 73 31.33 -2.97 35.65
CA GLY A 73 32.09 -3.01 36.87
C GLY A 73 32.38 -1.68 37.50
N ALA A 74 31.62 -0.64 37.19
CA ALA A 74 31.85 0.68 37.73
C ALA A 74 30.95 0.95 38.92
N ASN A 75 31.41 1.84 39.80
CA ASN A 75 30.55 2.42 40.81
C ASN A 75 29.66 3.44 40.11
N VAL A 76 28.36 3.18 40.12
CA VAL A 76 27.36 3.95 39.33
C VAL A 76 26.44 4.76 40.24
N GLN A 77 26.23 6.01 39.90
CA GLN A 77 25.32 6.87 40.70
C GLN A 77 24.22 7.38 39.77
N GLY A 78 22.98 7.26 40.19
CA GLY A 78 21.89 7.82 39.39
C GLY A 78 21.52 9.17 39.97
N THR A 79 21.48 10.20 39.15
CA THR A 79 21.07 11.52 39.59
C THR A 79 19.98 11.96 38.63
N THR A 80 18.89 12.49 39.16
CA THR A 80 17.75 12.82 38.33
C THR A 80 17.68 14.33 38.20
N LEU A 81 17.49 14.80 36.97
CA LEU A 81 17.46 16.22 36.67
C LEU A 81 16.04 16.66 36.37
N ASP A 82 15.71 17.87 36.81
CA ASP A 82 14.43 18.50 36.51
C ASP A 82 14.72 19.54 35.43
N TYR A 83 14.78 19.06 34.19
CA TYR A 83 15.05 19.92 33.05
C TYR A 83 13.97 20.98 32.88
N LEU A 84 12.72 20.63 33.21
CA LEU A 84 11.62 21.57 33.03
C LEU A 84 11.69 22.76 33.97
N SER A 85 12.66 22.80 34.89
CA SER A 85 12.80 23.94 35.79
C SER A 85 13.57 25.09 35.17
N ASP A 86 14.23 24.87 34.03
CA ASP A 86 14.78 25.95 33.22
C ASP A 86 13.72 26.39 32.20
N ASP A 87 13.47 27.70 32.14
CA ASP A 87 12.38 28.18 31.28
C ASP A 87 12.72 28.06 29.80
N HIS A 88 14.01 28.09 29.44
CA HIS A 88 14.38 27.85 28.05
C HIS A 88 13.94 26.47 27.61
N ILE A 89 14.10 25.49 28.50
CA ILE A 89 13.69 24.12 28.22
C ILE A 89 12.19 23.97 28.30
N LYS A 90 11.58 24.52 29.36
CA LYS A 90 10.15 24.31 29.58
C LYS A 90 9.32 24.84 28.43
N ASN A 91 9.72 25.97 27.86
CA ASN A 91 9.00 26.57 26.74
C ASN A 91 9.71 26.35 25.41
N ASN A 92 10.69 25.48 25.37
CA ASN A 92 11.24 24.94 24.12
C ASN A 92 11.67 26.03 23.15
N THR A 93 12.62 26.84 23.57
CA THR A 93 13.25 27.79 22.67
C THR A 93 14.33 27.07 21.88
N PRO A 94 14.78 27.64 20.75
CA PRO A 94 15.74 26.91 19.92
C PRO A 94 17.08 26.65 20.58
N ASP A 95 17.49 27.43 21.58
CA ASP A 95 18.74 27.12 22.26
C ASP A 95 18.53 26.17 23.46
N SER A 96 17.36 25.54 23.57
CA SER A 96 17.04 24.78 24.78
C SER A 96 17.99 23.61 24.99
N TRP A 97 18.58 23.10 23.91
CA TRP A 97 19.64 22.09 24.04
C TRP A 97 20.78 22.59 24.90
N TYR A 98 21.08 23.89 24.80
CA TYR A 98 22.23 24.44 25.50
C TYR A 98 22.02 24.43 27.01
N TYR A 99 20.86 24.94 27.45
CA TYR A 99 20.56 25.01 28.87
C TYR A 99 20.36 23.62 29.45
N ALA A 100 19.92 22.67 28.61
CA ALA A 100 19.84 21.30 29.07
C ALA A 100 21.21 20.72 29.32
N LYS A 101 22.17 21.01 28.44
CA LYS A 101 23.50 20.47 28.65
C LYS A 101 24.20 21.16 29.81
N LYS A 102 23.89 22.43 30.03
CA LYS A 102 24.51 23.17 31.13
C LYS A 102 24.03 22.66 32.49
N MET A 103 22.72 22.42 32.62
CA MET A 103 22.20 21.86 33.85
C MET A 103 22.77 20.47 34.08
N PHE A 104 22.94 19.69 33.01
CA PHE A 104 23.49 18.35 33.11
C PHE A 104 24.94 18.40 33.59
N TYR A 105 25.76 19.23 32.95
CA TYR A 105 27.16 19.35 33.34
C TYR A 105 27.33 20.03 34.68
N SER A 106 26.33 20.79 35.12
CA SER A 106 26.45 21.43 36.43
C SER A 106 26.21 20.44 37.56
N ARG A 107 25.28 19.50 37.37
CA ARG A 107 25.09 18.44 38.36
C ARG A 107 26.28 17.50 38.37
N LEU A 108 26.84 17.21 37.20
CA LEU A 108 27.97 16.28 37.15
C LEU A 108 29.19 16.89 37.83
N ASN A 109 29.39 18.19 37.66
CA ASN A 109 30.49 18.85 38.34
C ASN A 109 30.29 18.86 39.84
N ASP A 110 29.04 19.05 40.29
CA ASP A 110 28.74 18.98 41.71
C ASP A 110 28.96 17.58 42.26
N ILE A 111 28.65 16.54 41.47
CA ILE A 111 28.91 15.18 41.93
C ILE A 111 30.41 14.92 42.01
N ALA A 112 31.15 15.39 40.99
CA ALA A 112 32.59 15.14 40.95
C ALA A 112 33.31 15.94 42.03
N ALA A 113 32.83 17.15 42.30
CA ALA A 113 33.39 17.95 43.38
C ALA A 113 33.25 17.24 44.73
N ASN A 114 32.11 16.60 44.99
CA ASN A 114 31.81 16.00 46.28
C ASN A 114 32.36 14.57 46.44
N ASN A 115 32.88 13.94 45.39
CA ASN A 115 33.53 12.64 45.52
C ASN A 115 35.05 12.72 45.25
N GLY A 116 35.59 13.93 45.12
CA GLY A 116 37.02 14.11 44.96
C GLY A 116 37.57 13.75 43.59
N SER A 117 36.76 13.81 42.54
CA SER A 117 37.33 13.55 41.23
C SER A 117 37.99 14.81 40.68
N ALA A 118 38.96 14.60 39.79
CA ALA A 118 39.69 15.72 39.21
C ALA A 118 38.97 16.30 38.00
N ALA A 119 38.10 15.52 37.37
CA ALA A 119 37.44 16.00 36.17
C ALA A 119 36.19 15.20 35.92
N VAL A 120 35.29 15.78 35.15
CA VAL A 120 34.18 15.07 34.54
C VAL A 120 34.62 14.70 33.13
N LEU A 121 34.38 13.45 32.75
CA LEU A 121 34.69 12.91 31.43
C LEU A 121 33.40 12.54 30.73
N ASP A 122 33.29 12.87 29.47
CA ASP A 122 32.17 12.43 28.64
C ASP A 122 32.73 11.71 27.43
N GLY A 123 31.82 11.24 26.57
CA GLY A 123 32.24 10.45 25.42
C GLY A 123 32.23 11.17 24.09
N MET A 124 32.55 12.46 24.08
CA MET A 124 32.53 13.22 22.84
C MET A 124 33.77 12.89 22.01
N ILE A 125 33.61 12.89 20.69
CA ILE A 125 34.65 12.39 19.77
C ILE A 125 35.49 13.47 19.08
N ALA A 138 29.42 23.86 25.89
CA ALA A 138 28.94 23.92 27.27
C ALA A 138 29.89 23.19 28.24
N ARG A 139 30.51 22.12 27.74
CA ARG A 139 31.45 21.35 28.55
C ARG A 139 32.61 22.22 29.03
N SER A 140 33.19 23.01 28.11
CA SER A 140 34.35 23.84 28.45
C SER A 140 34.01 24.98 29.41
N GLU A 141 32.74 25.41 29.48
CA GLU A 141 32.34 26.25 30.60
C GLU A 141 32.35 25.45 31.90
N ALA A 142 31.91 24.19 31.84
CA ALA A 142 31.92 23.30 33.00
C ALA A 142 33.30 22.70 33.28
N GLY A 143 34.23 22.80 32.34
CA GLY A 143 35.54 22.19 32.48
C GLY A 143 35.61 20.72 32.10
N ALA A 144 34.53 20.18 31.52
CA ALA A 144 34.44 18.77 31.19
C ALA A 144 35.43 18.41 30.10
N ARG A 145 36.15 17.31 30.32
CA ARG A 145 37.17 16.85 29.39
C ARG A 145 36.65 15.65 28.61
N SER A 146 36.71 15.73 27.28
CA SER A 146 36.30 14.66 26.38
C SER A 146 37.57 14.03 25.85
N LEU A 147 38.14 13.09 26.63
CA LEU A 147 39.48 12.60 26.35
C LEU A 147 39.58 11.88 25.01
N LEU A 148 38.50 11.22 24.56
CA LEU A 148 38.54 10.57 23.26
C LEU A 148 38.75 11.60 22.16
N GLN A 149 38.14 12.77 22.33
CA GLN A 149 38.29 13.86 21.37
C GLN A 149 39.68 14.49 21.44
N GLU A 150 40.26 14.60 22.64
CA GLU A 150 41.63 15.10 22.77
C GLU A 150 42.64 14.14 22.14
N ALA A 151 42.36 12.84 22.15
CA ALA A 151 43.21 11.83 21.50
C ALA A 151 42.89 11.63 20.03
N ASP A 152 41.97 12.43 19.46
CA ASP A 152 41.61 12.39 18.04
C ASP A 152 40.99 11.06 17.63
N PHE A 153 40.18 10.48 18.51
CA PHE A 153 39.47 9.25 18.16
C PHE A 153 38.35 9.54 17.17
N PHE A 154 38.29 8.74 16.11
CA PHE A 154 37.15 8.73 15.20
C PHE A 154 36.24 7.56 15.52
N LYS A 155 35.08 7.51 14.85
CA LYS A 155 34.12 6.44 15.10
C LYS A 155 34.72 5.05 14.87
N THR A 156 35.66 4.93 13.91
CA THR A 156 36.33 3.65 13.66
C THR A 156 37.32 3.29 14.78
N ASP A 157 38.04 4.29 15.29
CA ASP A 157 38.99 4.05 16.38
C ASP A 157 38.27 3.61 17.66
N VAL A 158 37.12 4.21 17.94
CA VAL A 158 36.33 3.79 19.10
C VAL A 158 35.86 2.35 18.92
N ARG A 159 35.44 2.00 17.70
CA ARG A 159 34.97 0.64 17.45
C ARG A 159 36.13 -0.35 17.38
N ALA A 160 37.28 0.06 16.85
CA ALA A 160 38.45 -0.82 16.85
C ALA A 160 38.89 -1.12 18.28
N LEU A 161 38.97 -0.09 19.11
CA LEU A 161 39.41 -0.29 20.48
C LEU A 161 38.34 -0.97 21.32
N ALA A 162 37.06 -0.75 21.03
CA ALA A 162 36.02 -1.45 21.82
C ALA A 162 36.10 -2.95 21.61
N GLN A 163 36.43 -3.40 20.40
CA GLN A 163 36.63 -4.83 20.15
C GLN A 163 37.93 -5.32 20.80
N GLU A 164 39.00 -4.53 20.70
CA GLU A 164 40.28 -4.94 21.31
C GLU A 164 40.15 -5.16 22.81
N LEU A 165 39.27 -4.42 23.49
CA LEU A 165 39.01 -4.64 24.91
C LEU A 165 37.77 -5.49 25.18
N GLY A 166 37.22 -6.16 24.18
CA GLY A 166 36.12 -7.08 24.42
C GLY A 166 34.77 -6.47 24.76
N LEU A 167 34.54 -5.21 24.39
CA LEU A 167 33.25 -4.58 24.63
C LEU A 167 32.28 -4.98 23.53
N THR A 168 31.16 -5.58 23.91
CA THR A 168 30.16 -6.02 22.95
C THR A 168 28.76 -5.47 23.22
N ASN A 169 28.45 -5.02 24.43
CA ASN A 169 27.09 -4.66 24.82
C ASN A 169 27.03 -3.14 25.06
N TRP A 170 26.48 -2.40 24.10
CA TRP A 170 26.13 -1.00 24.29
C TRP A 170 24.75 -0.70 23.69
N ASN A 171 24.19 0.44 24.09
CA ASN A 171 22.92 0.94 23.52
C ASN A 171 23.14 1.61 22.16
N SER A 175 19.11 7.60 20.93
CA SER A 175 18.09 8.28 21.74
C SER A 175 18.20 9.79 21.55
N CYS A 176 17.07 10.45 21.38
CA CYS A 176 17.01 11.91 21.29
C CYS A 176 16.06 12.47 22.33
N SER A 177 16.27 13.73 22.70
CA SER A 177 15.43 14.34 23.72
C SER A 177 13.99 14.47 23.21
N VAL A 178 13.04 14.22 24.09
CA VAL A 178 11.63 14.34 23.73
C VAL A 178 11.28 15.76 23.30
N SER A 179 12.15 16.73 23.62
CA SER A 179 11.95 18.11 23.18
C SER A 179 11.71 18.20 21.70
N SER A 180 12.34 17.32 20.91
CA SER A 180 12.24 17.38 19.45
C SER A 180 10.85 17.03 18.93
N ARG A 181 9.98 16.49 19.77
CA ARG A 181 8.62 16.20 19.34
C ARG A 181 7.72 17.43 19.45
N PHE A 182 8.23 18.52 20.00
CA PHE A 182 7.39 19.69 20.24
C PHE A 182 7.88 20.86 19.39
N PRO A 183 6.96 21.63 18.84
CA PRO A 183 7.36 22.85 18.12
C PRO A 183 8.04 23.83 19.09
N TYR A 184 8.98 24.59 18.54
CA TYR A 184 9.57 25.70 19.28
C TYR A 184 8.47 26.62 19.81
N GLY A 185 8.61 27.02 21.07
CA GLY A 185 7.64 27.88 21.71
C GLY A 185 6.57 27.11 22.47
N THR A 186 6.27 25.89 22.06
CA THR A 186 5.33 25.05 22.79
C THR A 186 5.88 24.72 24.18
N THR A 187 5.01 24.86 25.19
CA THR A 187 5.40 24.60 26.55
C THR A 187 5.28 23.10 26.82
N LEU A 188 6.39 22.51 27.28
CA LEU A 188 6.39 21.11 27.68
C LEU A 188 5.81 21.02 29.08
N THR A 189 4.96 20.01 29.30
CA THR A 189 4.39 19.72 30.61
C THR A 189 4.64 18.25 30.92
N HIS A 190 4.46 17.87 32.19
CA HIS A 190 4.57 16.45 32.54
C HIS A 190 3.57 15.63 31.76
N ASP A 191 2.39 16.18 31.51
CA ASP A 191 1.34 15.39 30.88
C ASP A 191 1.56 15.25 29.37
N ASN A 192 1.94 16.34 28.67
CA ASN A 192 2.12 16.20 27.23
C ASN A 192 3.41 15.45 26.90
N ILE A 193 4.42 15.51 27.77
CA ILE A 193 5.61 14.67 27.57
C ILE A 193 5.23 13.20 27.70
N ALA A 194 4.46 12.86 28.74
CA ALA A 194 3.99 11.49 28.91
C ALA A 194 3.13 11.04 27.73
N GLN A 195 2.32 11.95 27.20
CA GLN A 195 1.44 11.62 26.07
C GLN A 195 2.27 11.25 24.83
N VAL A 196 3.27 12.07 24.52
CA VAL A 196 4.15 11.75 23.39
C VAL A 196 4.88 10.44 23.62
N MET A 197 5.36 10.20 24.86
CA MET A 197 6.18 9.01 25.13
C MET A 197 5.37 7.74 25.02
N ALA A 198 4.15 7.74 25.56
CA ALA A 198 3.26 6.59 25.47
C ALA A 198 2.82 6.32 24.03
N ALA A 199 2.62 7.39 23.24
CA ALA A 199 2.24 7.20 21.84
C ALA A 199 3.38 6.56 21.06
N GLU A 200 4.61 7.04 21.24
CA GLU A 200 5.73 6.43 20.54
C GLU A 200 5.95 4.98 20.98
N LYS A 201 5.77 4.71 22.29
CA LYS A 201 5.91 3.35 22.79
C LYS A 201 4.88 2.42 22.16
N TYR A 202 3.62 2.86 22.10
CA TYR A 202 2.59 2.04 21.49
C TYR A 202 2.91 1.71 20.03
N LEU A 203 3.37 2.72 19.26
CA LEU A 203 3.72 2.50 17.85
C LEU A 203 4.91 1.55 17.71
N ARG A 204 5.94 1.71 18.56
CA ARG A 204 7.10 0.81 18.51
C ARG A 204 6.68 -0.63 18.76
N SER A 205 5.68 -0.85 19.60
CA SER A 205 5.21 -2.19 19.89
C SER A 205 4.40 -2.80 18.77
N LEU A 206 3.98 -2.02 17.78
CA LEU A 206 3.31 -2.59 16.63
C LEU A 206 4.28 -3.04 15.58
N GLY A 207 5.58 -2.81 15.80
CA GLY A 207 6.62 -3.21 14.88
C GLY A 207 7.34 -2.07 14.17
N PHE A 208 7.28 -0.84 14.70
CA PHE A 208 7.84 0.33 14.03
C PHE A 208 8.85 0.94 14.99
N PRO A 209 10.10 0.42 14.97
CA PRO A 209 11.11 0.89 15.93
C PRO A 209 11.53 2.33 15.72
N THR A 210 11.57 2.80 14.48
CA THR A 210 11.92 4.19 14.17
C THR A 210 10.61 4.93 13.95
N VAL A 211 10.27 5.85 14.86
CA VAL A 211 9.00 6.56 14.80
C VAL A 211 9.12 7.84 15.58
N ARG A 212 8.32 8.84 15.19
CA ARG A 212 8.16 10.08 15.95
C ARG A 212 6.69 10.43 16.00
N VAL A 213 6.20 10.76 17.20
CA VAL A 213 4.87 11.29 17.36
C VAL A 213 5.06 12.77 17.66
N ARG A 214 4.94 13.59 16.63
CA ARG A 214 5.12 15.03 16.79
C ARG A 214 3.88 15.64 17.38
N PHE A 215 4.08 16.53 18.35
CA PHE A 215 3.01 17.15 19.12
C PHE A 215 2.65 18.50 18.50
N HIS A 216 1.37 18.68 18.15
CA HIS A 216 0.85 19.95 17.66
C HIS A 216 -0.47 20.21 18.40
N ASN A 217 -0.36 20.29 19.72
CA ASN A 217 -1.48 20.43 20.65
C ASN A 217 -2.56 19.36 20.46
N ASP A 218 -3.65 19.70 19.77
CA ASP A 218 -4.69 18.69 19.65
C ASP A 218 -4.46 17.75 18.47
N ILE A 219 -3.42 17.98 17.67
CA ILE A 219 -3.09 17.11 16.54
C ILE A 219 -1.81 16.34 16.86
N ALA A 220 -1.82 15.03 16.59
CA ALA A 220 -0.60 14.23 16.58
C ALA A 220 -0.19 13.97 15.13
N ARG A 221 1.07 14.25 14.81
CA ARG A 221 1.61 14.08 13.47
C ARG A 221 2.67 12.97 13.56
N ILE A 222 2.33 11.80 13.05
CA ILE A 222 3.20 10.63 13.14
C ILE A 222 4.19 10.62 11.97
N GLU A 223 5.48 10.54 12.28
CA GLU A 223 6.52 10.37 11.28
C GLU A 223 6.98 8.91 11.27
N LEU A 224 6.97 8.31 10.10
CA LEU A 224 7.37 6.94 9.88
C LEU A 224 8.31 6.87 8.69
N PRO A 225 9.26 5.95 8.69
CA PRO A 225 9.99 5.70 7.45
C PRO A 225 9.00 5.33 6.35
N GLU A 226 9.12 6.01 5.21
CA GLU A 226 8.17 5.88 4.11
C GLU A 226 8.06 4.44 3.66
N ALA A 227 9.16 3.68 3.75
CA ALA A 227 9.10 2.29 3.33
C ALA A 227 8.18 1.46 4.19
N ARG A 228 7.77 1.97 5.35
CA ARG A 228 6.87 1.22 6.23
C ARG A 228 5.42 1.66 6.10
N ILE A 229 5.13 2.76 5.39
CA ILE A 229 3.77 3.32 5.46
C ILE A 229 2.76 2.36 4.86
N GLY A 230 3.14 1.62 3.81
CA GLY A 230 2.25 0.58 3.31
C GLY A 230 1.91 -0.46 4.37
N ASP A 231 2.94 -0.94 5.10
CA ASP A 231 2.71 -1.92 6.15
C ASP A 231 1.81 -1.37 7.25
N PHE A 232 1.84 -0.06 7.46
CA PHE A 232 1.14 0.59 8.58
C PHE A 232 -0.39 0.60 8.42
N LEU A 233 -0.91 0.51 7.19
CA LEU A 233 -2.34 0.75 6.94
C LEU A 233 -3.22 -0.16 7.78
N VAL A 234 -2.80 -1.40 7.98
CA VAL A 234 -3.61 -2.32 8.76
C VAL A 234 -3.76 -1.87 10.19
N PHE A 235 -3.00 -0.85 10.61
CA PHE A 235 -3.05 -0.36 11.97
C PHE A 235 -3.71 1.00 12.10
N ASN A 236 -4.08 1.65 10.98
CA ASN A 236 -4.67 2.98 10.97
C ASN A 236 -5.71 3.20 12.06
N ASP A 237 -6.74 2.36 12.10
CA ASP A 237 -7.84 2.59 13.05
C ASP A 237 -7.41 2.39 14.49
N ARG A 238 -6.59 1.36 14.77
CA ARG A 238 -6.12 1.13 16.13
C ARG A 238 -5.22 2.27 16.60
N VAL A 239 -4.34 2.77 15.73
CA VAL A 239 -3.47 3.88 16.11
C VAL A 239 -4.29 5.13 16.36
N ASN A 240 -5.29 5.37 15.51
CA ASN A 240 -6.17 6.51 15.71
C ASN A 240 -6.85 6.44 17.06
N ARG A 241 -7.46 5.29 17.39
CA ARG A 241 -8.18 5.21 18.66
C ARG A 241 -7.23 5.19 19.85
N GLN A 242 -6.07 4.54 19.70
CA GLN A 242 -5.15 4.50 20.82
C GLN A 242 -4.60 5.90 21.13
N LEU A 243 -4.17 6.62 20.09
CA LEU A 243 -3.64 7.97 20.34
C LEU A 243 -4.72 8.97 20.75
N GLN A 244 -5.99 8.74 20.37
CA GLN A 244 -7.04 9.60 20.86
C GLN A 244 -7.29 9.39 22.35
N SER A 245 -7.32 8.13 22.79
CA SER A 245 -7.45 7.86 24.23
C SER A 245 -6.26 8.37 25.03
N LEU A 246 -5.11 8.59 24.39
CA LEU A 246 -3.97 9.24 25.03
C LEU A 246 -4.08 10.76 25.09
N GLY A 247 -5.12 11.39 24.52
CA GLY A 247 -5.31 12.83 24.65
C GLY A 247 -5.33 13.65 23.37
N PHE A 248 -4.93 13.10 22.21
CA PHE A 248 -5.03 13.84 20.96
C PHE A 248 -6.45 13.80 20.43
N ARG A 249 -6.86 14.88 19.76
CA ARG A 249 -8.17 14.89 19.12
C ARG A 249 -8.07 14.38 17.68
N TYR A 250 -6.98 14.73 17.00
CA TYR A 250 -6.72 14.27 15.65
C TYR A 250 -5.41 13.50 15.63
N VAL A 251 -5.42 12.34 14.99
CA VAL A 251 -4.25 11.49 14.83
C VAL A 251 -3.95 11.39 13.35
N THR A 252 -2.78 11.89 12.94
CA THR A 252 -2.45 12.03 11.53
C THR A 252 -1.06 11.49 11.24
N LEU A 253 -0.83 11.24 9.95
CA LEU A 253 0.40 10.64 9.43
C LEU A 253 1.07 11.58 8.42
N ASP A 254 2.31 11.97 8.69
CA ASP A 254 3.02 12.89 7.81
C ASP A 254 3.36 12.22 6.49
N LEU A 255 2.90 12.82 5.38
CA LEU A 255 3.16 12.25 4.06
C LEU A 255 4.63 12.38 3.64
N GLY A 256 5.39 13.28 4.26
CA GLY A 256 6.82 13.32 4.03
C GLY A 256 7.57 12.19 4.73
N GLY A 257 6.97 11.62 5.76
CA GLY A 257 7.60 10.54 6.47
C GLY A 257 8.59 11.05 7.52
N PHE A 258 9.33 10.09 8.06
CA PHE A 258 10.38 10.35 9.04
C PHE A 258 11.55 11.03 8.35
N ARG A 259 11.97 12.19 8.84
CA ARG A 259 13.07 12.94 8.23
C ARG A 259 12.70 13.34 6.79
N SER A 260 11.83 14.35 6.73
CA SER A 260 11.23 14.77 5.47
C SER A 260 12.28 15.37 4.54
N GLY A 261 12.59 14.64 3.46
CA GLY A 261 13.40 15.18 2.38
C GLY A 261 14.56 14.32 1.92
N ARG A 262 14.96 13.32 2.72
CA ARG A 262 16.21 12.60 2.50
C ARG A 262 16.12 11.49 1.46
N MET A 263 14.91 11.05 1.06
CA MET A 263 14.78 9.97 0.09
C MET A 263 14.33 10.44 -1.29
N ASN A 264 14.26 11.75 -1.51
CA ASN A 264 13.76 12.25 -2.78
C ASN A 264 14.90 12.40 -3.79
N ASP A 265 14.51 12.65 -5.04
CA ASP A 265 15.47 12.92 -6.10
C ASP A 265 16.07 14.31 -5.92
N THR A 266 17.19 14.55 -6.63
CA THR A 266 17.91 15.81 -6.50
C THR A 266 17.00 17.02 -6.74
N LEU A 267 15.95 16.86 -7.55
CA LEU A 267 15.06 17.98 -7.85
C LEU A 267 14.06 18.23 -6.73
N THR A 268 13.40 17.18 -6.23
CA THR A 268 12.45 17.33 -5.14
C THR A 268 13.08 17.23 -3.75
N LYS A 269 14.38 16.91 -3.66
CA LYS A 269 15.11 17.12 -2.40
C LYS A 269 15.50 18.57 -2.22
N ALA A 270 15.81 19.27 -3.32
CA ALA A 270 16.00 20.72 -3.34
C ALA A 270 14.69 21.51 -3.49
N GLN A 271 13.54 20.83 -3.59
CA GLN A 271 12.25 21.50 -3.45
C GLN A 271 11.76 21.46 -2.01
N LEU A 272 11.92 20.31 -1.34
CA LEU A 272 11.53 20.17 0.07
C LEU A 272 12.51 20.86 1.02
N ALA A 273 13.77 21.06 0.59
CA ALA A 273 14.75 21.79 1.38
C ALA A 273 14.51 23.30 1.36
N THR A 274 14.11 23.84 0.20
CA THR A 274 13.74 25.25 0.09
C THR A 274 12.49 25.56 0.93
N PHE A 275 11.54 24.62 0.97
CA PHE A 275 10.27 24.81 1.67
C PHE A 275 10.43 24.91 3.20
N ALA A 276 11.57 24.51 3.75
CA ALA A 276 11.79 24.60 5.20
C ALA A 276 12.40 25.94 5.64
N ALA B 2 22.22 -10.27 40.02
CA ALA B 2 22.29 -8.82 39.92
C ALA B 2 22.81 -8.45 38.54
N THR B 3 24.12 -8.57 38.34
CA THR B 3 24.74 -8.23 37.05
C THR B 3 24.94 -9.48 36.21
N LEU B 4 25.13 -9.25 34.89
CA LEU B 4 25.34 -10.37 34.00
C LEU B 4 26.60 -11.13 34.40
N ALA B 5 27.58 -10.43 34.96
CA ALA B 5 28.79 -11.12 35.39
C ALA B 5 28.50 -12.11 36.51
N THR B 6 27.72 -11.70 37.52
CA THR B 6 27.39 -12.65 38.59
C THR B 6 26.48 -13.76 38.09
N LYS B 7 25.52 -13.43 37.22
CA LYS B 7 24.63 -14.48 36.71
C LYS B 7 25.44 -15.51 35.94
N LYS B 8 26.49 -15.07 35.23
CA LYS B 8 27.31 -16.02 34.50
C LYS B 8 28.17 -16.85 35.45
N ALA B 9 28.68 -16.24 36.53
CA ALA B 9 29.46 -16.99 37.51
C ALA B 9 28.60 -18.06 38.17
N THR B 10 27.36 -17.74 38.49
CA THR B 10 26.44 -18.72 39.04
C THR B 10 26.32 -19.92 38.12
N LEU B 11 26.23 -19.66 36.82
CA LEU B 11 26.05 -20.71 35.86
C LEU B 11 27.33 -21.54 35.72
N VAL B 12 28.49 -20.87 35.75
CA VAL B 12 29.78 -21.56 35.68
C VAL B 12 29.96 -22.51 36.85
N ALA B 13 29.66 -22.04 38.07
CA ALA B 13 29.76 -22.90 39.24
C ALA B 13 28.81 -24.09 39.16
N ALA B 14 27.54 -23.83 38.81
CA ALA B 14 26.58 -24.93 38.74
C ALA B 14 27.04 -25.99 37.76
N LEU B 15 27.66 -25.57 36.66
CA LEU B 15 28.15 -26.54 35.69
C LEU B 15 29.34 -27.30 36.23
N LYS B 16 30.23 -26.61 36.95
CA LYS B 16 31.38 -27.31 37.53
C LYS B 16 30.93 -28.30 38.61
N ASP B 17 29.84 -28.01 39.32
CA ASP B 17 29.31 -28.96 40.28
C ASP B 17 28.73 -30.20 39.61
N LEU B 18 28.14 -30.05 38.42
CA LEU B 18 27.51 -31.18 37.77
C LEU B 18 28.52 -32.06 37.03
N GLN B 19 29.62 -31.46 36.56
CA GLN B 19 30.79 -32.17 36.02
C GLN B 19 30.52 -32.88 34.69
N ARG B 20 29.36 -33.49 34.54
CA ARG B 20 29.02 -34.13 33.27
C ARG B 20 27.53 -33.95 33.03
N VAL B 21 27.16 -33.46 31.84
CA VAL B 21 25.78 -33.08 31.56
C VAL B 21 25.30 -33.58 30.20
N THR B 22 23.98 -33.79 30.11
CA THR B 22 23.27 -34.01 28.87
C THR B 22 22.35 -32.81 28.62
N VAL B 23 22.48 -32.21 27.45
CA VAL B 23 21.81 -30.94 27.11
C VAL B 23 20.74 -31.21 26.06
N ALA B 24 19.48 -30.90 26.40
CA ALA B 24 18.38 -30.92 25.43
C ALA B 24 18.56 -29.75 24.48
N PHE B 25 18.90 -30.00 23.22
CA PHE B 25 19.28 -28.91 22.32
C PHE B 25 18.23 -28.69 21.24
N SER B 26 17.48 -27.58 21.34
CA SER B 26 16.50 -27.16 20.33
C SER B 26 17.12 -26.45 19.14
N GLY B 27 18.21 -25.73 19.34
CA GLY B 27 18.77 -24.87 18.32
C GLY B 27 18.44 -23.40 18.45
N GLY B 28 17.51 -23.05 19.35
CA GLY B 28 17.19 -21.66 19.62
C GLY B 28 18.28 -21.01 20.44
N ILE B 29 18.07 -19.73 20.77
CA ILE B 29 19.16 -19.00 21.42
C ILE B 29 19.39 -19.49 22.84
N ASP B 30 18.33 -19.89 23.56
CA ASP B 30 18.51 -20.26 24.96
C ASP B 30 19.31 -21.55 25.07
N SER B 31 18.90 -22.57 24.33
CA SER B 31 19.62 -23.83 24.35
C SER B 31 20.97 -23.73 23.64
N THR B 32 21.17 -22.73 22.78
CA THR B 32 22.51 -22.48 22.24
C THR B 32 23.42 -21.90 23.31
N LEU B 33 22.89 -21.05 24.19
CA LEU B 33 23.69 -20.50 25.27
C LEU B 33 24.08 -21.59 26.27
N VAL B 34 23.13 -22.43 26.67
CA VAL B 34 23.46 -23.49 27.60
C VAL B 34 24.46 -24.44 26.97
N LEU B 35 24.30 -24.74 25.68
CA LEU B 35 25.21 -25.69 25.06
C LEU B 35 26.63 -25.13 24.99
N LYS B 36 26.82 -23.85 24.68
CA LYS B 36 28.23 -23.38 24.59
C LYS B 36 28.79 -23.27 26.00
N MET B 37 27.99 -22.78 26.93
CA MET B 37 28.51 -22.66 28.29
C MET B 37 28.82 -24.03 28.88
N ALA B 38 28.04 -25.06 28.55
CA ALA B 38 28.40 -26.40 28.99
C ALA B 38 29.74 -26.82 28.40
N LEU B 39 29.92 -26.60 27.08
CA LEU B 39 31.17 -26.96 26.42
C LEU B 39 32.33 -26.14 26.95
N ASP B 40 32.07 -24.85 27.20
CA ASP B 40 33.12 -23.95 27.67
C ASP B 40 33.63 -24.30 29.04
N VAL B 41 32.81 -24.91 29.90
CA VAL B 41 33.25 -25.16 31.26
C VAL B 41 33.69 -26.60 31.42
N LEU B 42 33.07 -27.51 30.68
CA LEU B 42 33.33 -28.93 30.90
C LEU B 42 34.02 -29.61 29.74
N GLY B 43 34.09 -28.96 28.58
CA GLY B 43 34.78 -29.56 27.46
C GLY B 43 33.91 -30.57 26.72
N ARG B 44 34.27 -30.77 25.46
CA ARG B 44 33.49 -31.63 24.58
C ARG B 44 33.21 -33.00 25.19
N ASP B 45 34.14 -33.56 25.96
CA ASP B 45 33.96 -34.93 26.40
C ASP B 45 32.99 -35.10 27.56
N ASN B 46 32.63 -34.04 28.28
CA ASN B 46 31.69 -34.18 29.38
C ASN B 46 30.31 -33.62 29.03
N VAL B 47 30.08 -33.31 27.76
CA VAL B 47 28.85 -32.69 27.31
C VAL B 47 28.29 -33.52 26.17
N THR B 48 27.03 -33.95 26.31
CA THR B 48 26.31 -34.62 25.23
C THR B 48 25.13 -33.74 24.81
N ALA B 49 25.14 -33.31 23.55
CA ALA B 49 24.03 -32.57 22.98
C ALA B 49 23.01 -33.55 22.40
N VAL B 50 21.74 -33.39 22.74
CA VAL B 50 20.66 -34.24 22.25
C VAL B 50 19.67 -33.37 21.47
N VAL B 51 19.36 -33.77 20.24
CA VAL B 51 18.36 -33.10 19.41
C VAL B 51 17.22 -34.10 19.17
N ALA B 52 16.01 -33.71 19.57
CA ALA B 52 14.85 -34.59 19.43
C ALA B 52 14.31 -34.47 18.00
N ASN B 53 14.06 -35.62 17.39
CA ASN B 53 13.45 -35.67 16.08
C ASN B 53 12.07 -36.31 16.24
N SER B 54 11.05 -35.64 15.72
CA SER B 54 9.68 -36.10 15.93
C SER B 54 8.79 -35.59 14.80
N GLU B 55 7.59 -36.17 14.74
CA GLU B 55 6.60 -35.82 13.74
C GLU B 55 6.00 -34.45 13.94
N LEU B 56 6.07 -33.88 15.13
CA LEU B 56 5.44 -32.60 15.42
C LEU B 56 6.36 -31.40 15.26
N PHE B 57 7.60 -31.60 14.80
CA PHE B 57 8.50 -30.50 14.52
C PHE B 57 9.13 -30.73 13.16
N THR B 58 9.61 -29.66 12.54
CA THR B 58 9.98 -29.80 11.15
C THR B 58 11.31 -30.53 11.02
N ASP B 59 11.44 -31.28 9.93
CA ASP B 59 12.73 -31.86 9.61
C ASP B 59 13.78 -30.77 9.48
N GLU B 60 13.36 -29.59 9.03
CA GLU B 60 14.26 -28.46 8.85
C GLU B 60 14.84 -27.98 10.18
N GLU B 61 13.99 -27.80 11.20
CA GLU B 61 14.51 -27.39 12.49
C GLU B 61 15.47 -28.43 13.06
N PHE B 62 15.17 -29.68 12.79
CA PHE B 62 16.00 -30.80 13.29
C PHE B 62 17.37 -30.82 12.61
N ASP B 63 17.42 -30.66 11.30
CA ASP B 63 18.69 -30.67 10.55
C ASP B 63 19.54 -29.48 10.99
N LYS B 64 18.95 -28.31 11.15
CA LYS B 64 19.70 -27.13 11.59
C LYS B 64 20.29 -27.37 12.98
N ALA B 65 19.51 -27.91 13.89
CA ALA B 65 19.96 -28.11 15.27
C ALA B 65 21.14 -29.08 15.31
N MET B 66 21.00 -30.24 14.67
CA MET B 66 22.11 -31.19 14.63
C MET B 66 23.39 -30.53 14.15
N SER B 67 23.30 -29.80 13.03
CA SER B 67 24.52 -29.25 12.47
C SER B 67 24.95 -28.01 13.24
N LEU B 68 24.02 -27.36 13.94
CA LEU B 68 24.47 -26.24 14.75
C LEU B 68 25.21 -26.71 16.00
N ALA B 69 24.81 -27.82 16.59
CA ALA B 69 25.50 -28.26 17.79
C ALA B 69 26.87 -28.82 17.46
N GLU B 70 26.99 -29.50 16.30
CA GLU B 70 28.30 -29.96 15.88
C GLU B 70 29.19 -28.78 15.57
N GLU B 71 28.62 -27.71 15.04
CA GLU B 71 29.36 -26.50 14.77
C GLU B 71 29.73 -25.74 16.03
N LEU B 72 29.00 -25.94 17.12
CA LEU B 72 29.38 -25.34 18.40
C LEU B 72 30.51 -26.09 19.07
N GLY B 73 30.86 -27.26 18.56
CA GLY B 73 31.89 -28.07 19.14
C GLY B 73 31.41 -29.16 20.06
N ALA B 74 30.14 -29.55 19.97
CA ALA B 74 29.60 -30.60 20.81
C ALA B 74 29.51 -31.93 20.08
N ASN B 75 29.60 -33.01 20.85
CA ASN B 75 29.15 -34.31 20.37
C ASN B 75 27.63 -34.33 20.44
N VAL B 76 27.00 -34.62 19.33
CA VAL B 76 25.56 -34.46 19.20
C VAL B 76 24.96 -35.81 18.87
N GLN B 77 23.77 -36.05 19.40
CA GLN B 77 23.08 -37.31 19.24
C GLN B 77 21.65 -37.00 18.84
N GLY B 78 21.17 -37.64 17.78
CA GLY B 78 19.76 -37.59 17.44
C GLY B 78 19.04 -38.68 18.22
N THR B 79 17.87 -38.33 18.76
CA THR B 79 16.97 -39.31 19.35
C THR B 79 15.56 -39.05 18.82
N THR B 80 14.85 -40.12 18.48
CA THR B 80 13.56 -40.02 17.80
C THR B 80 12.42 -40.35 18.76
N LEU B 81 11.45 -39.44 18.85
CA LEU B 81 10.29 -39.60 19.73
C LEU B 81 9.03 -39.88 18.92
N ASP B 82 8.18 -40.77 19.43
CA ASP B 82 6.89 -41.06 18.81
C ASP B 82 5.80 -40.42 19.65
N TYR B 83 5.59 -39.12 19.44
CA TYR B 83 4.57 -38.44 20.22
C TYR B 83 3.19 -39.02 19.93
N LEU B 84 2.90 -39.36 18.67
CA LEU B 84 1.56 -39.83 18.30
C LEU B 84 1.20 -41.19 18.91
N SER B 85 2.13 -41.86 19.59
CA SER B 85 1.79 -43.14 20.20
C SER B 85 1.12 -42.99 21.54
N ASP B 86 1.13 -41.79 22.12
CA ASP B 86 0.34 -41.50 23.30
C ASP B 86 -1.04 -40.99 22.86
N ASP B 87 -2.11 -41.61 23.36
CA ASP B 87 -3.44 -41.28 22.86
C ASP B 87 -3.85 -39.86 23.26
N HIS B 88 -3.28 -39.33 24.34
CA HIS B 88 -3.58 -37.95 24.70
C HIS B 88 -3.09 -36.99 23.63
N ILE B 89 -1.88 -37.25 23.08
CA ILE B 89 -1.34 -36.43 22.01
C ILE B 89 -2.08 -36.71 20.69
N LYS B 90 -2.30 -37.98 20.39
CA LYS B 90 -2.91 -38.32 19.10
C LYS B 90 -4.30 -37.71 18.95
N ASN B 91 -5.04 -37.60 20.05
CA ASN B 91 -6.38 -37.04 19.97
C ASN B 91 -6.44 -35.58 20.38
N ASN B 92 -5.28 -34.96 20.59
CA ASN B 92 -5.14 -33.51 20.76
C ASN B 92 -6.12 -32.97 21.80
N THR B 93 -5.99 -33.48 23.02
CA THR B 93 -6.68 -32.93 24.17
C THR B 93 -5.89 -31.74 24.71
N PRO B 94 -6.51 -30.87 25.50
CA PRO B 94 -5.73 -29.76 26.08
C PRO B 94 -4.63 -30.27 27.00
N ASP B 95 -4.67 -31.58 27.33
CA ASP B 95 -3.66 -32.23 28.15
C ASP B 95 -2.43 -32.71 27.37
N SER B 96 -2.43 -32.63 26.05
CA SER B 96 -1.37 -33.37 25.38
C SER B 96 0.00 -32.75 25.62
N TRP B 97 0.10 -31.45 25.88
CA TRP B 97 1.39 -30.91 26.30
C TRP B 97 1.97 -31.67 27.48
N TYR B 98 1.13 -32.16 28.39
CA TYR B 98 1.67 -32.83 29.57
C TYR B 98 2.33 -34.16 29.18
N TYR B 99 1.63 -34.98 28.40
CA TYR B 99 2.20 -36.27 27.99
C TYR B 99 3.33 -36.12 26.99
N ALA B 100 3.32 -35.05 26.17
CA ALA B 100 4.46 -34.82 25.30
C ALA B 100 5.68 -34.42 26.12
N LYS B 101 5.50 -33.52 27.09
CA LYS B 101 6.66 -33.11 27.88
C LYS B 101 7.13 -34.25 28.77
N LYS B 102 6.23 -35.17 29.13
CA LYS B 102 6.66 -36.32 29.91
C LYS B 102 7.46 -37.29 29.05
N MET B 103 7.00 -37.55 27.84
CA MET B 103 7.70 -38.47 26.95
C MET B 103 9.08 -37.93 26.57
N PHE B 104 9.18 -36.62 26.40
CA PHE B 104 10.45 -35.99 26.03
C PHE B 104 11.48 -36.08 27.15
N TYR B 105 11.09 -35.71 28.38
CA TYR B 105 12.03 -35.76 29.50
C TYR B 105 12.30 -37.19 29.97
N SER B 106 11.38 -38.11 29.72
CA SER B 106 11.67 -39.49 30.12
C SER B 106 12.67 -40.13 29.16
N ARG B 107 12.66 -39.72 27.89
CA ARG B 107 13.70 -40.16 26.97
C ARG B 107 15.04 -39.52 27.28
N LEU B 108 15.05 -38.24 27.65
CA LEU B 108 16.32 -37.57 27.89
C LEU B 108 16.99 -38.04 29.17
N ASN B 109 16.21 -38.36 30.19
CA ASN B 109 16.82 -38.88 31.41
C ASN B 109 17.50 -40.21 31.14
N ASP B 110 16.86 -41.08 30.34
CA ASP B 110 17.50 -42.36 30.02
C ASP B 110 18.78 -42.19 29.22
N ILE B 111 18.87 -41.17 28.37
CA ILE B 111 20.14 -40.94 27.68
C ILE B 111 21.20 -40.52 28.69
N ALA B 112 20.79 -39.72 29.68
CA ALA B 112 21.71 -39.29 30.72
C ALA B 112 22.10 -40.43 31.65
N ALA B 113 21.19 -41.37 31.90
CA ALA B 113 21.54 -42.54 32.70
C ALA B 113 22.62 -43.37 32.02
N ASN B 114 22.49 -43.60 30.72
CA ASN B 114 23.41 -44.50 30.02
C ASN B 114 24.72 -43.84 29.61
N ASN B 115 24.87 -42.54 29.78
CA ASN B 115 26.19 -41.91 29.61
C ASN B 115 26.71 -41.32 30.91
N GLY B 116 26.02 -41.58 32.02
CA GLY B 116 26.49 -41.21 33.34
C GLY B 116 26.54 -39.73 33.65
N SER B 117 25.76 -38.91 32.94
CA SER B 117 25.76 -37.49 33.25
C SER B 117 24.91 -37.24 34.48
N ALA B 118 25.18 -36.12 35.14
CA ALA B 118 24.51 -35.83 36.40
C ALA B 118 23.16 -35.16 36.20
N ALA B 119 22.91 -34.57 35.05
CA ALA B 119 21.64 -33.88 34.87
C ALA B 119 21.32 -33.75 33.40
N VAL B 120 20.05 -33.56 33.13
CA VAL B 120 19.57 -33.09 31.84
C VAL B 120 19.41 -31.59 31.97
N LEU B 121 19.97 -30.85 31.01
CA LEU B 121 19.85 -29.39 30.96
C LEU B 121 18.98 -28.99 29.78
N ASP B 122 18.08 -28.03 30.02
CA ASP B 122 17.26 -27.44 28.97
C ASP B 122 17.46 -25.94 29.01
N GLY B 123 16.79 -25.23 28.09
CA GLY B 123 17.02 -23.80 27.98
C GLY B 123 15.94 -22.89 28.54
N MET B 124 15.26 -23.29 29.61
CA MET B 124 14.20 -22.44 30.14
C MET B 124 14.80 -21.27 30.89
N ILE B 125 14.24 -20.08 30.65
CA ILE B 125 14.77 -18.86 31.24
C ILE B 125 13.77 -18.34 32.26
N LYS B 126 14.10 -17.26 32.95
CA LYS B 126 13.14 -16.58 33.82
C LYS B 126 12.24 -15.66 32.99
N ASN B 127 10.93 -15.72 33.28
CA ASN B 127 9.86 -14.95 32.61
C ASN B 127 9.77 -15.25 31.12
N GLU B 141 8.31 -30.16 34.92
CA GLU B 141 9.39 -31.02 34.44
C GLU B 141 10.60 -31.01 35.38
N ALA B 142 10.45 -31.67 36.53
CA ALA B 142 11.44 -31.57 37.62
C ALA B 142 12.64 -32.50 37.46
N GLY B 143 12.65 -33.38 36.46
CA GLY B 143 13.83 -34.19 36.22
C GLY B 143 14.78 -33.52 35.26
N ALA B 144 14.96 -32.21 35.43
CA ALA B 144 15.72 -31.40 34.48
C ALA B 144 16.15 -30.12 35.16
N ARG B 145 17.35 -29.64 34.82
CA ARG B 145 17.91 -28.42 35.40
C ARG B 145 17.87 -27.31 34.37
N SER B 146 17.23 -26.21 34.74
CA SER B 146 17.14 -25.03 33.90
C SER B 146 18.11 -24.02 34.51
N LEU B 147 19.40 -24.21 34.22
CA LEU B 147 20.41 -23.39 34.88
C LEU B 147 20.25 -21.92 34.55
N LEU B 148 19.77 -21.60 33.34
CA LEU B 148 19.55 -20.20 32.98
C LEU B 148 18.45 -19.61 33.86
N GLN B 149 17.43 -20.41 34.18
CA GLN B 149 16.37 -19.94 35.07
C GLN B 149 16.87 -19.80 36.49
N GLU B 150 17.71 -20.72 36.95
CA GLU B 150 18.25 -20.63 38.30
C GLU B 150 19.14 -19.42 38.46
N ALA B 151 19.87 -19.04 37.41
CA ALA B 151 20.77 -17.90 37.47
C ALA B 151 20.08 -16.58 37.23
N ASP B 152 18.74 -16.57 37.13
CA ASP B 152 17.95 -15.35 36.89
C ASP B 152 18.22 -14.72 35.52
N PHE B 153 18.43 -15.55 34.50
CA PHE B 153 18.60 -14.99 33.15
C PHE B 153 17.26 -14.56 32.57
N PHE B 154 17.21 -13.35 32.03
CA PHE B 154 16.10 -12.88 31.22
C PHE B 154 16.48 -12.95 29.74
N LYS B 155 15.48 -12.76 28.87
CA LYS B 155 15.75 -12.81 27.45
C LYS B 155 16.82 -11.80 27.04
N THR B 156 16.90 -10.69 27.78
CA THR B 156 17.96 -9.70 27.57
C THR B 156 19.32 -10.24 28.04
N ASP B 157 19.34 -10.95 29.16
CA ASP B 157 20.62 -11.49 29.63
C ASP B 157 21.15 -12.54 28.66
N VAL B 158 20.25 -13.36 28.10
CA VAL B 158 20.68 -14.41 27.18
C VAL B 158 21.33 -13.82 25.93
N ARG B 159 20.79 -12.70 25.43
CA ARG B 159 21.38 -12.09 24.23
C ARG B 159 22.69 -11.40 24.55
N ALA B 160 22.78 -10.74 25.70
CA ALA B 160 24.04 -10.11 26.06
C ALA B 160 25.12 -11.16 26.22
N LEU B 161 24.81 -12.25 26.94
CA LEU B 161 25.84 -13.27 27.15
C LEU B 161 26.16 -14.00 25.85
N ALA B 162 25.16 -14.18 24.96
CA ALA B 162 25.42 -14.83 23.67
C ALA B 162 26.31 -13.98 22.77
N GLN B 163 26.14 -12.66 22.81
CA GLN B 163 27.00 -11.79 22.01
C GLN B 163 28.42 -11.78 22.58
N GLU B 164 28.53 -11.77 23.91
CA GLU B 164 29.84 -11.73 24.54
C GLU B 164 30.69 -12.91 24.14
N LEU B 165 30.06 -14.07 23.90
CA LEU B 165 30.77 -15.28 23.50
C LEU B 165 30.82 -15.50 21.99
N GLY B 166 30.43 -14.52 21.18
CA GLY B 166 30.53 -14.71 19.75
C GLY B 166 29.56 -15.71 19.16
N LEU B 167 28.46 -16.01 19.86
CA LEU B 167 27.47 -16.92 19.30
C LEU B 167 26.59 -16.13 18.35
N THR B 168 26.52 -16.55 17.09
CA THR B 168 25.69 -15.80 16.16
C THR B 168 24.64 -16.63 15.45
N ASN B 169 24.81 -17.92 15.32
CA ASN B 169 24.03 -18.70 14.38
C ASN B 169 23.12 -19.66 15.14
N TRP B 170 21.87 -19.26 15.33
CA TRP B 170 20.83 -20.12 15.87
C TRP B 170 19.56 -19.92 15.07
N ASN B 171 18.57 -20.76 15.36
CA ASN B 171 17.26 -20.56 14.76
C ASN B 171 16.58 -19.35 15.40
N LYS B 172 16.28 -18.34 14.56
CA LYS B 172 15.70 -17.11 15.08
C LYS B 172 14.20 -17.26 15.32
N VAL B 173 13.52 -18.09 14.55
CA VAL B 173 12.07 -18.27 14.69
C VAL B 173 11.82 -19.65 15.26
N ALA B 174 11.33 -19.67 16.50
CA ALA B 174 10.91 -20.90 17.17
C ALA B 174 9.51 -21.27 16.67
N SER B 175 9.44 -22.15 15.68
CA SER B 175 8.20 -22.85 15.42
C SER B 175 7.97 -23.83 16.58
N CYS B 176 6.72 -23.97 17.00
CA CYS B 176 6.37 -24.80 18.13
C CYS B 176 5.75 -26.10 17.63
N SER B 177 5.04 -26.81 18.49
CA SER B 177 4.46 -28.08 18.09
C SER B 177 3.35 -27.89 17.08
N VAL B 178 3.36 -28.70 16.01
CA VAL B 178 2.33 -28.62 14.98
C VAL B 178 0.94 -28.95 15.54
N SER B 179 0.89 -29.49 16.76
CA SER B 179 -0.39 -29.79 17.41
C SER B 179 -1.29 -28.57 17.47
N SER B 180 -0.72 -27.39 17.70
CA SER B 180 -1.51 -26.18 17.86
C SER B 180 -2.20 -25.73 16.58
N ARG B 181 -1.89 -26.33 15.43
CA ARG B 181 -2.57 -26.04 14.17
C ARG B 181 -3.91 -26.77 14.07
N PHE B 182 -4.24 -27.63 15.02
CA PHE B 182 -5.44 -28.43 14.98
C PHE B 182 -6.34 -28.09 16.16
N PRO B 183 -7.65 -28.07 15.98
CA PRO B 183 -8.56 -27.83 17.11
C PRO B 183 -8.44 -28.92 18.16
N TYR B 184 -8.69 -28.54 19.41
CA TYR B 184 -8.81 -29.52 20.47
C TYR B 184 -9.85 -30.56 20.09
N GLY B 185 -9.53 -31.84 20.29
CA GLY B 185 -10.39 -32.93 19.91
C GLY B 185 -10.14 -33.53 18.54
N THR B 186 -9.56 -32.76 17.62
CA THR B 186 -9.18 -33.30 16.30
C THR B 186 -8.07 -34.33 16.45
N THR B 187 -8.22 -35.46 15.76
CA THR B 187 -7.22 -36.52 15.81
C THR B 187 -6.10 -36.24 14.79
N LEU B 188 -4.86 -36.24 15.24
CA LEU B 188 -3.75 -36.01 14.34
C LEU B 188 -3.45 -37.28 13.58
N THR B 189 -3.19 -37.13 12.28
CA THR B 189 -2.77 -38.26 11.46
C THR B 189 -1.46 -37.91 10.77
N HIS B 190 -0.81 -38.94 10.24
CA HIS B 190 0.37 -38.69 9.43
C HIS B 190 0.00 -37.83 8.23
N ASP B 191 -1.20 -38.01 7.70
CA ASP B 191 -1.58 -37.29 6.49
C ASP B 191 -1.86 -35.83 6.79
N ASN B 192 -2.62 -35.55 7.85
CA ASN B 192 -2.99 -34.14 8.06
C ASN B 192 -1.82 -33.34 8.63
N ILE B 193 -0.93 -33.99 9.38
CA ILE B 193 0.29 -33.32 9.81
C ILE B 193 1.16 -32.96 8.60
N ALA B 194 1.38 -33.93 7.71
CA ALA B 194 2.19 -33.65 6.52
C ALA B 194 1.57 -32.53 5.71
N GLN B 195 0.23 -32.50 5.64
CA GLN B 195 -0.44 -31.45 4.89
C GLN B 195 -0.15 -30.06 5.47
N VAL B 196 -0.27 -29.92 6.80
CA VAL B 196 0.03 -28.64 7.44
C VAL B 196 1.51 -28.31 7.27
N MET B 197 2.37 -29.32 7.42
CA MET B 197 3.80 -29.06 7.38
C MET B 197 4.21 -28.58 6.00
N ALA B 198 3.66 -29.21 4.96
CA ALA B 198 3.99 -28.80 3.60
C ALA B 198 3.48 -27.39 3.31
N ALA B 199 2.31 -27.03 3.85
CA ALA B 199 1.77 -25.70 3.60
C ALA B 199 2.61 -24.61 4.27
N GLU B 200 2.98 -24.82 5.53
CA GLU B 200 3.83 -23.85 6.23
C GLU B 200 5.21 -23.78 5.59
N LYS B 201 5.73 -24.90 5.12
CA LYS B 201 7.02 -24.89 4.44
C LYS B 201 6.97 -23.99 3.21
N TYR B 202 5.92 -24.15 2.40
CA TYR B 202 5.75 -23.30 1.23
C TYR B 202 5.64 -21.83 1.61
N LEU B 203 4.82 -21.51 2.62
CA LEU B 203 4.69 -20.12 3.03
C LEU B 203 6.02 -19.56 3.52
N ARG B 204 6.76 -20.34 4.32
CA ARG B 204 8.07 -19.88 4.77
C ARG B 204 9.01 -19.62 3.60
N SER B 205 8.91 -20.40 2.52
CA SER B 205 9.81 -20.22 1.38
C SER B 205 9.49 -18.96 0.56
N LEU B 206 8.36 -18.31 0.79
CA LEU B 206 8.05 -17.05 0.12
C LEU B 206 8.53 -15.82 0.88
N GLY B 207 9.08 -16.01 2.08
CA GLY B 207 9.60 -14.93 2.89
C GLY B 207 8.85 -14.63 4.19
N PHE B 208 8.07 -15.58 4.71
CA PHE B 208 7.25 -15.39 5.89
C PHE B 208 7.69 -16.43 6.90
N PRO B 209 8.75 -16.15 7.65
CA PRO B 209 9.26 -17.15 8.61
C PRO B 209 8.30 -17.44 9.76
N THR B 210 7.47 -16.48 10.13
CA THR B 210 6.47 -16.67 11.17
C THR B 210 5.13 -16.86 10.51
N VAL B 211 4.57 -18.06 10.57
CA VAL B 211 3.30 -18.32 9.92
C VAL B 211 2.68 -19.54 10.57
N ARG B 212 1.36 -19.64 10.49
CA ARG B 212 0.60 -20.81 10.92
C ARG B 212 -0.43 -21.11 9.85
N VAL B 213 -0.55 -22.37 9.46
CA VAL B 213 -1.66 -22.81 8.63
C VAL B 213 -2.56 -23.61 9.56
N ARG B 214 -3.60 -22.96 10.08
CA ARG B 214 -4.50 -23.64 10.99
C ARG B 214 -5.42 -24.56 10.20
N PHE B 215 -5.55 -25.79 10.67
CA PHE B 215 -6.25 -26.83 9.96
C PHE B 215 -7.72 -26.82 10.39
N HIS B 216 -8.61 -26.69 9.42
CA HIS B 216 -10.06 -26.72 9.64
C HIS B 216 -10.69 -27.62 8.59
N ASN B 217 -10.22 -28.87 8.56
CA ASN B 217 -10.58 -29.85 7.56
C ASN B 217 -10.35 -29.32 6.16
N ASP B 218 -11.43 -28.93 5.48
CA ASP B 218 -11.30 -28.53 4.10
C ASP B 218 -10.96 -27.04 3.96
N ILE B 219 -10.85 -26.32 5.08
CA ILE B 219 -10.46 -24.92 5.09
C ILE B 219 -9.08 -24.81 5.72
N ALA B 220 -8.18 -24.09 5.06
CA ALA B 220 -6.92 -23.65 5.64
C ALA B 220 -7.10 -22.21 6.09
N ARG B 221 -6.73 -21.92 7.33
CA ARG B 221 -6.81 -20.57 7.89
C ARG B 221 -5.38 -20.15 8.21
N ILE B 222 -4.83 -19.27 7.40
CA ILE B 222 -3.44 -18.85 7.52
C ILE B 222 -3.32 -17.68 8.48
N GLU B 223 -2.48 -17.84 9.49
CA GLU B 223 -2.14 -16.76 10.40
C GLU B 223 -0.77 -16.20 10.00
N LEU B 224 -0.72 -14.88 9.80
CA LEU B 224 0.46 -14.11 9.48
C LEU B 224 0.57 -12.95 10.44
N PRO B 225 1.77 -12.53 10.80
CA PRO B 225 1.89 -11.28 11.56
C PRO B 225 1.27 -10.17 10.75
N GLU B 226 0.39 -9.39 11.39
CA GLU B 226 -0.41 -8.41 10.66
C GLU B 226 0.45 -7.45 9.86
N ALA B 227 1.63 -7.08 10.39
CA ALA B 227 2.51 -6.16 9.68
C ALA B 227 3.06 -6.74 8.38
N ARG B 228 2.90 -8.05 8.17
CA ARG B 228 3.34 -8.69 6.94
C ARG B 228 2.21 -8.88 5.94
N ILE B 229 0.94 -8.69 6.35
CA ILE B 229 -0.16 -9.06 5.46
C ILE B 229 -0.16 -8.22 4.19
N GLY B 230 0.22 -6.95 4.29
CA GLY B 230 0.35 -6.13 3.09
C GLY B 230 1.29 -6.74 2.06
N ASP B 231 2.45 -7.23 2.53
CA ASP B 231 3.43 -7.87 1.65
C ASP B 231 2.89 -9.13 0.99
N PHE B 232 1.94 -9.81 1.64
CA PHE B 232 1.46 -11.11 1.21
C PHE B 232 0.62 -11.05 -0.08
N LEU B 233 0.02 -9.89 -0.39
CA LEU B 233 -0.95 -9.80 -1.49
C LEU B 233 -0.40 -10.33 -2.81
N VAL B 234 0.88 -10.09 -3.09
CA VAL B 234 1.48 -10.56 -4.32
C VAL B 234 1.53 -12.09 -4.39
N PHE B 235 1.29 -12.79 -3.28
CA PHE B 235 1.39 -14.24 -3.30
C PHE B 235 0.05 -14.97 -3.20
N ASN B 236 -1.05 -14.25 -2.99
CA ASN B 236 -2.39 -14.84 -2.82
C ASN B 236 -2.66 -16.01 -3.77
N ASP B 237 -2.56 -15.77 -5.08
CA ASP B 237 -2.97 -16.78 -6.06
C ASP B 237 -2.05 -17.99 -6.04
N ARG B 238 -0.73 -17.78 -5.90
CA ARG B 238 0.18 -18.91 -5.81
C ARG B 238 -0.09 -19.75 -4.56
N VAL B 239 -0.35 -19.10 -3.42
CA VAL B 239 -0.62 -19.81 -2.17
C VAL B 239 -1.94 -20.55 -2.27
N ASN B 240 -2.93 -19.90 -2.87
CA ASN B 240 -4.22 -20.53 -3.09
C ASN B 240 -4.08 -21.84 -3.86
N ARG B 241 -3.35 -21.80 -4.97
CA ARG B 241 -3.28 -22.99 -5.81
C ARG B 241 -2.40 -24.07 -5.18
N GLN B 242 -1.30 -23.66 -4.55
CA GLN B 242 -0.38 -24.62 -3.94
C GLN B 242 -1.03 -25.33 -2.76
N LEU B 243 -1.70 -24.61 -1.85
CA LEU B 243 -2.34 -25.30 -0.73
C LEU B 243 -3.56 -26.08 -1.19
N GLN B 244 -4.15 -25.71 -2.33
CA GLN B 244 -5.24 -26.55 -2.85
C GLN B 244 -4.67 -27.86 -3.38
N SER B 245 -3.54 -27.80 -4.08
CA SER B 245 -2.91 -29.05 -4.51
C SER B 245 -2.47 -29.92 -3.35
N LEU B 246 -2.28 -29.34 -2.15
CA LEU B 246 -2.00 -30.14 -0.96
C LEU B 246 -3.25 -30.75 -0.33
N GLY B 247 -4.44 -30.41 -0.82
CA GLY B 247 -5.66 -31.05 -0.35
C GLY B 247 -6.69 -30.14 0.30
N PHE B 248 -6.40 -28.87 0.58
CA PHE B 248 -7.41 -27.95 1.10
C PHE B 248 -8.36 -27.52 0.00
N ARG B 249 -9.63 -27.35 0.35
CA ARG B 249 -10.53 -26.84 -0.67
C ARG B 249 -10.58 -25.32 -0.67
N TYR B 250 -10.59 -24.70 0.50
CA TYR B 250 -10.64 -23.25 0.61
C TYR B 250 -9.38 -22.79 1.32
N VAL B 251 -8.73 -21.76 0.78
CA VAL B 251 -7.50 -21.24 1.34
C VAL B 251 -7.76 -19.82 1.77
N THR B 252 -7.61 -19.54 3.08
CA THR B 252 -8.04 -18.29 3.66
C THR B 252 -6.97 -17.68 4.56
N LEU B 253 -7.15 -16.39 4.84
CA LEU B 253 -6.24 -15.57 5.63
C LEU B 253 -7.02 -15.02 6.83
N ASP B 254 -6.53 -15.29 8.05
CA ASP B 254 -7.22 -14.83 9.25
C ASP B 254 -7.09 -13.34 9.37
N LEU B 255 -8.22 -12.63 9.47
CA LEU B 255 -8.14 -11.18 9.61
C LEU B 255 -7.57 -10.79 10.97
N GLY B 256 -7.54 -11.71 11.93
CA GLY B 256 -6.92 -11.36 13.20
C GLY B 256 -5.40 -11.32 13.16
N GLY B 257 -4.76 -12.00 12.20
CA GLY B 257 -3.31 -12.05 12.20
C GLY B 257 -2.74 -13.20 13.01
N PHE B 258 -1.42 -13.16 13.24
CA PHE B 258 -0.77 -14.24 14.00
C PHE B 258 -1.17 -14.17 15.46
N ARG B 259 -1.80 -15.24 15.94
CA ARG B 259 -2.31 -15.37 17.30
C ARG B 259 -3.39 -14.31 17.59
N ALA C 2 40.38 -34.92 10.18
CA ALA C 2 40.92 -34.07 11.23
C ALA C 2 39.79 -33.35 11.97
N THR C 3 40.10 -32.82 13.15
CA THR C 3 39.18 -32.03 13.95
C THR C 3 39.42 -30.55 13.69
N LEU C 4 38.50 -29.70 14.17
CA LEU C 4 38.69 -28.26 13.96
C LEU C 4 39.97 -27.77 14.61
N ALA C 5 40.33 -28.33 15.78
CA ALA C 5 41.58 -27.94 16.41
C ALA C 5 42.76 -28.31 15.54
N THR C 6 42.71 -29.48 14.90
CA THR C 6 43.77 -29.84 13.97
C THR C 6 43.83 -28.87 12.81
N LYS C 7 42.66 -28.49 12.28
CA LYS C 7 42.60 -27.58 11.15
C LYS C 7 43.12 -26.21 11.53
N LYS C 8 42.84 -25.77 12.76
CA LYS C 8 43.33 -24.45 13.18
C LYS C 8 44.83 -24.45 13.40
N ALA C 9 45.38 -25.54 13.96
CA ALA C 9 46.83 -25.64 14.15
C ALA C 9 47.55 -25.64 12.81
N THR C 10 46.99 -26.36 11.82
CA THR C 10 47.56 -26.33 10.48
C THR C 10 47.60 -24.90 9.95
N LEU C 11 46.54 -24.15 10.18
CA LEU C 11 46.47 -22.80 9.67
C LEU C 11 47.42 -21.89 10.44
N VAL C 12 47.53 -22.09 11.76
CA VAL C 12 48.48 -21.33 12.58
C VAL C 12 49.91 -21.58 12.13
N ALA C 13 50.26 -22.85 11.86
CA ALA C 13 51.62 -23.17 11.42
C ALA C 13 51.97 -22.50 10.10
N ALA C 14 51.09 -22.62 9.09
CA ALA C 14 51.40 -22.05 7.78
C ALA C 14 51.62 -20.54 7.86
N LEU C 15 50.84 -19.86 8.70
CA LEU C 15 51.04 -18.42 8.86
C LEU C 15 52.33 -18.15 9.63
N LYS C 16 52.57 -18.92 10.69
CA LYS C 16 53.76 -18.69 11.49
C LYS C 16 55.01 -18.89 10.64
N ASP C 17 54.91 -19.78 9.64
CA ASP C 17 55.99 -19.98 8.68
C ASP C 17 56.18 -18.78 7.76
N LEU C 18 55.09 -18.10 7.36
CA LEU C 18 55.23 -17.07 6.34
C LEU C 18 55.74 -15.74 6.90
N GLN C 19 55.45 -15.46 8.17
N GLN C 19 55.53 -15.48 8.19
CA GLN C 19 56.01 -14.34 8.94
CA GLN C 19 56.08 -14.33 8.89
C GLN C 19 55.51 -12.96 8.49
C GLN C 19 55.40 -13.02 8.49
N ARG C 20 55.31 -12.75 7.19
CA ARG C 20 54.77 -11.48 6.74
C ARG C 20 53.81 -11.76 5.58
N VAL C 21 52.57 -11.22 5.67
CA VAL C 21 51.52 -11.54 4.72
C VAL C 21 50.77 -10.31 4.21
N THR C 22 50.22 -10.45 3.02
CA THR C 22 49.25 -9.54 2.44
C THR C 22 47.92 -10.29 2.28
N VAL C 23 46.85 -9.74 2.84
CA VAL C 23 45.55 -10.42 2.84
C VAL C 23 44.62 -9.66 1.90
N ALA C 24 44.10 -10.37 0.90
CA ALA C 24 43.04 -9.86 0.05
C ALA C 24 41.76 -9.81 0.86
N PHE C 25 41.29 -8.61 1.21
CA PHE C 25 40.18 -8.49 2.15
C PHE C 25 38.92 -7.96 1.46
N SER C 26 37.94 -8.86 1.23
CA SER C 26 36.59 -8.54 0.75
C SER C 26 35.64 -8.04 1.86
N GLY C 27 35.77 -8.56 3.08
CA GLY C 27 34.78 -8.37 4.13
C GLY C 27 33.84 -9.53 4.38
N GLY C 28 33.82 -10.55 3.53
CA GLY C 28 33.00 -11.70 3.81
C GLY C 28 33.61 -12.51 4.95
N ILE C 29 32.91 -13.56 5.35
CA ILE C 29 33.30 -14.24 6.58
C ILE C 29 34.63 -14.93 6.40
N ASP C 30 34.87 -15.47 5.21
CA ASP C 30 36.08 -16.25 5.00
C ASP C 30 37.32 -15.35 5.05
N SER C 31 37.28 -14.21 4.34
CA SER C 31 38.43 -13.33 4.40
C SER C 31 38.54 -12.61 5.74
N THR C 32 37.44 -12.52 6.50
CA THR C 32 37.53 -12.00 7.86
C THR C 32 38.23 -12.99 8.77
N LEU C 33 37.98 -14.29 8.58
CA LEU C 33 38.65 -15.31 9.36
C LEU C 33 40.15 -15.30 9.08
N VAL C 34 40.55 -15.24 7.80
CA VAL C 34 41.97 -15.25 7.48
C VAL C 34 42.63 -13.99 8.02
N LEU C 35 41.96 -12.84 7.92
CA LEU C 35 42.56 -11.61 8.40
C LEU C 35 42.78 -11.65 9.91
N LYS C 36 41.82 -12.18 10.69
CA LYS C 36 41.99 -12.17 12.13
C LYS C 36 42.92 -13.28 12.59
N MET C 37 43.05 -14.37 11.83
CA MET C 37 44.05 -15.35 12.19
C MET C 37 45.45 -14.83 11.89
N ALA C 38 45.62 -14.11 10.79
CA ALA C 38 46.93 -13.54 10.50
C ALA C 38 47.35 -12.56 11.59
N LEU C 39 46.42 -11.73 12.06
CA LEU C 39 46.72 -10.78 13.13
C LEU C 39 47.03 -11.49 14.45
N ASP C 40 46.30 -12.56 14.76
CA ASP C 40 46.47 -13.29 16.01
C ASP C 40 47.81 -14.00 16.08
N VAL C 41 48.33 -14.46 14.95
CA VAL C 41 49.53 -15.29 14.89
C VAL C 41 50.77 -14.46 14.57
N LEU C 42 50.64 -13.46 13.71
CA LEU C 42 51.79 -12.69 13.24
C LEU C 42 51.79 -11.25 13.71
N GLY C 43 50.69 -10.76 14.27
CA GLY C 43 50.68 -9.43 14.81
C GLY C 43 50.43 -8.35 13.78
N ARG C 44 49.86 -7.25 14.27
CA ARG C 44 49.42 -6.18 13.39
C ARG C 44 50.51 -5.69 12.46
N ASP C 45 51.77 -5.68 12.92
CA ASP C 45 52.86 -5.06 12.15
C ASP C 45 53.29 -5.90 10.96
N ASN C 46 52.94 -7.18 10.92
CA ASN C 46 53.38 -8.05 9.84
C ASN C 46 52.25 -8.46 8.91
N VAL C 47 51.13 -7.74 8.96
CA VAL C 47 49.97 -8.02 8.16
C VAL C 47 49.53 -6.73 7.47
N THR C 48 49.39 -6.78 6.14
CA THR C 48 48.79 -5.69 5.39
C THR C 48 47.49 -6.20 4.76
N ALA C 49 46.38 -5.55 5.11
CA ALA C 49 45.08 -5.83 4.51
C ALA C 49 44.91 -5.02 3.23
N VAL C 50 44.49 -5.68 2.15
CA VAL C 50 44.24 -4.97 0.89
C VAL C 50 42.78 -5.15 0.46
N VAL C 51 42.13 -4.02 0.15
CA VAL C 51 40.77 -3.97 -0.40
C VAL C 51 40.84 -3.38 -1.79
N ALA C 52 40.31 -4.11 -2.76
CA ALA C 52 40.27 -3.61 -4.14
C ALA C 52 39.11 -2.64 -4.32
N ASN C 53 39.39 -1.54 -5.00
CA ASN C 53 38.41 -0.53 -5.38
C ASN C 53 38.33 -0.52 -6.90
N SER C 54 37.11 -0.52 -7.45
CA SER C 54 36.96 -0.60 -8.91
C SER C 54 35.62 -0.04 -9.34
N GLU C 55 35.48 0.12 -10.66
CA GLU C 55 34.25 0.60 -11.29
C GLU C 55 33.11 -0.40 -11.21
N LEU C 56 33.41 -1.68 -11.05
CA LEU C 56 32.40 -2.74 -11.07
C LEU C 56 31.87 -3.08 -9.68
N PHE C 57 32.26 -2.33 -8.66
CA PHE C 57 31.72 -2.57 -7.34
C PHE C 57 31.43 -1.23 -6.68
N THR C 58 30.56 -1.26 -5.69
CA THR C 58 30.07 -0.01 -5.15
C THR C 58 31.11 0.63 -4.24
N ASP C 59 31.12 1.96 -4.22
CA ASP C 59 31.92 2.66 -3.23
C ASP C 59 31.52 2.23 -1.83
N GLU C 60 30.25 1.91 -1.64
CA GLU C 60 29.74 1.54 -0.33
C GLU C 60 30.34 0.23 0.17
N GLU C 61 30.40 -0.79 -0.69
CA GLU C 61 30.99 -2.06 -0.27
C GLU C 61 32.46 -1.88 0.05
N PHE C 62 33.15 -1.01 -0.70
CA PHE C 62 34.56 -0.77 -0.45
C PHE C 62 34.76 -0.13 0.93
N ASP C 63 33.96 0.90 1.23
CA ASP C 63 34.09 1.57 2.51
C ASP C 63 33.76 0.63 3.66
N LYS C 64 32.85 -0.31 3.45
CA LYS C 64 32.53 -1.23 4.53
C LYS C 64 33.69 -2.21 4.77
N ALA C 65 34.38 -2.65 3.70
CA ALA C 65 35.48 -3.58 3.89
C ALA C 65 36.69 -2.87 4.51
N MET C 66 36.97 -1.65 4.05
CA MET C 66 38.02 -0.84 4.67
C MET C 66 37.80 -0.67 6.17
N SER C 67 36.58 -0.34 6.56
CA SER C 67 36.33 -0.07 7.96
C SER C 67 36.23 -1.33 8.80
N LEU C 68 35.84 -2.46 8.17
CA LEU C 68 35.80 -3.71 8.92
C LEU C 68 37.21 -4.26 9.13
N ALA C 69 38.12 -3.97 8.20
CA ALA C 69 39.51 -4.40 8.36
C ALA C 69 40.19 -3.60 9.44
N GLU C 70 39.85 -2.32 9.52
CA GLU C 70 40.44 -1.46 10.53
C GLU C 70 39.92 -1.80 11.93
N GLU C 71 38.62 -2.08 12.04
CA GLU C 71 38.07 -2.44 13.34
C GLU C 71 38.48 -3.84 13.77
N LEU C 72 38.95 -4.68 12.85
CA LEU C 72 39.54 -5.93 13.27
C LEU C 72 40.95 -5.74 13.81
N GLY C 73 41.51 -4.55 13.63
CA GLY C 73 42.83 -4.23 14.10
C GLY C 73 43.91 -4.39 13.08
N ALA C 74 43.57 -4.43 11.80
CA ALA C 74 44.58 -4.60 10.77
C ALA C 74 44.98 -3.26 10.18
N ASN C 75 46.21 -3.18 9.69
CA ASN C 75 46.60 -2.09 8.82
C ASN C 75 46.00 -2.39 7.46
N VAL C 76 45.21 -1.47 6.93
CA VAL C 76 44.47 -1.74 5.72
C VAL C 76 44.81 -0.70 4.66
N GLN C 77 44.88 -1.17 3.42
CA GLN C 77 45.31 -0.36 2.28
C GLN C 77 44.29 -0.51 1.16
N GLY C 78 43.82 0.61 0.63
CA GLY C 78 42.99 0.58 -0.55
C GLY C 78 43.85 0.58 -1.81
N THR C 79 43.43 -0.23 -2.80
CA THR C 79 44.04 -0.19 -4.12
C THR C 79 42.94 -0.11 -5.18
N THR C 80 43.16 0.70 -6.21
CA THR C 80 42.15 0.92 -7.24
C THR C 80 42.54 0.16 -8.48
N LEU C 81 41.64 -0.68 -8.99
CA LEU C 81 41.86 -1.44 -10.21
C LEU C 81 41.04 -0.84 -11.35
N ASP C 82 41.64 -0.82 -12.54
CA ASP C 82 40.98 -0.32 -13.74
C ASP C 82 40.59 -1.52 -14.60
N TYR C 83 39.50 -2.18 -14.20
CA TYR C 83 39.06 -3.39 -14.90
C TYR C 83 38.67 -3.12 -16.35
N LEU C 84 38.08 -1.96 -16.66
CA LEU C 84 37.63 -1.69 -18.02
C LEU C 84 38.78 -1.57 -19.04
N SER C 85 40.04 -1.60 -18.59
CA SER C 85 41.13 -1.52 -19.55
C SER C 85 41.50 -2.89 -20.13
N ASP C 86 40.98 -3.98 -19.58
CA ASP C 86 41.04 -5.29 -20.22
C ASP C 86 39.79 -5.48 -21.08
N ASP C 87 39.98 -5.80 -22.36
CA ASP C 87 38.84 -5.88 -23.27
C ASP C 87 37.96 -7.08 -22.97
N HIS C 88 38.52 -8.13 -22.36
CA HIS C 88 37.67 -9.26 -21.97
C HIS C 88 36.61 -8.83 -20.98
N ILE C 89 36.97 -7.95 -20.03
CA ILE C 89 35.98 -7.41 -19.11
C ILE C 89 35.08 -6.40 -19.80
N LYS C 90 35.68 -5.51 -20.59
CA LYS C 90 34.91 -4.43 -21.22
C LYS C 90 33.84 -4.99 -22.17
N ASN C 91 34.10 -6.11 -22.82
CA ASN C 91 33.15 -6.69 -23.75
C ASN C 91 32.26 -7.75 -23.11
N ASN C 92 32.33 -7.89 -21.79
CA ASN C 92 31.35 -8.64 -20.99
C ASN C 92 31.11 -10.05 -21.55
N THR C 93 32.20 -10.79 -21.68
CA THR C 93 32.17 -12.19 -22.08
C THR C 93 32.10 -13.10 -20.87
N PRO C 94 31.80 -14.38 -21.07
CA PRO C 94 31.72 -15.29 -19.91
C PRO C 94 33.03 -15.52 -19.18
N ASP C 95 34.18 -15.30 -19.82
CA ASP C 95 35.46 -15.45 -19.14
C ASP C 95 35.97 -14.14 -18.50
N SER C 96 35.13 -13.11 -18.39
CA SER C 96 35.65 -11.83 -17.90
C SER C 96 36.03 -11.90 -16.43
N TRP C 97 35.35 -12.72 -15.61
CA TRP C 97 35.79 -12.80 -14.21
C TRP C 97 37.23 -13.29 -14.12
N TYR C 98 37.64 -14.16 -15.05
CA TYR C 98 39.00 -14.67 -14.99
C TYR C 98 39.99 -13.53 -15.25
N TYR C 99 39.73 -12.72 -16.28
CA TYR C 99 40.65 -11.61 -16.54
C TYR C 99 40.59 -10.56 -15.43
N ALA C 100 39.43 -10.42 -14.78
CA ALA C 100 39.39 -9.50 -13.66
C ALA C 100 40.22 -10.01 -12.48
N LYS C 101 40.11 -11.32 -12.18
CA LYS C 101 40.88 -11.82 -11.04
C LYS C 101 42.38 -11.91 -11.36
N LYS C 102 42.74 -12.04 -12.63
CA LYS C 102 44.16 -11.98 -12.95
C LYS C 102 44.66 -10.57 -12.72
N MET C 103 43.87 -9.56 -13.09
CA MET C 103 44.29 -8.19 -12.85
C MET C 103 44.44 -7.91 -11.36
N PHE C 104 43.54 -8.50 -10.56
CA PHE C 104 43.52 -8.32 -9.12
C PHE C 104 44.74 -8.96 -8.47
N TYR C 105 45.02 -10.23 -8.82
CA TYR C 105 46.15 -10.92 -8.21
C TYR C 105 47.49 -10.34 -8.66
N SER C 106 47.55 -9.72 -9.83
CA SER C 106 48.82 -9.13 -10.18
C SER C 106 49.05 -7.82 -9.43
N ARG C 107 47.98 -7.10 -9.08
CA ARG C 107 48.16 -5.91 -8.26
C ARG C 107 48.56 -6.29 -6.84
N LEU C 108 48.00 -7.40 -6.32
CA LEU C 108 48.31 -7.80 -4.95
C LEU C 108 49.75 -8.30 -4.83
N ASN C 109 50.25 -8.98 -5.85
CA ASN C 109 51.64 -9.41 -5.82
C ASN C 109 52.58 -8.21 -5.83
N ASP C 110 52.24 -7.17 -6.57
CA ASP C 110 53.10 -5.99 -6.53
C ASP C 110 53.08 -5.35 -5.14
N ILE C 111 51.93 -5.39 -4.45
CA ILE C 111 51.85 -4.82 -3.11
C ILE C 111 52.65 -5.66 -2.12
N ALA C 112 52.63 -6.99 -2.26
CA ALA C 112 53.43 -7.85 -1.39
C ALA C 112 54.93 -7.70 -1.66
N ALA C 113 55.30 -7.52 -2.92
CA ALA C 113 56.70 -7.29 -3.26
C ALA C 113 57.22 -6.03 -2.59
N ASN C 114 56.45 -4.95 -2.66
CA ASN C 114 56.93 -3.66 -2.17
C ASN C 114 56.81 -3.49 -0.65
N ASN C 115 56.11 -4.39 0.04
CA ASN C 115 56.10 -4.37 1.50
C ASN C 115 56.75 -5.60 2.11
N GLY C 116 57.38 -6.44 1.28
CA GLY C 116 58.13 -7.54 1.83
C GLY C 116 57.33 -8.68 2.41
N SER C 117 56.10 -8.87 1.98
CA SER C 117 55.38 -10.03 2.50
C SER C 117 55.81 -11.27 1.72
N ALA C 118 55.66 -12.42 2.35
CA ALA C 118 56.03 -13.66 1.67
C ALA C 118 54.94 -14.19 0.77
N ALA C 119 53.68 -13.82 1.00
CA ALA C 119 52.56 -14.38 0.25
C ALA C 119 51.39 -13.42 0.25
N VAL C 120 50.56 -13.59 -0.77
CA VAL C 120 49.23 -13.01 -0.82
C VAL C 120 48.25 -14.08 -0.37
N LEU C 121 47.37 -13.74 0.58
CA LEU C 121 46.36 -14.65 1.08
C LEU C 121 44.95 -14.19 0.68
N ASP C 122 44.13 -15.15 0.28
CA ASP C 122 42.72 -14.89 0.05
C ASP C 122 41.89 -15.83 0.91
N GLY C 123 40.57 -15.69 0.85
CA GLY C 123 39.72 -16.46 1.75
C GLY C 123 38.98 -17.63 1.16
N MET C 124 39.54 -18.28 0.16
CA MET C 124 38.80 -19.35 -0.47
C MET C 124 38.87 -20.62 0.35
N ILE C 125 37.72 -21.30 0.44
CA ILE C 125 37.57 -22.49 1.26
C ILE C 125 37.37 -23.69 0.35
N LYS C 126 37.19 -24.88 0.94
CA LYS C 126 37.08 -26.09 0.15
C LYS C 126 35.75 -26.14 -0.58
N LEU C 136 38.97 -19.86 -10.21
CA LEU C 136 40.06 -20.31 -9.33
C LEU C 136 41.39 -20.57 -10.06
N LYS C 137 41.40 -20.43 -11.39
CA LYS C 137 42.62 -20.68 -12.16
C LYS C 137 43.61 -19.53 -12.04
N ALA C 138 43.11 -18.28 -11.95
CA ALA C 138 43.98 -17.12 -11.84
C ALA C 138 44.62 -16.99 -10.45
N ARG C 139 44.01 -17.58 -9.42
CA ARG C 139 44.65 -17.64 -8.10
C ARG C 139 46.00 -18.33 -8.19
N SER C 140 46.05 -19.51 -8.82
CA SER C 140 47.29 -20.30 -8.84
C SER C 140 48.33 -19.69 -9.76
N GLU C 141 47.91 -19.25 -10.95
CA GLU C 141 48.85 -18.64 -11.89
C GLU C 141 49.58 -17.43 -11.29
N ALA C 142 49.08 -16.86 -10.19
CA ALA C 142 49.72 -15.71 -9.55
C ALA C 142 50.32 -16.03 -8.18
N GLY C 143 50.29 -17.30 -7.76
CA GLY C 143 50.97 -17.73 -6.55
C GLY C 143 50.32 -17.34 -5.24
N ALA C 144 49.09 -16.81 -5.26
CA ALA C 144 48.41 -16.54 -4.01
C ALA C 144 48.02 -17.84 -3.32
N ARG C 145 47.87 -17.78 -2.01
CA ARG C 145 47.64 -18.96 -1.18
C ARG C 145 46.28 -18.86 -0.50
N SER C 146 45.54 -19.97 -0.47
CA SER C 146 44.27 -20.03 0.25
C SER C 146 44.44 -20.98 1.43
N LEU C 147 44.88 -20.43 2.57
CA LEU C 147 45.25 -21.26 3.71
C LEU C 147 44.04 -21.96 4.32
N LEU C 148 42.85 -21.33 4.25
CA LEU C 148 41.66 -22.01 4.76
C LEU C 148 41.33 -23.26 3.95
N GLN C 149 41.58 -23.23 2.63
CA GLN C 149 41.36 -24.39 1.77
C GLN C 149 42.44 -25.45 1.95
N GLU C 150 43.69 -25.03 2.18
CA GLU C 150 44.77 -25.99 2.44
C GLU C 150 44.55 -26.71 3.76
N ALA C 151 43.99 -26.04 4.74
CA ALA C 151 43.73 -26.65 6.04
C ALA C 151 42.41 -27.41 6.07
N ASP C 152 41.75 -27.58 4.91
CA ASP C 152 40.50 -28.36 4.77
C ASP C 152 39.32 -27.74 5.51
N PHE C 153 39.21 -26.40 5.51
CA PHE C 153 38.04 -25.76 6.09
C PHE C 153 36.85 -25.88 5.15
N PHE C 154 35.69 -26.29 5.68
CA PHE C 154 34.43 -26.14 4.98
C PHE C 154 33.66 -24.97 5.58
N LYS C 155 32.57 -24.55 4.92
CA LYS C 155 31.82 -23.39 5.41
C LYS C 155 31.41 -23.57 6.86
N THR C 156 31.17 -24.81 7.30
CA THR C 156 30.92 -25.04 8.73
C THR C 156 32.19 -24.87 9.57
N ASP C 157 33.35 -25.26 9.05
CA ASP C 157 34.57 -25.03 9.80
C ASP C 157 34.82 -23.54 9.97
N VAL C 158 34.54 -22.77 8.90
CA VAL C 158 34.72 -21.33 8.97
C VAL C 158 33.76 -20.73 10.00
N ARG C 159 32.51 -21.17 10.02
CA ARG C 159 31.53 -20.59 10.98
C ARG C 159 31.98 -20.94 12.40
N ALA C 160 32.42 -22.17 12.57
CA ALA C 160 32.83 -22.66 13.87
C ALA C 160 34.05 -21.90 14.40
N LEU C 161 35.08 -21.72 13.58
CA LEU C 161 36.25 -21.05 14.09
C LEU C 161 35.98 -19.56 14.31
N ALA C 162 35.11 -18.96 13.47
CA ALA C 162 34.77 -17.55 13.65
C ALA C 162 34.03 -17.31 14.95
N GLN C 163 33.21 -18.27 15.39
CA GLN C 163 32.53 -18.14 16.67
C GLN C 163 33.54 -18.21 17.80
N GLU C 164 34.43 -19.20 17.73
CA GLU C 164 35.43 -19.38 18.77
C GLU C 164 36.34 -18.17 18.91
N LEU C 165 36.59 -17.43 17.84
CA LEU C 165 37.37 -16.22 17.95
C LEU C 165 36.50 -15.01 18.20
N GLY C 166 35.20 -15.21 18.38
CA GLY C 166 34.34 -14.08 18.66
C GLY C 166 34.08 -13.18 17.48
N LEU C 167 34.22 -13.67 16.27
CA LEU C 167 33.90 -12.86 15.11
C LEU C 167 32.39 -12.88 14.90
N THR C 168 31.77 -11.70 14.89
CA THR C 168 30.34 -11.60 14.70
C THR C 168 29.95 -10.74 13.49
N ASN C 169 30.82 -9.81 13.06
CA ASN C 169 30.50 -8.81 12.05
C ASN C 169 31.37 -9.03 10.81
N TRP C 170 30.74 -9.52 9.75
CA TRP C 170 31.33 -9.55 8.42
C TRP C 170 30.28 -9.05 7.45
N ASN C 171 30.70 -8.77 6.22
CA ASN C 171 29.70 -8.41 5.23
C ASN C 171 28.93 -9.67 4.86
N LYS C 172 27.62 -9.68 5.15
CA LYS C 172 26.77 -10.83 4.88
C LYS C 172 26.39 -10.90 3.41
N VAL C 173 25.85 -9.81 2.86
CA VAL C 173 25.45 -9.79 1.45
C VAL C 173 26.71 -9.66 0.57
N ALA C 174 26.90 -10.64 -0.30
CA ALA C 174 28.08 -10.68 -1.18
C ALA C 174 27.88 -9.71 -2.35
N SER C 175 28.73 -8.69 -2.44
CA SER C 175 28.73 -7.83 -3.61
C SER C 175 29.03 -8.65 -4.87
N CYS C 176 28.27 -8.39 -5.93
CA CYS C 176 28.55 -8.96 -7.23
C CYS C 176 28.86 -7.82 -8.17
N SER C 177 29.64 -8.12 -9.19
CA SER C 177 30.06 -7.07 -10.11
C SER C 177 28.87 -6.59 -10.95
N VAL C 178 28.87 -5.28 -11.22
CA VAL C 178 27.82 -4.67 -12.00
C VAL C 178 27.70 -5.28 -13.38
N SER C 179 28.68 -6.06 -13.80
CA SER C 179 28.63 -6.75 -15.08
C SER C 179 27.32 -7.53 -15.26
N SER C 180 26.80 -8.08 -14.17
CA SER C 180 25.58 -8.89 -14.24
C SER C 180 24.33 -8.09 -14.60
N ARG C 181 24.39 -6.77 -14.60
CA ARG C 181 23.26 -5.93 -15.00
C ARG C 181 23.17 -5.73 -16.52
N PHE C 182 24.15 -6.23 -17.28
CA PHE C 182 24.19 -6.05 -18.73
C PHE C 182 24.15 -7.40 -19.41
N PRO C 183 23.43 -7.55 -20.52
CA PRO C 183 23.42 -8.83 -21.23
C PRO C 183 24.82 -9.20 -21.72
N TYR C 184 25.08 -10.51 -21.80
CA TYR C 184 26.35 -10.99 -22.32
C TYR C 184 26.64 -10.37 -23.66
N GLY C 185 27.88 -9.87 -23.80
CA GLY C 185 28.34 -9.24 -25.00
C GLY C 185 28.17 -7.74 -25.04
N THR C 186 27.18 -7.20 -24.35
CA THR C 186 26.99 -5.76 -24.34
C THR C 186 28.22 -5.08 -23.76
N THR C 187 28.67 -4.04 -24.44
CA THR C 187 29.93 -3.40 -24.11
C THR C 187 29.75 -2.46 -22.93
N LEU C 188 30.59 -2.65 -21.91
CA LEU C 188 30.55 -1.78 -20.75
C LEU C 188 31.33 -0.51 -21.03
N THR C 189 30.75 0.62 -20.66
CA THR C 189 31.37 1.93 -20.75
C THR C 189 31.30 2.59 -19.39
N HIS C 190 32.10 3.62 -19.20
CA HIS C 190 32.06 4.33 -17.92
C HIS C 190 30.68 4.90 -17.65
N ASP C 191 29.97 5.34 -18.69
CA ASP C 191 28.68 6.00 -18.51
C ASP C 191 27.55 5.01 -18.22
N ASN C 192 27.50 3.88 -18.92
CA ASN C 192 26.41 2.96 -18.63
C ASN C 192 26.65 2.24 -17.30
N ILE C 193 27.91 2.07 -16.91
CA ILE C 193 28.19 1.55 -15.58
C ILE C 193 27.74 2.55 -14.52
N ALA C 194 28.11 3.82 -14.70
CA ALA C 194 27.73 4.85 -13.73
C ALA C 194 26.21 4.95 -13.62
N GLN C 195 25.53 4.83 -14.75
CA GLN C 195 24.08 4.94 -14.77
C GLN C 195 23.43 3.87 -13.92
N VAL C 196 23.82 2.61 -14.12
CA VAL C 196 23.28 1.51 -13.33
C VAL C 196 23.64 1.68 -11.86
N MET C 197 24.89 2.07 -11.57
CA MET C 197 25.34 2.15 -10.18
C MET C 197 24.65 3.28 -9.43
N ALA C 198 24.45 4.43 -10.09
CA ALA C 198 23.73 5.50 -9.42
C ALA C 198 22.28 5.10 -9.14
N ALA C 199 21.67 4.37 -10.08
CA ALA C 199 20.29 3.95 -9.93
C ALA C 199 20.14 2.97 -8.77
N GLU C 200 21.04 1.98 -8.68
CA GLU C 200 20.98 1.01 -7.58
C GLU C 200 21.28 1.67 -6.24
N LYS C 201 22.23 2.61 -6.22
CA LYS C 201 22.51 3.35 -5.00
C LYS C 201 21.31 4.14 -4.56
N TYR C 202 20.63 4.81 -5.50
CA TYR C 202 19.42 5.53 -5.12
C TYR C 202 18.36 4.59 -4.54
N LEU C 203 18.13 3.44 -5.20
CA LEU C 203 17.13 2.51 -4.72
C LEU C 203 17.47 1.94 -3.35
N ARG C 204 18.75 1.58 -3.11
CA ARG C 204 19.13 1.06 -1.81
C ARG C 204 18.89 2.09 -0.73
N SER C 205 19.11 3.37 -1.04
CA SER C 205 18.89 4.43 -0.06
C SER C 205 17.42 4.59 0.30
N LEU C 206 16.50 4.02 -0.47
CA LEU C 206 15.09 4.11 -0.12
C LEU C 206 14.65 3.00 0.82
N GLY C 207 15.50 2.04 1.14
CA GLY C 207 15.13 0.95 2.00
C GLY C 207 15.08 -0.40 1.32
N PHE C 208 15.72 -0.55 0.17
CA PHE C 208 15.67 -1.79 -0.61
C PHE C 208 17.10 -2.26 -0.79
N PRO C 209 17.66 -2.99 0.20
CA PRO C 209 19.08 -3.36 0.10
C PRO C 209 19.39 -4.33 -1.01
N THR C 210 18.51 -5.26 -1.32
CA THR C 210 18.79 -6.19 -2.41
C THR C 210 17.97 -5.77 -3.64
N VAL C 211 18.65 -5.31 -4.68
CA VAL C 211 17.98 -4.73 -5.84
C VAL C 211 18.90 -4.87 -7.04
N ARG C 212 18.29 -4.98 -8.22
CA ARG C 212 19.02 -5.00 -9.48
C ARG C 212 18.33 -4.07 -10.47
N VAL C 213 19.13 -3.21 -11.10
CA VAL C 213 18.67 -2.38 -12.19
C VAL C 213 19.31 -2.95 -13.45
N ARG C 214 18.55 -3.76 -14.20
CA ARG C 214 19.05 -4.36 -15.42
C ARG C 214 19.01 -3.38 -16.57
N PHE C 215 20.08 -3.35 -17.35
CA PHE C 215 20.25 -2.39 -18.43
C PHE C 215 19.69 -2.94 -19.74
N HIS C 216 18.76 -2.20 -20.33
CA HIS C 216 18.23 -2.53 -21.66
C HIS C 216 18.24 -1.27 -22.52
N ASN C 217 19.42 -0.69 -22.65
CA ASN C 217 19.65 0.58 -23.34
C ASN C 217 18.75 1.68 -22.77
N ASP C 218 17.65 1.99 -23.44
CA ASP C 218 16.81 3.08 -22.96
C ASP C 218 15.80 2.63 -21.91
N ILE C 219 15.72 1.33 -21.63
CA ILE C 219 14.79 0.79 -20.64
C ILE C 219 15.61 0.31 -19.44
N ALA C 220 15.22 0.75 -18.26
CA ALA C 220 15.69 0.17 -17.00
C ALA C 220 14.60 -0.75 -16.47
N ARG C 221 15.00 -1.97 -16.13
CA ARG C 221 14.13 -3.01 -15.61
C ARG C 221 14.57 -3.31 -14.18
N ILE C 222 13.79 -2.86 -13.20
CA ILE C 222 14.13 -2.97 -11.78
C ILE C 222 13.69 -4.33 -11.26
N GLU C 223 14.62 -5.07 -10.64
CA GLU C 223 14.29 -6.31 -9.94
C GLU C 223 14.30 -6.07 -8.42
N LEU C 224 13.18 -6.40 -7.78
CA LEU C 224 12.98 -6.29 -6.35
C LEU C 224 12.45 -7.62 -5.88
N PRO C 225 12.77 -8.05 -4.65
CA PRO C 225 12.08 -9.22 -4.09
C PRO C 225 10.59 -8.96 -4.07
N GLU C 226 9.82 -9.96 -4.51
CA GLU C 226 8.39 -9.77 -4.64
C GLU C 226 7.77 -9.34 -3.31
N ALA C 227 8.29 -9.86 -2.20
CA ALA C 227 7.77 -9.52 -0.89
C ALA C 227 7.97 -8.05 -0.51
N ARG C 228 8.79 -7.30 -1.27
CA ARG C 228 9.01 -5.88 -1.03
C ARG C 228 8.26 -4.96 -2.00
N ILE C 229 7.66 -5.50 -3.07
CA ILE C 229 7.11 -4.63 -4.13
C ILE C 229 5.95 -3.80 -3.60
N GLY C 230 5.13 -4.37 -2.71
CA GLY C 230 4.10 -3.56 -2.06
C GLY C 230 4.65 -2.32 -1.37
N ASP C 231 5.77 -2.47 -0.66
CA ASP C 231 6.40 -1.31 -0.01
C ASP C 231 6.88 -0.29 -1.03
N PHE C 232 7.20 -0.71 -2.24
CA PHE C 232 7.82 0.18 -3.22
C PHE C 232 6.86 1.23 -3.78
N LEU C 233 5.55 1.01 -3.69
CA LEU C 233 4.57 1.81 -4.43
C LEU C 233 4.70 3.30 -4.13
N VAL C 234 4.95 3.66 -2.88
CA VAL C 234 5.07 5.05 -2.46
C VAL C 234 6.24 5.75 -3.13
N PHE C 235 7.10 5.00 -3.81
CA PHE C 235 8.32 5.52 -4.42
C PHE C 235 8.29 5.55 -5.94
N ASN C 236 7.25 5.01 -6.59
CA ASN C 236 7.15 5.01 -8.06
C ASN C 236 7.58 6.32 -8.70
N ASP C 237 6.94 7.43 -8.32
CA ASP C 237 7.18 8.68 -9.04
C ASP C 237 8.61 9.20 -8.84
N ARG C 238 9.14 9.10 -7.61
CA ARG C 238 10.52 9.54 -7.38
C ARG C 238 11.53 8.67 -8.12
N VAL C 239 11.33 7.36 -8.14
CA VAL C 239 12.27 6.46 -8.82
C VAL C 239 12.18 6.68 -10.32
N ASN C 240 10.96 6.83 -10.84
CA ASN C 240 10.78 7.08 -12.26
C ASN C 240 11.56 8.30 -12.72
N ARG C 241 11.41 9.42 -12.01
CA ARG C 241 12.06 10.65 -12.47
C ARG C 241 13.57 10.64 -12.21
N GLN C 242 13.99 10.03 -11.08
CA GLN C 242 15.41 9.98 -10.74
C GLN C 242 16.19 9.15 -11.75
N LEU C 243 15.67 7.98 -12.11
CA LEU C 243 16.35 7.15 -13.09
C LEU C 243 16.23 7.74 -14.50
N GLN C 244 15.22 8.55 -14.76
CA GLN C 244 15.16 9.24 -16.05
C GLN C 244 16.24 10.31 -16.14
N SER C 245 16.43 11.10 -15.08
CA SER C 245 17.53 12.08 -15.07
C SER C 245 18.89 11.41 -15.09
N LEU C 246 19.00 10.13 -14.75
CA LEU C 246 20.26 9.43 -14.96
C LEU C 246 20.44 8.97 -16.41
N GLY C 247 19.44 9.16 -17.28
CA GLY C 247 19.58 8.87 -18.70
C GLY C 247 18.66 7.81 -19.26
N PHE C 248 17.91 7.08 -18.44
CA PHE C 248 16.98 6.08 -18.95
C PHE C 248 15.74 6.77 -19.50
N ARG C 249 15.17 6.21 -20.57
CA ARG C 249 13.96 6.82 -21.07
C ARG C 249 12.73 6.24 -20.40
N TYR C 250 12.73 4.93 -20.17
CA TYR C 250 11.65 4.22 -19.51
C TYR C 250 12.18 3.53 -18.27
N VAL C 251 11.48 3.71 -17.15
CA VAL C 251 11.84 3.11 -15.87
C VAL C 251 10.75 2.12 -15.53
N THR C 252 11.10 0.84 -15.41
CA THR C 252 10.10 -0.20 -15.26
C THR C 252 10.45 -1.11 -14.09
N LEU C 253 9.43 -1.84 -13.63
CA LEU C 253 9.55 -2.74 -12.50
C LEU C 253 9.24 -4.16 -13.00
N ASP C 254 10.18 -5.07 -12.83
CA ASP C 254 9.96 -6.43 -13.33
C ASP C 254 8.85 -7.09 -12.53
N LEU C 255 7.82 -7.58 -13.24
CA LEU C 255 6.76 -8.24 -12.52
C LEU C 255 7.20 -9.58 -11.96
N GLY C 256 8.28 -10.15 -12.52
CA GLY C 256 8.81 -11.40 -12.01
C GLY C 256 9.55 -11.28 -10.69
N GLY C 257 10.06 -10.10 -10.37
CA GLY C 257 10.79 -9.94 -9.14
C GLY C 257 12.28 -10.18 -9.29
N PHE C 258 12.92 -10.34 -8.15
CA PHE C 258 14.36 -10.53 -8.11
C PHE C 258 14.74 -11.87 -8.76
N ARG C 259 15.58 -11.79 -9.78
CA ARG C 259 16.03 -12.96 -10.57
C ARG C 259 14.79 -13.76 -10.99
N THR D 3 -32.93 -1.28 -34.40
CA THR D 3 -32.92 0.01 -33.69
C THR D 3 -33.81 -0.02 -32.46
N LEU D 4 -33.59 0.94 -31.55
CA LEU D 4 -34.39 1.05 -30.34
C LEU D 4 -35.83 1.46 -30.61
N ALA D 5 -36.06 2.32 -31.62
CA ALA D 5 -37.42 2.69 -31.99
C ALA D 5 -38.19 1.50 -32.53
N THR D 6 -37.51 0.65 -33.31
CA THR D 6 -38.13 -0.58 -33.81
C THR D 6 -38.43 -1.55 -32.68
N LYS D 7 -37.52 -1.65 -31.70
CA LYS D 7 -37.68 -2.58 -30.58
C LYS D 7 -38.82 -2.19 -29.64
N LYS D 8 -38.98 -0.89 -29.37
CA LYS D 8 -40.02 -0.40 -28.47
C LYS D 8 -41.41 -0.53 -29.10
N ALA D 9 -41.51 -0.37 -30.43
CA ALA D 9 -42.77 -0.61 -31.11
C ALA D 9 -43.20 -2.07 -30.96
N THR D 10 -42.25 -3.00 -31.11
CA THR D 10 -42.53 -4.42 -30.88
C THR D 10 -42.97 -4.66 -29.44
N LEU D 11 -42.31 -4.01 -28.49
CA LEU D 11 -42.59 -4.27 -27.07
C LEU D 11 -43.94 -3.71 -26.65
N VAL D 12 -44.26 -2.48 -27.09
CA VAL D 12 -45.58 -1.91 -26.81
C VAL D 12 -46.67 -2.69 -27.54
N ALA D 13 -46.40 -3.07 -28.80
CA ALA D 13 -47.36 -3.87 -29.54
C ALA D 13 -47.65 -5.19 -28.81
N ALA D 14 -46.60 -5.90 -28.41
CA ALA D 14 -46.78 -7.13 -27.66
C ALA D 14 -47.50 -6.87 -26.34
N LEU D 15 -47.19 -5.74 -25.70
CA LEU D 15 -47.83 -5.37 -24.45
C LEU D 15 -49.27 -4.90 -24.68
N LYS D 16 -49.53 -4.23 -25.81
CA LYS D 16 -50.85 -3.70 -26.10
C LYS D 16 -51.91 -4.79 -26.15
N ASP D 17 -51.50 -6.03 -26.44
CA ASP D 17 -52.42 -7.17 -26.43
C ASP D 17 -52.90 -7.54 -25.02
N LEU D 18 -52.06 -7.34 -24.00
CA LEU D 18 -52.35 -7.95 -22.68
C LEU D 18 -53.43 -7.26 -21.88
N GLN D 19 -53.58 -5.93 -21.99
CA GLN D 19 -54.71 -5.19 -21.41
C GLN D 19 -54.64 -5.04 -19.88
N ARG D 20 -54.53 -6.14 -19.13
CA ARG D 20 -54.33 -6.08 -17.68
C ARG D 20 -53.10 -6.91 -17.33
N VAL D 21 -52.16 -6.31 -16.58
CA VAL D 21 -50.89 -6.96 -16.28
C VAL D 21 -50.56 -6.83 -14.81
N THR D 22 -49.85 -7.83 -14.30
CA THR D 22 -49.17 -7.79 -13.02
C THR D 22 -47.67 -7.95 -13.27
N VAL D 23 -46.87 -7.02 -12.76
CA VAL D 23 -45.44 -6.94 -13.08
C VAL D 23 -44.63 -7.36 -11.86
N ALA D 24 -43.83 -8.41 -12.01
CA ALA D 24 -42.86 -8.80 -10.98
C ALA D 24 -41.73 -7.78 -10.98
N PHE D 25 -41.67 -6.96 -9.95
CA PHE D 25 -40.82 -5.77 -9.94
C PHE D 25 -39.62 -6.02 -9.04
N SER D 26 -38.44 -6.15 -9.67
CA SER D 26 -37.18 -6.38 -8.95
C SER D 26 -36.66 -5.15 -8.22
N GLY D 27 -36.85 -3.96 -8.80
CA GLY D 27 -36.14 -2.78 -8.39
C GLY D 27 -34.95 -2.48 -9.27
N GLY D 28 -34.54 -3.45 -10.08
CA GLY D 28 -33.49 -3.25 -11.06
C GLY D 28 -34.03 -2.48 -12.24
N ILE D 29 -33.14 -2.19 -13.18
CA ILE D 29 -33.54 -1.30 -14.27
C ILE D 29 -34.47 -2.01 -15.26
N ASP D 30 -34.25 -3.32 -15.51
CA ASP D 30 -35.05 -4.02 -16.52
C ASP D 30 -36.50 -4.18 -16.08
N SER D 31 -36.73 -4.55 -14.82
CA SER D 31 -38.09 -4.58 -14.33
C SER D 31 -38.64 -3.17 -14.16
N THR D 32 -37.75 -2.17 -14.03
CA THR D 32 -38.18 -0.78 -14.00
C THR D 32 -38.64 -0.33 -15.38
N LEU D 33 -37.98 -0.79 -16.44
CA LEU D 33 -38.43 -0.46 -17.79
C LEU D 33 -39.81 -1.07 -18.05
N VAL D 34 -40.01 -2.33 -17.70
CA VAL D 34 -41.30 -2.95 -17.97
C VAL D 34 -42.41 -2.30 -17.16
N LEU D 35 -42.15 -1.96 -15.90
CA LEU D 35 -43.24 -1.45 -15.07
C LEU D 35 -43.76 -0.11 -15.57
N LYS D 36 -42.86 0.81 -15.90
CA LYS D 36 -43.22 2.15 -16.34
C LYS D 36 -43.62 2.20 -17.81
N MET D 37 -43.12 1.28 -18.64
CA MET D 37 -43.64 1.24 -19.99
C MET D 37 -45.01 0.60 -20.01
N ALA D 38 -45.24 -0.40 -19.15
CA ALA D 38 -46.58 -0.98 -19.03
C ALA D 38 -47.56 0.06 -18.51
N LEU D 39 -47.14 0.87 -17.55
CA LEU D 39 -47.99 1.95 -17.07
C LEU D 39 -48.27 2.94 -18.20
N ASP D 40 -47.27 3.18 -19.04
CA ASP D 40 -47.40 4.15 -20.12
C ASP D 40 -48.45 3.74 -21.14
N VAL D 41 -48.61 2.43 -21.37
CA VAL D 41 -49.50 1.96 -22.43
C VAL D 41 -50.87 1.54 -21.89
N LEU D 42 -50.94 1.08 -20.64
CA LEU D 42 -52.19 0.57 -20.11
C LEU D 42 -52.75 1.37 -18.95
N GLY D 43 -52.00 2.33 -18.40
CA GLY D 43 -52.48 3.17 -17.33
C GLY D 43 -52.37 2.60 -15.93
N ARG D 44 -52.26 3.50 -14.96
CA ARG D 44 -52.01 3.14 -13.56
C ARG D 44 -52.99 2.08 -13.05
N ASP D 45 -54.25 2.18 -13.45
CA ASP D 45 -55.28 1.31 -12.89
C ASP D 45 -55.26 -0.09 -13.48
N ASN D 46 -54.52 -0.34 -14.56
CA ASN D 46 -54.45 -1.68 -15.15
C ASN D 46 -53.09 -2.35 -14.98
N VAL D 47 -52.21 -1.81 -14.15
CA VAL D 47 -50.89 -2.36 -13.91
C VAL D 47 -50.73 -2.51 -12.40
N THR D 48 -50.37 -3.70 -11.96
CA THR D 48 -50.04 -3.95 -10.55
C THR D 48 -48.57 -4.34 -10.44
N ALA D 49 -47.79 -3.54 -9.71
CA ALA D 49 -46.41 -3.88 -9.39
C ALA D 49 -46.36 -4.68 -8.11
N VAL D 50 -45.70 -5.85 -8.17
CA VAL D 50 -45.51 -6.71 -7.01
C VAL D 50 -44.00 -6.89 -6.78
N VAL D 51 -43.57 -6.63 -5.55
CA VAL D 51 -42.21 -6.91 -5.12
C VAL D 51 -42.29 -7.91 -3.98
N ALA D 52 -41.51 -8.98 -4.09
CA ALA D 52 -41.51 -10.02 -3.09
C ALA D 52 -40.59 -9.70 -1.91
N ASN D 53 -41.09 -9.96 -0.71
CA ASN D 53 -40.32 -9.84 0.52
C ASN D 53 -40.14 -11.22 1.11
N SER D 54 -38.89 -11.59 1.40
CA SER D 54 -38.60 -12.95 1.87
C SER D 54 -37.32 -12.92 2.68
N GLU D 55 -37.04 -14.04 3.36
CA GLU D 55 -35.85 -14.14 4.17
C GLU D 55 -34.57 -14.23 3.35
N LEU D 56 -34.66 -14.59 2.07
CA LEU D 56 -33.45 -14.82 1.29
C LEU D 56 -32.96 -13.58 0.55
N PHE D 57 -33.59 -12.43 0.72
CA PHE D 57 -33.14 -11.21 0.06
C PHE D 57 -33.17 -10.07 1.07
N THR D 58 -32.49 -8.98 0.75
CA THR D 58 -32.32 -7.96 1.79
C THR D 58 -33.57 -7.11 1.97
N ASP D 59 -33.78 -6.66 3.21
CA ASP D 59 -34.82 -5.68 3.48
C ASP D 59 -34.59 -4.41 2.69
N GLU D 60 -33.33 -4.04 2.48
CA GLU D 60 -33.04 -2.83 1.72
C GLU D 60 -33.52 -2.95 0.29
N GLU D 61 -33.26 -4.08 -0.37
CA GLU D 61 -33.71 -4.28 -1.74
C GLU D 61 -35.22 -4.24 -1.84
N PHE D 62 -35.91 -4.78 -0.83
CA PHE D 62 -37.36 -4.72 -0.79
C PHE D 62 -37.85 -3.28 -0.60
N ASP D 63 -37.34 -2.59 0.43
CA ASP D 63 -37.81 -1.25 0.72
C ASP D 63 -37.48 -0.27 -0.39
N LYS D 64 -36.37 -0.49 -1.10
CA LYS D 64 -36.04 0.39 -2.22
C LYS D 64 -36.95 0.15 -3.41
N ALA D 65 -37.33 -1.10 -3.65
CA ALA D 65 -38.14 -1.41 -4.83
C ALA D 65 -39.60 -0.97 -4.65
N MET D 66 -40.15 -1.16 -3.45
CA MET D 66 -41.50 -0.69 -3.15
C MET D 66 -41.64 0.80 -3.45
N SER D 67 -40.69 1.60 -2.97
CA SER D 67 -40.78 3.04 -3.19
C SER D 67 -40.41 3.39 -4.62
N LEU D 68 -39.63 2.53 -5.27
CA LEU D 68 -39.27 2.81 -6.66
C LEU D 68 -40.44 2.56 -7.60
N ALA D 69 -41.36 1.67 -7.22
CA ALA D 69 -42.50 1.45 -8.10
C ALA D 69 -43.53 2.57 -8.02
N GLU D 70 -43.73 3.12 -6.82
CA GLU D 70 -44.67 4.27 -6.70
C GLU D 70 -44.02 5.44 -7.44
N GLU D 71 -42.74 5.61 -7.20
CA GLU D 71 -42.00 6.71 -7.78
C GLU D 71 -42.09 6.65 -9.31
N LEU D 72 -42.40 5.46 -9.83
CA LEU D 72 -42.79 5.29 -11.21
C LEU D 72 -44.28 5.56 -11.44
N GLY D 73 -45.08 5.60 -10.38
CA GLY D 73 -46.49 5.85 -10.47
C GLY D 73 -47.41 4.64 -10.50
N ALA D 74 -46.97 3.49 -10.00
CA ALA D 74 -47.79 2.29 -10.04
C ALA D 74 -48.47 2.03 -8.70
N ASN D 75 -49.59 1.30 -8.76
CA ASN D 75 -50.13 0.69 -7.54
C ASN D 75 -49.24 -0.51 -7.22
N VAL D 76 -48.67 -0.53 -6.03
CA VAL D 76 -47.65 -1.51 -5.70
C VAL D 76 -48.09 -2.33 -4.50
N GLN D 77 -47.81 -3.62 -4.54
CA GLN D 77 -48.26 -4.56 -3.55
C GLN D 77 -47.06 -5.35 -3.07
N GLY D 78 -46.87 -5.40 -1.75
CA GLY D 78 -45.89 -6.28 -1.15
C GLY D 78 -46.52 -7.63 -0.88
N THR D 79 -45.78 -8.69 -1.21
CA THR D 79 -46.20 -10.03 -0.84
C THR D 79 -45.01 -10.75 -0.20
N THR D 80 -45.28 -11.47 0.89
CA THR D 80 -44.22 -12.13 1.64
C THR D 80 -44.26 -13.62 1.39
N LEU D 81 -43.11 -14.18 0.98
CA LEU D 81 -42.98 -15.60 0.72
C LEU D 81 -42.18 -16.21 1.84
N ASP D 82 -42.59 -17.40 2.25
CA ASP D 82 -41.91 -18.15 3.28
C ASP D 82 -41.15 -19.28 2.57
N TYR D 83 -39.99 -18.91 2.03
CA TYR D 83 -39.17 -19.87 1.29
C TYR D 83 -38.70 -21.00 2.20
N LEU D 84 -38.39 -20.68 3.46
CA LEU D 84 -37.84 -21.69 4.36
C LEU D 84 -38.83 -22.80 4.73
N SER D 85 -40.12 -22.68 4.35
CA SER D 85 -41.09 -23.72 4.63
C SER D 85 -41.12 -24.80 3.55
N ASP D 86 -40.41 -24.61 2.45
CA ASP D 86 -40.16 -25.69 1.50
C ASP D 86 -38.92 -26.45 1.97
N ASP D 87 -39.03 -27.76 2.13
CA ASP D 87 -37.96 -28.52 2.75
C ASP D 87 -36.72 -28.55 1.87
N HIS D 88 -36.89 -28.45 0.55
CA HIS D 88 -35.74 -28.36 -0.33
C HIS D 88 -34.96 -27.08 -0.08
N ILE D 89 -35.68 -25.96 0.11
CA ILE D 89 -34.99 -24.69 0.38
C ILE D 89 -34.40 -24.71 1.77
N LYS D 90 -35.16 -25.19 2.76
CA LYS D 90 -34.72 -25.15 4.14
C LYS D 90 -33.44 -25.94 4.34
N ASN D 91 -33.27 -27.04 3.62
CA ASN D 91 -32.06 -27.87 3.74
C ASN D 91 -31.06 -27.62 2.61
N ASN D 92 -31.27 -26.60 1.80
CA ASN D 92 -30.31 -26.12 0.82
C ASN D 92 -29.81 -27.25 -0.06
N THR D 93 -30.75 -27.87 -0.77
CA THR D 93 -30.40 -28.88 -1.74
C THR D 93 -29.93 -28.17 -3.00
N PRO D 94 -29.19 -28.85 -3.88
CA PRO D 94 -28.72 -28.20 -5.09
C PRO D 94 -29.84 -27.85 -6.08
N ASP D 95 -30.98 -28.51 -6.01
CA ASP D 95 -32.11 -28.18 -6.86
C ASP D 95 -33.01 -27.11 -6.25
N SER D 96 -32.59 -26.50 -5.13
CA SER D 96 -33.47 -25.66 -4.33
C SER D 96 -33.85 -24.37 -5.05
N TRP D 97 -33.01 -23.90 -5.98
CA TRP D 97 -33.41 -22.77 -6.81
C TRP D 97 -34.71 -23.05 -7.53
N TYR D 98 -34.98 -24.33 -7.85
CA TYR D 98 -36.17 -24.69 -8.59
C TYR D 98 -37.42 -24.52 -7.75
N TYR D 99 -37.41 -25.06 -6.53
CA TYR D 99 -38.60 -24.97 -5.67
C TYR D 99 -38.85 -23.55 -5.19
N ALA D 100 -37.79 -22.74 -5.05
CA ALA D 100 -37.99 -21.34 -4.69
C ALA D 100 -38.66 -20.57 -5.80
N LYS D 101 -38.21 -20.79 -7.03
CA LYS D 101 -38.82 -20.09 -8.15
C LYS D 101 -40.20 -20.64 -8.45
N LYS D 102 -40.46 -21.89 -8.05
CA LYS D 102 -41.82 -22.44 -8.16
C LYS D 102 -42.76 -21.77 -7.18
N MET D 103 -42.31 -21.55 -5.95
CA MET D 103 -43.12 -20.84 -4.97
C MET D 103 -43.37 -19.40 -5.37
N PHE D 104 -42.36 -18.74 -5.93
CA PHE D 104 -42.48 -17.34 -6.29
C PHE D 104 -43.47 -17.14 -7.44
N TYR D 105 -43.33 -17.91 -8.51
CA TYR D 105 -44.17 -17.67 -9.68
C TYR D 105 -45.61 -18.07 -9.44
N SER D 106 -45.86 -18.98 -8.51
CA SER D 106 -47.25 -19.32 -8.20
C SER D 106 -47.90 -18.25 -7.33
N ARG D 107 -47.13 -17.56 -6.48
CA ARG D 107 -47.69 -16.46 -5.72
C ARG D 107 -48.07 -15.30 -6.63
N LEU D 108 -47.25 -15.03 -7.64
CA LEU D 108 -47.56 -13.95 -8.56
C LEU D 108 -48.67 -14.34 -9.53
N ASN D 109 -48.68 -15.61 -9.98
CA ASN D 109 -49.79 -16.07 -10.82
C ASN D 109 -51.09 -16.09 -10.03
N ASP D 110 -51.01 -16.46 -8.75
CA ASP D 110 -52.17 -16.39 -7.86
C ASP D 110 -52.60 -14.95 -7.61
N ILE D 111 -51.65 -14.02 -7.55
CA ILE D 111 -52.02 -12.61 -7.43
C ILE D 111 -52.60 -12.10 -8.74
N ALA D 112 -52.10 -12.60 -9.88
CA ALA D 112 -52.61 -12.19 -11.20
C ALA D 112 -54.03 -12.70 -11.46
N ALA D 113 -54.35 -13.89 -10.92
CA ALA D 113 -55.73 -14.39 -11.02
C ALA D 113 -56.72 -13.45 -10.34
N ASN D 114 -56.40 -12.96 -9.13
CA ASN D 114 -57.28 -12.05 -8.41
C ASN D 114 -57.07 -10.58 -8.75
N ASN D 115 -56.08 -10.24 -9.58
CA ASN D 115 -55.96 -8.89 -10.10
C ASN D 115 -56.52 -8.80 -11.50
N GLY D 116 -57.14 -9.88 -11.98
CA GLY D 116 -57.78 -9.82 -13.27
C GLY D 116 -56.77 -9.60 -14.37
N SER D 117 -55.53 -9.92 -14.10
CA SER D 117 -54.47 -9.72 -15.06
C SER D 117 -54.37 -10.88 -16.04
N ALA D 118 -53.89 -10.57 -17.24
CA ALA D 118 -53.71 -11.53 -18.30
C ALA D 118 -52.35 -12.21 -18.25
N ALA D 119 -51.38 -11.64 -17.54
CA ALA D 119 -50.03 -12.18 -17.53
C ALA D 119 -49.28 -11.66 -16.31
N VAL D 120 -48.21 -12.40 -15.96
CA VAL D 120 -47.14 -11.93 -15.09
C VAL D 120 -45.95 -11.53 -15.97
N LEU D 121 -45.38 -10.35 -15.72
CA LEU D 121 -44.25 -9.83 -16.48
C LEU D 121 -43.00 -9.74 -15.61
N ASP D 122 -41.86 -10.15 -16.16
CA ASP D 122 -40.58 -9.95 -15.46
C ASP D 122 -39.59 -9.24 -16.35
N GLY D 123 -38.42 -8.92 -15.78
CA GLY D 123 -37.40 -8.13 -16.45
C GLY D 123 -36.16 -8.84 -16.93
N MET D 124 -36.27 -10.08 -17.37
CA MET D 124 -35.09 -10.82 -17.79
C MET D 124 -34.67 -10.44 -19.21
N ILE D 125 -33.36 -10.40 -19.43
CA ILE D 125 -32.81 -9.87 -20.66
C ILE D 125 -32.30 -10.99 -21.57
N ALA D 144 -44.51 -17.06 -17.03
CA ALA D 144 -44.03 -15.69 -16.98
C ALA D 144 -43.37 -15.29 -18.30
N ARG D 145 -43.66 -14.08 -18.76
CA ARG D 145 -43.20 -13.57 -20.05
C ARG D 145 -42.15 -12.49 -19.84
N SER D 146 -41.00 -12.65 -20.51
CA SER D 146 -39.96 -11.62 -20.51
C SER D 146 -40.01 -10.89 -21.85
N LEU D 147 -40.97 -9.96 -21.96
CA LEU D 147 -41.16 -9.25 -23.22
C LEU D 147 -39.93 -8.44 -23.59
N LEU D 148 -39.14 -8.00 -22.60
CA LEU D 148 -37.87 -7.33 -22.90
C LEU D 148 -36.90 -8.29 -23.59
N GLN D 149 -36.90 -9.56 -23.20
CA GLN D 149 -36.09 -10.56 -23.88
C GLN D 149 -36.64 -10.85 -25.28
N GLU D 150 -37.96 -10.75 -25.45
CA GLU D 150 -38.59 -10.95 -26.76
C GLU D 150 -38.26 -9.85 -27.76
N ALA D 151 -38.11 -8.62 -27.32
CA ALA D 151 -37.82 -7.53 -28.24
C ALA D 151 -36.34 -7.40 -28.58
N ASP D 152 -35.50 -8.33 -28.10
CA ASP D 152 -34.05 -8.32 -28.36
C ASP D 152 -33.37 -7.10 -27.76
N PHE D 153 -33.78 -6.76 -26.53
CA PHE D 153 -33.12 -5.71 -25.77
C PHE D 153 -31.79 -6.21 -25.22
N PHE D 154 -30.77 -5.37 -25.36
CA PHE D 154 -29.52 -5.56 -24.64
C PHE D 154 -29.50 -4.63 -23.43
N LYS D 155 -28.46 -4.77 -22.61
CA LYS D 155 -28.26 -3.80 -21.53
C LYS D 155 -28.11 -2.39 -22.09
N THR D 156 -27.56 -2.28 -23.31
CA THR D 156 -27.43 -0.99 -23.98
C THR D 156 -28.79 -0.44 -24.40
N ASP D 157 -29.67 -1.30 -24.93
CA ASP D 157 -31.00 -0.85 -25.35
C ASP D 157 -31.84 -0.39 -24.17
N VAL D 158 -31.79 -1.14 -23.05
CA VAL D 158 -32.52 -0.75 -21.85
C VAL D 158 -31.97 0.55 -21.26
N ARG D 159 -30.68 0.83 -21.46
CA ARG D 159 -30.11 2.07 -20.89
C ARG D 159 -30.60 3.30 -21.65
N ALA D 160 -30.63 3.23 -22.99
CA ALA D 160 -31.09 4.36 -23.80
C ALA D 160 -32.58 4.64 -23.61
N LEU D 161 -33.39 3.58 -23.53
CA LEU D 161 -34.84 3.76 -23.39
C LEU D 161 -35.26 4.21 -21.99
N ALA D 162 -34.57 3.76 -20.94
CA ALA D 162 -34.92 4.17 -19.57
C ALA D 162 -34.58 5.64 -19.33
N GLN D 163 -33.47 6.13 -19.88
CA GLN D 163 -33.19 7.56 -19.80
C GLN D 163 -34.19 8.32 -20.65
N GLU D 164 -34.53 7.76 -21.81
CA GLU D 164 -35.46 8.37 -22.76
C GLU D 164 -36.82 8.65 -22.10
N LEU D 165 -37.19 7.87 -21.09
CA LEU D 165 -38.38 8.11 -20.29
C LEU D 165 -38.08 8.92 -19.02
N GLY D 166 -36.87 9.47 -18.90
CA GLY D 166 -36.49 10.25 -17.74
C GLY D 166 -36.25 9.45 -16.47
N LEU D 167 -36.00 8.14 -16.59
CA LEU D 167 -35.77 7.25 -15.46
C LEU D 167 -34.32 7.34 -14.99
N THR D 168 -34.15 7.65 -13.71
CA THR D 168 -32.87 7.81 -13.06
C THR D 168 -32.66 6.89 -11.87
N ASN D 169 -33.72 6.33 -11.32
CA ASN D 169 -33.69 5.63 -10.03
C ASN D 169 -33.96 4.14 -10.21
N TRP D 170 -32.90 3.31 -10.11
CA TRP D 170 -33.08 1.87 -9.94
C TRP D 170 -32.10 1.37 -8.88
N ASN D 171 -32.35 0.16 -8.39
CA ASN D 171 -31.42 -0.56 -7.53
C ASN D 171 -30.38 -1.25 -8.43
N LYS D 172 -29.22 -0.61 -8.64
CA LYS D 172 -28.19 -1.20 -9.49
C LYS D 172 -27.29 -2.19 -8.73
N VAL D 173 -27.58 -2.44 -7.45
CA VAL D 173 -26.89 -3.46 -6.67
C VAL D 173 -27.63 -4.78 -6.90
N ALA D 174 -27.13 -5.60 -7.83
CA ALA D 174 -27.78 -6.87 -8.15
C ALA D 174 -27.53 -7.91 -7.04
N SER D 175 -28.61 -8.39 -6.43
CA SER D 175 -28.55 -9.27 -5.28
C SER D 175 -28.88 -10.71 -5.67
N CYS D 176 -28.24 -11.65 -4.98
CA CYS D 176 -28.54 -13.06 -5.16
C CYS D 176 -29.13 -13.61 -3.88
N SER D 177 -29.72 -14.79 -3.98
CA SER D 177 -30.32 -15.39 -2.81
C SER D 177 -29.24 -15.74 -1.82
N VAL D 178 -29.49 -15.48 -0.54
CA VAL D 178 -28.52 -15.76 0.50
C VAL D 178 -28.21 -17.26 0.61
N SER D 179 -29.02 -18.10 -0.04
CA SER D 179 -28.73 -19.52 -0.10
C SER D 179 -27.33 -19.80 -0.61
N SER D 180 -26.82 -18.99 -1.52
CA SER D 180 -25.51 -19.25 -2.10
C SER D 180 -24.37 -19.10 -1.09
N ARG D 181 -24.62 -18.52 0.08
CA ARG D 181 -23.63 -18.38 1.15
C ARG D 181 -23.54 -19.63 2.01
N PHE D 182 -24.38 -20.62 1.74
CA PHE D 182 -24.41 -21.81 2.55
C PHE D 182 -24.05 -23.03 1.72
N PRO D 183 -23.28 -23.97 2.30
CA PRO D 183 -23.00 -25.23 1.60
C PRO D 183 -24.28 -26.04 1.42
N TYR D 184 -24.31 -26.80 0.33
CA TYR D 184 -25.36 -27.79 0.12
C TYR D 184 -25.47 -28.72 1.33
N GLY D 185 -26.71 -28.98 1.76
CA GLY D 185 -26.96 -29.81 2.91
C GLY D 185 -27.09 -29.05 4.21
N THR D 186 -26.46 -27.89 4.32
CA THR D 186 -26.60 -27.04 5.50
C THR D 186 -28.04 -26.57 5.67
N THR D 187 -28.55 -26.63 6.88
CA THR D 187 -29.90 -26.17 7.14
C THR D 187 -29.86 -24.67 7.38
N LEU D 188 -30.64 -23.93 6.60
CA LEU D 188 -30.76 -22.50 6.82
C LEU D 188 -31.69 -22.29 7.98
N THR D 189 -31.35 -21.35 8.83
CA THR D 189 -32.24 -20.97 9.91
C THR D 189 -32.43 -19.47 9.80
N HIS D 190 -33.43 -18.96 10.53
CA HIS D 190 -33.59 -17.52 10.59
C HIS D 190 -32.36 -16.85 11.18
N ASP D 191 -31.67 -17.52 12.12
CA ASP D 191 -30.55 -16.91 12.83
C ASP D 191 -29.27 -16.88 12.00
N ASN D 192 -28.95 -17.95 11.27
CA ASN D 192 -27.72 -17.94 10.50
C ASN D 192 -27.88 -17.13 9.22
N ILE D 193 -29.10 -17.05 8.67
CA ILE D 193 -29.37 -16.14 7.56
C ILE D 193 -29.19 -14.71 8.01
N ALA D 194 -29.74 -14.36 9.17
CA ALA D 194 -29.58 -13.00 9.69
C ALA D 194 -28.11 -12.67 9.92
N GLN D 195 -27.36 -13.64 10.46
CA GLN D 195 -25.94 -13.44 10.74
C GLN D 195 -25.18 -13.16 9.46
N VAL D 196 -25.40 -13.99 8.43
CA VAL D 196 -24.76 -13.77 7.15
C VAL D 196 -25.19 -12.43 6.56
N MET D 197 -26.49 -12.11 6.67
CA MET D 197 -26.99 -10.88 6.07
C MET D 197 -26.44 -9.65 6.77
N ALA D 198 -26.34 -9.70 8.11
CA ALA D 198 -25.77 -8.56 8.83
C ALA D 198 -24.29 -8.35 8.49
N ALA D 199 -23.54 -9.45 8.33
CA ALA D 199 -22.12 -9.33 8.00
C ALA D 199 -21.94 -8.67 6.63
N GLU D 200 -22.69 -9.12 5.63
CA GLU D 200 -22.59 -8.51 4.30
C GLU D 200 -23.05 -7.05 4.29
N LYS D 201 -24.06 -6.71 5.10
CA LYS D 201 -24.45 -5.30 5.18
C LYS D 201 -23.30 -4.44 5.69
N TYR D 202 -22.66 -4.89 6.78
CA TYR D 202 -21.51 -4.15 7.33
C TYR D 202 -20.39 -4.02 6.29
N LEU D 203 -20.05 -5.12 5.62
CA LEU D 203 -19.00 -5.07 4.61
C LEU D 203 -19.36 -4.12 3.47
N ARG D 204 -20.63 -4.11 3.05
CA ARG D 204 -21.05 -3.17 2.01
C ARG D 204 -20.95 -1.72 2.47
N SER D 205 -21.19 -1.43 3.75
CA SER D 205 -21.10 -0.04 4.17
C SER D 205 -19.67 0.48 4.23
N LEU D 206 -18.66 -0.38 4.13
CA LEU D 206 -17.29 0.09 4.14
C LEU D 206 -16.79 0.42 2.75
N GLY D 207 -17.60 0.16 1.73
CA GLY D 207 -17.20 0.52 0.37
C GLY D 207 -17.02 -0.63 -0.58
N PHE D 208 -17.60 -1.78 -0.25
CA PHE D 208 -17.39 -3.00 -1.02
C PHE D 208 -18.76 -3.51 -1.44
N PRO D 209 -19.28 -3.01 -2.55
CA PRO D 209 -20.62 -3.43 -2.96
C PRO D 209 -20.70 -4.88 -3.36
N THR D 210 -19.65 -5.43 -3.95
CA THR D 210 -19.62 -6.83 -4.32
C THR D 210 -18.87 -7.60 -3.25
N VAL D 211 -19.60 -8.42 -2.49
CA VAL D 211 -18.98 -9.12 -1.37
C VAL D 211 -19.83 -10.32 -1.03
N ARG D 212 -19.18 -11.36 -0.51
CA ARG D 212 -19.90 -12.53 -0.03
C ARG D 212 -19.31 -12.95 1.30
N VAL D 213 -20.16 -13.23 2.27
CA VAL D 213 -19.72 -13.84 3.52
C VAL D 213 -20.22 -15.27 3.50
N ARG D 214 -19.35 -16.21 3.10
CA ARG D 214 -19.71 -17.62 3.04
C ARG D 214 -19.70 -18.22 4.44
N PHE D 215 -20.72 -19.00 4.73
CA PHE D 215 -20.95 -19.53 6.07
C PHE D 215 -20.34 -20.92 6.20
N HIS D 216 -19.42 -21.09 7.17
CA HIS D 216 -18.84 -22.41 7.52
C HIS D 216 -18.89 -22.59 9.03
N ASN D 217 -20.10 -22.53 9.58
CA ASN D 217 -20.35 -22.62 11.02
C ASN D 217 -19.57 -21.58 11.82
N ASP D 218 -18.44 -21.94 12.41
CA ASP D 218 -17.71 -20.95 13.22
C ASP D 218 -16.72 -20.14 12.39
N ILE D 219 -16.61 -20.43 11.10
CA ILE D 219 -15.72 -19.68 10.22
C ILE D 219 -16.58 -18.87 9.28
N ALA D 220 -16.26 -17.60 9.13
CA ALA D 220 -16.73 -16.77 8.02
C ALA D 220 -15.62 -16.65 6.98
N ARG D 221 -15.95 -16.93 5.72
CA ARG D 221 -15.00 -16.85 4.62
C ARG D 221 -15.47 -15.73 3.68
N ILE D 222 -14.78 -14.59 3.73
CA ILE D 222 -15.18 -13.39 2.99
C ILE D 222 -14.60 -13.46 1.58
N GLU D 223 -15.47 -13.33 0.57
CA GLU D 223 -15.07 -13.25 -0.83
C GLU D 223 -15.16 -11.82 -1.33
N LEU D 224 -14.08 -11.31 -1.89
CA LEU D 224 -14.01 -9.97 -2.44
C LEU D 224 -13.45 -10.04 -3.85
N PRO D 225 -13.87 -9.14 -4.75
CA PRO D 225 -13.15 -9.06 -6.02
C PRO D 225 -11.68 -8.82 -5.71
N GLU D 226 -10.80 -9.60 -6.35
CA GLU D 226 -9.39 -9.56 -6.00
C GLU D 226 -8.84 -8.14 -6.08
N ALA D 227 -9.31 -7.36 -7.05
CA ALA D 227 -8.81 -6.01 -7.23
C ALA D 227 -9.12 -5.10 -6.06
N ARG D 228 -9.98 -5.52 -5.13
CA ARG D 228 -10.29 -4.71 -3.97
C ARG D 228 -9.53 -5.15 -2.72
N ILE D 229 -8.85 -6.30 -2.76
CA ILE D 229 -8.32 -6.84 -1.52
C ILE D 229 -7.28 -5.91 -0.91
N GLY D 230 -6.48 -5.24 -1.72
CA GLY D 230 -5.57 -4.24 -1.18
C GLY D 230 -6.27 -3.14 -0.42
N ASP D 231 -7.34 -2.58 -1.02
CA ASP D 231 -8.06 -1.49 -0.35
C ASP D 231 -8.65 -1.95 0.98
N PHE D 232 -8.95 -3.24 1.09
CA PHE D 232 -9.63 -3.78 2.26
C PHE D 232 -8.75 -3.78 3.51
N LEU D 233 -7.41 -3.77 3.35
CA LEU D 233 -6.51 -4.03 4.49
C LEU D 233 -6.79 -3.13 5.68
N VAL D 234 -7.14 -1.86 5.42
CA VAL D 234 -7.37 -0.90 6.50
C VAL D 234 -8.56 -1.27 7.40
N PHE D 235 -9.38 -2.24 7.00
CA PHE D 235 -10.57 -2.64 7.77
C PHE D 235 -10.41 -3.99 8.44
N ASN D 236 -9.31 -4.70 8.19
CA ASN D 236 -9.08 -6.05 8.72
C ASN D 236 -9.55 -6.22 10.16
N ASP D 237 -9.03 -5.40 11.08
CA ASP D 237 -9.32 -5.58 12.49
C ASP D 237 -10.79 -5.29 12.82
N ARG D 238 -11.35 -4.22 12.24
CA ARG D 238 -12.75 -3.90 12.48
C ARG D 238 -13.67 -5.00 11.97
N VAL D 239 -13.39 -5.54 10.77
CA VAL D 239 -14.22 -6.62 10.24
C VAL D 239 -14.09 -7.85 11.12
N ASN D 240 -12.88 -8.13 11.58
CA ASN D 240 -12.67 -9.26 12.47
C ASN D 240 -13.56 -9.15 13.69
N ARG D 241 -13.53 -8.01 14.38
CA ARG D 241 -14.32 -7.90 15.61
C ARG D 241 -15.81 -7.82 15.32
N GLN D 242 -16.21 -7.17 14.23
CA GLN D 242 -17.63 -7.00 13.92
C GLN D 242 -18.29 -8.34 13.63
N LEU D 243 -17.69 -9.15 12.74
CA LEU D 243 -18.28 -10.45 12.43
C LEU D 243 -18.11 -11.44 13.58
N GLN D 244 -17.15 -11.21 14.48
CA GLN D 244 -17.08 -12.04 15.67
C GLN D 244 -18.23 -11.73 16.61
N SER D 245 -18.54 -10.44 16.76
CA SER D 245 -19.68 -10.09 17.58
C SER D 245 -21.01 -10.59 17.00
N LEU D 246 -21.09 -10.80 15.69
CA LEU D 246 -22.26 -11.39 15.05
C LEU D 246 -22.31 -12.91 15.21
N GLY D 247 -21.32 -13.51 15.85
CA GLY D 247 -21.37 -14.93 16.18
C GLY D 247 -20.30 -15.80 15.57
N PHE D 248 -19.51 -15.33 14.62
CA PHE D 248 -18.45 -16.14 14.09
C PHE D 248 -17.30 -16.18 15.09
N ARG D 249 -16.61 -17.32 15.13
CA ARG D 249 -15.40 -17.38 15.94
C ARG D 249 -14.18 -16.97 15.13
N TYR D 250 -14.10 -17.39 13.87
CA TYR D 250 -12.99 -17.02 12.99
C TYR D 250 -13.52 -16.25 11.78
N VAL D 251 -12.88 -15.13 11.47
CA VAL D 251 -13.23 -14.29 10.34
C VAL D 251 -12.04 -14.29 9.39
N THR D 252 -12.26 -14.77 8.15
CA THR D 252 -11.19 -14.99 7.20
C THR D 252 -11.54 -14.44 5.81
N LEU D 253 -10.49 -14.30 5.00
CA LEU D 253 -10.57 -13.74 3.66
C LEU D 253 -10.11 -14.80 2.67
N ASP D 254 -10.95 -15.13 1.71
CA ASP D 254 -10.60 -16.15 0.72
C ASP D 254 -9.52 -15.61 -0.23
N LEU D 255 -8.38 -16.31 -0.34
CA LEU D 255 -7.34 -15.84 -1.23
C LEU D 255 -7.74 -16.01 -2.70
N GLY D 256 -8.71 -16.87 -2.98
CA GLY D 256 -9.15 -17.03 -4.35
C GLY D 256 -9.95 -15.85 -4.87
N GLY D 257 -10.52 -15.05 -4.00
CA GLY D 257 -11.30 -13.92 -4.44
C GLY D 257 -12.75 -14.27 -4.67
N PHE D 258 -13.45 -13.32 -5.26
CA PHE D 258 -14.88 -13.47 -5.51
C PHE D 258 -15.11 -14.45 -6.65
N ARG D 259 -15.69 -15.60 -6.30
CA ARG D 259 -16.12 -16.64 -7.24
C ARG D 259 -15.03 -17.14 -8.17
N ALA E 2 -21.93 31.14 -27.04
CA ALA E 2 -21.67 31.48 -25.66
C ALA E 2 -22.55 30.67 -24.70
N THR E 3 -23.77 30.39 -25.13
CA THR E 3 -24.65 29.46 -24.43
C THR E 3 -24.57 28.11 -25.11
N LEU E 4 -24.99 27.09 -24.36
CA LEU E 4 -25.07 25.76 -24.96
C LEU E 4 -26.10 25.77 -26.07
N ALA E 5 -27.16 26.57 -25.89
CA ALA E 5 -28.21 26.69 -26.89
C ALA E 5 -27.70 27.32 -28.18
N THR E 6 -26.87 28.38 -28.07
CA THR E 6 -26.31 29.00 -29.28
C THR E 6 -25.43 28.01 -30.03
N LYS E 7 -24.61 27.25 -29.28
CA LYS E 7 -23.73 26.27 -29.93
C LYS E 7 -24.54 25.17 -30.59
N LYS E 8 -25.64 24.75 -29.94
CA LYS E 8 -26.50 23.72 -30.55
C LYS E 8 -27.27 24.27 -31.74
N ALA E 9 -27.77 25.51 -31.65
CA ALA E 9 -28.45 26.11 -32.79
C ALA E 9 -27.49 26.27 -33.97
N THR E 10 -26.25 26.70 -33.72
CA THR E 10 -25.26 26.76 -34.79
C THR E 10 -25.08 25.39 -35.44
N LEU E 11 -25.12 24.34 -34.63
CA LEU E 11 -24.90 22.99 -35.13
C LEU E 11 -26.09 22.51 -35.95
N VAL E 12 -27.33 22.77 -35.48
CA VAL E 12 -28.52 22.40 -36.25
C VAL E 12 -28.56 23.14 -37.57
N ALA E 13 -28.29 24.46 -37.53
CA ALA E 13 -28.22 25.25 -38.75
C ALA E 13 -27.14 24.74 -39.69
N ALA E 14 -25.94 24.51 -39.15
CA ALA E 14 -24.85 24.02 -39.98
C ALA E 14 -25.22 22.67 -40.61
N LEU E 15 -25.94 21.83 -39.87
CA LEU E 15 -26.31 20.50 -40.37
C LEU E 15 -27.40 20.55 -41.45
N LYS E 16 -28.41 21.39 -41.23
CA LYS E 16 -29.57 21.53 -42.16
C LYS E 16 -29.12 21.91 -43.57
N ASP E 17 -28.13 22.78 -43.68
CA ASP E 17 -27.64 23.23 -44.99
C ASP E 17 -27.02 22.08 -45.77
N LEU E 18 -26.38 21.14 -45.09
CA LEU E 18 -25.66 20.07 -45.77
C LEU E 18 -26.59 18.96 -46.24
N GLN E 19 -27.79 18.83 -45.66
CA GLN E 19 -28.89 18.02 -46.18
C GLN E 19 -28.61 16.51 -46.16
N ARG E 20 -27.61 16.07 -46.90
CA ARG E 20 -27.14 14.68 -46.86
C ARG E 20 -25.71 14.66 -46.35
N VAL E 21 -25.45 13.81 -45.35
CA VAL E 21 -24.16 13.74 -44.66
C VAL E 21 -23.70 12.28 -44.52
N THR E 22 -22.39 12.10 -44.51
CA THR E 22 -21.74 10.85 -44.13
C THR E 22 -20.99 11.09 -42.83
N VAL E 23 -21.22 10.24 -41.83
CA VAL E 23 -20.69 10.43 -40.49
C VAL E 23 -19.61 9.38 -40.24
N ALA E 24 -18.38 9.84 -40.00
CA ALA E 24 -17.31 8.97 -39.52
C ALA E 24 -17.56 8.68 -38.05
N PHE E 25 -17.95 7.44 -37.73
CA PHE E 25 -18.46 7.09 -36.40
C PHE E 25 -17.46 6.20 -35.67
N SER E 26 -16.75 6.79 -34.71
CA SER E 26 -15.83 6.03 -33.87
C SER E 26 -16.56 5.22 -32.81
N GLY E 27 -17.68 5.72 -32.29
CA GLY E 27 -18.31 5.19 -31.09
C GLY E 27 -18.03 5.98 -29.83
N GLY E 28 -17.10 6.92 -29.87
CA GLY E 28 -16.85 7.76 -28.72
C GLY E 28 -17.96 8.80 -28.54
N ILE E 29 -17.79 9.62 -27.49
CA ILE E 29 -18.86 10.55 -27.17
C ILE E 29 -18.99 11.63 -28.23
N ASP E 30 -17.88 12.03 -28.88
CA ASP E 30 -17.96 13.12 -29.85
C ASP E 30 -18.71 12.71 -31.13
N SER E 31 -18.34 11.57 -31.71
CA SER E 31 -19.02 11.14 -32.94
C SER E 31 -20.42 10.59 -32.70
N THR E 32 -20.76 10.16 -31.49
CA THR E 32 -22.14 9.79 -31.26
C THR E 32 -23.02 11.04 -31.24
N LEU E 33 -22.48 12.14 -30.70
CA LEU E 33 -23.23 13.39 -30.71
C LEU E 33 -23.48 13.84 -32.14
N VAL E 34 -22.47 13.76 -33.00
CA VAL E 34 -22.67 14.14 -34.40
C VAL E 34 -23.64 13.18 -35.07
N LEU E 35 -23.55 11.88 -34.78
CA LEU E 35 -24.47 10.94 -35.40
C LEU E 35 -25.91 11.15 -34.94
N LYS E 36 -26.13 11.41 -33.64
CA LYS E 36 -27.50 11.56 -33.18
C LYS E 36 -28.06 12.92 -33.52
N MET E 37 -27.18 13.91 -33.67
CA MET E 37 -27.64 15.25 -34.09
C MET E 37 -27.98 15.19 -35.59
N ALA E 38 -27.13 14.54 -36.38
CA ALA E 38 -27.39 14.47 -37.82
C ALA E 38 -28.72 13.79 -38.11
N LEU E 39 -29.03 12.70 -37.41
CA LEU E 39 -30.29 12.02 -37.65
C LEU E 39 -31.48 12.89 -37.28
N ASP E 40 -31.37 13.63 -36.17
CA ASP E 40 -32.48 14.42 -35.65
C ASP E 40 -32.87 15.61 -36.55
N VAL E 41 -31.90 16.23 -37.21
CA VAL E 41 -32.15 17.45 -37.98
C VAL E 41 -32.30 17.13 -39.48
N LEU E 42 -31.68 16.04 -39.94
CA LEU E 42 -31.75 15.66 -41.33
C LEU E 42 -32.46 14.33 -41.58
N GLY E 43 -32.76 13.52 -40.56
CA GLY E 43 -33.55 12.29 -40.77
C GLY E 43 -32.82 11.03 -41.20
N ARG E 44 -33.31 9.85 -40.85
CA ARG E 44 -32.61 8.57 -41.16
C ARG E 44 -32.30 8.37 -42.64
N ASP E 45 -33.03 8.95 -43.57
CA ASP E 45 -32.77 8.65 -44.97
C ASP E 45 -31.61 9.45 -45.55
N ASN E 46 -31.16 10.50 -44.85
CA ASN E 46 -30.08 11.34 -45.32
C ASN E 46 -28.79 11.26 -44.52
N VAL E 47 -28.63 10.24 -43.66
CA VAL E 47 -27.44 10.09 -42.82
C VAL E 47 -26.91 8.67 -42.97
N THR E 48 -25.64 8.55 -43.34
CA THR E 48 -24.95 7.26 -43.35
C THR E 48 -23.85 7.30 -42.28
N ALA E 49 -23.93 6.37 -41.32
CA ALA E 49 -22.86 6.15 -40.33
C ALA E 49 -21.88 5.11 -40.87
N VAL E 50 -20.59 5.43 -40.85
CA VAL E 50 -19.56 4.52 -41.32
C VAL E 50 -18.61 4.23 -40.15
N VAL E 51 -18.38 2.94 -39.88
CA VAL E 51 -17.46 2.49 -38.84
C VAL E 51 -16.31 1.77 -39.52
N ALA E 52 -15.10 2.20 -39.24
CA ALA E 52 -13.93 1.59 -39.83
C ALA E 52 -13.54 0.34 -39.07
N ASN E 53 -13.24 -0.72 -39.83
CA ASN E 53 -12.68 -1.97 -39.33
C ASN E 53 -11.30 -2.12 -39.95
N SER E 54 -10.31 -2.46 -39.14
CA SER E 54 -8.94 -2.52 -39.61
C SER E 54 -8.15 -3.42 -38.69
N GLU E 55 -6.93 -3.76 -39.13
CA GLU E 55 -6.02 -4.61 -38.38
C GLU E 55 -5.46 -3.90 -37.16
N LEU E 56 -5.55 -2.57 -37.11
CA LEU E 56 -5.02 -1.76 -36.02
C LEU E 56 -6.05 -1.47 -34.94
N PHE E 57 -7.24 -2.05 -35.01
CA PHE E 57 -8.23 -1.83 -33.97
C PHE E 57 -8.91 -3.13 -33.57
N THR E 58 -9.47 -3.12 -32.38
CA THR E 58 -10.08 -4.33 -31.80
C THR E 58 -11.39 -4.65 -32.49
N ASP E 59 -11.74 -5.93 -32.49
CA ASP E 59 -13.04 -6.41 -33.01
C ASP E 59 -14.13 -5.84 -32.10
N GLU E 60 -13.87 -5.80 -30.78
CA GLU E 60 -14.82 -5.28 -29.79
C GLU E 60 -15.09 -3.80 -30.09
N GLU E 61 -14.09 -3.03 -30.49
CA GLU E 61 -14.33 -1.60 -30.77
C GLU E 61 -15.22 -1.47 -32.00
N PHE E 62 -14.94 -2.23 -33.04
CA PHE E 62 -15.79 -2.19 -34.23
C PHE E 62 -17.21 -2.64 -33.90
N ASP E 63 -17.35 -3.79 -33.24
CA ASP E 63 -18.67 -4.33 -32.93
C ASP E 63 -19.45 -3.44 -31.98
N LYS E 64 -18.76 -2.82 -31.03
CA LYS E 64 -19.46 -1.94 -30.08
C LYS E 64 -19.95 -0.70 -30.81
N ALA E 65 -19.17 -0.19 -31.77
CA ALA E 65 -19.55 0.98 -32.54
C ALA E 65 -20.62 0.66 -33.58
N MET E 66 -20.50 -0.50 -34.23
CA MET E 66 -21.55 -0.90 -35.16
C MET E 66 -22.90 -0.96 -34.48
N SER E 67 -22.95 -1.51 -33.26
CA SER E 67 -24.24 -1.69 -32.61
C SER E 67 -24.82 -0.36 -32.11
N LEU E 68 -23.99 0.66 -31.94
CA LEU E 68 -24.58 1.95 -31.51
C LEU E 68 -25.14 2.68 -32.72
N ALA E 69 -24.57 2.53 -33.91
CA ALA E 69 -25.23 3.21 -35.01
C ALA E 69 -26.64 2.64 -35.20
N GLU E 70 -26.83 1.38 -34.84
CA GLU E 70 -28.15 0.75 -34.89
C GLU E 70 -29.08 1.27 -33.79
N GLU E 71 -28.59 1.36 -32.54
CA GLU E 71 -29.45 1.78 -31.44
C GLU E 71 -29.79 3.25 -31.49
N LEU E 72 -28.98 4.07 -32.16
CA LEU E 72 -29.35 5.45 -32.41
C LEU E 72 -30.23 5.60 -33.64
N GLY E 73 -30.36 4.55 -34.44
CA GLY E 73 -31.24 4.62 -35.58
C GLY E 73 -30.58 5.03 -36.87
N ALA E 74 -29.27 4.87 -37.00
CA ALA E 74 -28.65 5.31 -38.24
C ALA E 74 -28.53 4.14 -39.19
N ASN E 75 -28.54 4.44 -40.49
CA ASN E 75 -28.10 3.46 -41.46
C ASN E 75 -26.58 3.41 -41.39
N VAL E 76 -26.03 2.25 -41.05
CA VAL E 76 -24.62 2.12 -40.75
C VAL E 76 -23.98 1.06 -41.63
N GLN E 77 -22.76 1.35 -42.04
CA GLN E 77 -22.03 0.59 -43.03
C GLN E 77 -20.66 0.28 -42.45
N GLY E 78 -20.24 -1.00 -42.54
CA GLY E 78 -18.88 -1.35 -42.21
C GLY E 78 -18.01 -1.17 -43.44
N THR E 79 -16.85 -0.53 -43.25
CA THR E 79 -15.84 -0.44 -44.29
C THR E 79 -14.48 -0.81 -43.70
N THR E 80 -13.73 -1.63 -44.42
CA THR E 80 -12.46 -2.15 -43.93
C THR E 80 -11.32 -1.49 -44.68
N LEU E 81 -10.34 -1.00 -43.93
CA LEU E 81 -9.17 -0.31 -44.46
C LEU E 81 -7.95 -1.19 -44.30
N ASP E 82 -7.09 -1.19 -45.31
CA ASP E 82 -5.85 -1.95 -45.21
C ASP E 82 -4.71 -0.98 -44.92
N TYR E 83 -4.62 -0.57 -43.66
CA TYR E 83 -3.56 0.33 -43.25
C TYR E 83 -2.20 -0.34 -43.43
N LEU E 84 -2.12 -1.65 -43.17
CA LEU E 84 -0.83 -2.31 -43.20
C LEU E 84 -0.21 -2.40 -44.58
N SER E 85 -0.94 -2.01 -45.64
CA SER E 85 -0.40 -2.01 -46.99
C SER E 85 0.33 -0.73 -47.34
N ASP E 86 0.18 0.31 -46.54
CA ASP E 86 0.97 1.52 -46.66
C ASP E 86 2.28 1.36 -45.91
N ASP E 87 3.41 1.66 -46.56
CA ASP E 87 4.70 1.41 -45.93
C ASP E 87 4.95 2.35 -44.75
N HIS E 88 4.35 3.54 -44.78
CA HIS E 88 4.52 4.45 -43.64
C HIS E 88 3.91 3.88 -42.38
N ILE E 89 2.72 3.29 -42.49
CA ILE E 89 2.07 2.64 -41.36
C ILE E 89 2.77 1.33 -41.03
N LYS E 90 3.01 0.50 -42.05
CA LYS E 90 3.55 -0.84 -41.83
C LYS E 90 4.89 -0.78 -41.12
N ASN E 91 5.71 0.24 -41.41
CA ASN E 91 6.98 0.39 -40.74
C ASN E 91 6.94 1.46 -39.65
N ASN E 92 5.75 1.96 -39.32
CA ASN E 92 5.51 2.79 -38.14
C ASN E 92 6.53 3.93 -38.07
N THR E 93 6.50 4.75 -39.11
CA THR E 93 7.26 5.97 -39.12
C THR E 93 6.52 7.01 -38.29
N PRO E 94 7.20 8.08 -37.86
CA PRO E 94 6.52 9.06 -37.00
C PRO E 94 5.38 9.78 -37.67
N ASP E 95 5.32 9.76 -39.00
CA ASP E 95 4.23 10.37 -39.75
C ASP E 95 3.09 9.40 -40.04
N SER E 96 3.13 8.17 -39.48
CA SER E 96 2.15 7.17 -39.90
C SER E 96 0.74 7.55 -39.51
N TRP E 97 0.57 8.36 -38.48
CA TRP E 97 -0.76 8.85 -38.12
C TRP E 97 -1.41 9.58 -39.29
N TYR E 98 -0.59 10.32 -40.07
CA TYR E 98 -1.09 11.11 -41.18
C TYR E 98 -1.53 10.21 -42.34
N TYR E 99 -0.67 9.27 -42.72
CA TYR E 99 -1.02 8.35 -43.80
C TYR E 99 -2.16 7.45 -43.39
N ALA E 100 -2.31 7.17 -42.10
CA ALA E 100 -3.47 6.43 -41.64
C ALA E 100 -4.72 7.26 -41.80
N LYS E 101 -4.64 8.54 -41.44
CA LYS E 101 -5.82 9.39 -41.57
C LYS E 101 -6.10 9.75 -43.03
N LYS E 102 -5.08 9.81 -43.87
CA LYS E 102 -5.32 10.09 -45.29
C LYS E 102 -6.01 8.91 -45.98
N MET E 103 -5.55 7.69 -45.69
CA MET E 103 -6.19 6.50 -46.24
C MET E 103 -7.60 6.37 -45.70
N PHE E 104 -7.81 6.74 -44.44
CA PHE E 104 -9.13 6.67 -43.87
C PHE E 104 -10.06 7.68 -44.55
N TYR E 105 -9.63 8.93 -44.65
CA TYR E 105 -10.48 9.97 -45.20
C TYR E 105 -10.70 9.84 -46.70
N SER E 106 -9.81 9.16 -47.40
CA SER E 106 -10.00 8.96 -48.83
C SER E 106 -11.06 7.89 -49.10
N ARG E 107 -11.32 7.05 -48.11
CA ARG E 107 -12.37 6.01 -48.29
C ARG E 107 -13.74 6.61 -47.97
N LEU E 108 -13.87 7.36 -46.89
CA LEU E 108 -15.20 7.94 -46.56
C LEU E 108 -15.67 8.84 -47.69
N ASN E 109 -14.78 9.65 -48.27
CA ASN E 109 -15.23 10.53 -49.39
C ASN E 109 -15.74 9.63 -50.52
N ASP E 110 -14.99 8.57 -50.84
CA ASP E 110 -15.40 7.59 -51.87
C ASP E 110 -16.80 7.11 -51.49
N ILE E 111 -17.04 6.83 -50.22
CA ILE E 111 -18.38 6.40 -49.79
C ILE E 111 -19.37 7.55 -49.96
N ALA E 112 -18.93 8.78 -49.70
CA ALA E 112 -19.80 9.95 -49.80
C ALA E 112 -20.23 10.19 -51.24
N ALA E 113 -19.36 9.87 -52.20
CA ALA E 113 -19.74 9.95 -53.61
C ALA E 113 -20.88 8.99 -53.95
N ASN E 114 -20.79 7.73 -53.50
CA ASN E 114 -21.76 6.72 -53.90
C ASN E 114 -23.05 6.73 -53.08
N ASN E 115 -23.16 7.59 -52.07
CA ASN E 115 -24.45 7.83 -51.41
C ASN E 115 -24.93 9.26 -51.57
N GLY E 116 -24.23 10.09 -52.35
CA GLY E 116 -24.67 11.44 -52.62
C GLY E 116 -24.60 12.42 -51.47
N SER E 117 -23.69 12.20 -50.53
CA SER E 117 -23.58 13.10 -49.38
C SER E 117 -22.80 14.36 -49.74
N ALA E 118 -23.04 15.40 -48.95
CA ALA E 118 -22.40 16.69 -49.19
C ALA E 118 -21.04 16.81 -48.51
N ALA E 119 -20.82 16.09 -47.42
CA ALA E 119 -19.56 16.16 -46.69
C ALA E 119 -19.46 14.94 -45.80
N VAL E 120 -18.23 14.61 -45.43
CA VAL E 120 -17.98 13.64 -44.37
C VAL E 120 -17.78 14.39 -43.06
N LEU E 121 -18.49 13.97 -42.02
CA LEU E 121 -18.46 14.59 -40.70
C LEU E 121 -17.76 13.68 -39.71
N ASP E 122 -16.88 14.26 -38.90
CA ASP E 122 -16.23 13.57 -37.81
C ASP E 122 -16.53 14.33 -36.52
N GLY E 123 -16.01 13.83 -35.42
CA GLY E 123 -16.34 14.45 -34.15
C GLY E 123 -15.23 15.26 -33.51
N MET E 124 -14.35 15.91 -34.28
CA MET E 124 -13.25 16.62 -33.65
C MET E 124 -13.77 17.90 -33.02
N ILE E 125 -13.35 18.17 -31.79
CA ILE E 125 -13.92 19.25 -30.99
C ILE E 125 -12.88 20.36 -30.81
N LYS E 126 -13.03 21.16 -29.75
CA LYS E 126 -12.13 22.27 -29.47
C LYS E 126 -11.02 21.86 -28.50
N GLY E 143 -12.16 16.34 -47.70
CA GLY E 143 -13.45 17.00 -47.61
C GLY E 143 -14.19 16.64 -46.33
N ALA E 144 -13.60 16.99 -45.19
CA ALA E 144 -14.10 16.58 -43.89
C ALA E 144 -14.43 17.79 -43.03
N ARG E 145 -15.67 17.82 -42.53
CA ARG E 145 -16.17 18.89 -41.68
C ARG E 145 -16.28 18.41 -40.24
N SER E 146 -15.98 19.31 -39.30
CA SER E 146 -16.04 19.02 -37.87
C SER E 146 -16.97 20.05 -37.23
N LEU E 147 -18.27 19.80 -37.34
CA LEU E 147 -19.27 20.79 -36.95
C LEU E 147 -19.17 21.16 -35.47
N LEU E 148 -18.73 20.24 -34.61
CA LEU E 148 -18.55 20.59 -33.21
C LEU E 148 -17.43 21.61 -33.03
N GLN E 149 -16.40 21.51 -33.86
CA GLN E 149 -15.31 22.46 -33.82
C GLN E 149 -15.76 23.81 -34.35
N GLU E 150 -16.59 23.79 -35.41
CA GLU E 150 -17.12 25.03 -35.95
C GLU E 150 -18.12 25.69 -34.99
N ALA E 151 -18.88 24.91 -34.22
CA ALA E 151 -19.85 25.42 -33.26
C ALA E 151 -19.24 25.74 -31.90
N ASP E 152 -17.91 25.61 -31.78
CA ASP E 152 -17.17 25.96 -30.56
C ASP E 152 -17.56 25.09 -29.38
N PHE E 153 -17.78 23.80 -29.62
CA PHE E 153 -17.99 22.84 -28.54
C PHE E 153 -16.65 22.49 -27.91
N PHE E 154 -16.58 22.55 -26.58
CA PHE E 154 -15.46 22.01 -25.81
C PHE E 154 -15.88 20.69 -25.19
N LYS E 155 -14.92 20.01 -24.55
CA LYS E 155 -15.21 18.73 -23.90
C LYS E 155 -16.36 18.86 -22.90
N THR E 156 -16.47 20.01 -22.23
CA THR E 156 -17.58 20.21 -21.32
C THR E 156 -18.92 20.34 -22.06
N ASP E 157 -18.93 21.05 -23.20
CA ASP E 157 -20.16 21.26 -23.97
C ASP E 157 -20.70 19.95 -24.55
N VAL E 158 -19.82 19.11 -25.08
CA VAL E 158 -20.25 17.83 -25.64
C VAL E 158 -20.88 16.98 -24.54
N ARG E 159 -20.39 17.12 -23.30
CA ARG E 159 -20.96 16.34 -22.20
C ARG E 159 -22.35 16.83 -21.85
N ALA E 160 -22.53 18.15 -21.81
CA ALA E 160 -23.82 18.74 -21.50
C ALA E 160 -24.84 18.41 -22.59
N LEU E 161 -24.44 18.56 -23.85
CA LEU E 161 -25.36 18.25 -24.95
C LEU E 161 -25.61 16.74 -25.03
N ALA E 162 -24.66 15.93 -24.59
CA ALA E 162 -24.85 14.49 -24.54
C ALA E 162 -25.95 14.10 -23.56
N GLN E 163 -26.15 14.95 -22.57
CA GLN E 163 -27.23 14.70 -21.60
C GLN E 163 -28.52 15.27 -22.18
N GLU E 164 -28.44 16.44 -22.83
CA GLU E 164 -29.65 17.07 -23.35
C GLU E 164 -30.34 16.16 -24.35
N LEU E 165 -29.57 15.31 -25.04
CA LEU E 165 -30.10 14.36 -26.00
C LEU E 165 -30.40 13.00 -25.40
N GLY E 166 -30.22 12.84 -24.08
CA GLY E 166 -30.50 11.57 -23.46
C GLY E 166 -29.55 10.46 -23.86
N LEU E 167 -28.37 10.80 -24.37
CA LEU E 167 -27.39 9.81 -24.82
C LEU E 167 -26.64 9.27 -23.62
N THR E 168 -26.66 7.95 -23.45
CA THR E 168 -26.06 7.26 -22.32
C THR E 168 -24.95 6.31 -22.69
N ASN E 169 -24.89 5.87 -23.95
CA ASN E 169 -24.01 4.80 -24.40
C ASN E 169 -22.94 5.38 -25.31
N TRP E 170 -21.73 5.54 -24.79
CA TRP E 170 -20.58 5.76 -25.64
C TRP E 170 -19.46 4.86 -25.13
N ASN E 171 -18.43 4.71 -25.95
CA ASN E 171 -17.25 3.98 -25.52
C ASN E 171 -16.50 4.86 -24.53
N LYS E 172 -16.59 4.48 -23.25
CA LYS E 172 -16.13 5.32 -22.11
C LYS E 172 -14.62 5.43 -22.04
N VAL E 173 -13.91 4.47 -22.60
CA VAL E 173 -12.44 4.55 -22.59
C VAL E 173 -12.02 4.71 -24.05
N ALA E 174 -11.17 5.68 -24.34
CA ALA E 174 -10.76 5.91 -25.73
C ALA E 174 -10.08 4.66 -26.28
N SER E 175 -10.41 4.31 -27.51
CA SER E 175 -9.74 3.18 -28.18
C SER E 175 -8.72 3.84 -29.09
N CYS E 176 -7.48 3.38 -29.08
CA CYS E 176 -6.48 4.05 -29.95
C CYS E 176 -5.85 3.02 -30.87
N SER E 177 -5.23 3.50 -31.94
CA SER E 177 -4.61 2.60 -32.93
C SER E 177 -3.49 1.81 -32.25
N VAL E 178 -3.39 0.54 -32.59
CA VAL E 178 -2.35 -0.33 -31.97
C VAL E 178 -0.96 0.20 -32.32
N SER E 179 -0.87 1.04 -33.34
CA SER E 179 0.41 1.61 -33.74
C SER E 179 1.15 2.27 -32.58
N SER E 180 0.42 2.95 -31.67
CA SER E 180 1.04 3.65 -30.56
C SER E 180 1.72 2.72 -29.55
N ARG E 181 1.51 1.40 -29.64
CA ARG E 181 2.20 0.46 -28.77
C ARG E 181 3.57 0.09 -29.30
N PHE E 182 3.93 0.55 -30.48
CA PHE E 182 5.20 0.13 -31.02
C PHE E 182 6.13 1.32 -31.17
N PRO E 183 7.43 1.17 -30.87
CA PRO E 183 8.37 2.28 -31.10
C PRO E 183 8.42 2.61 -32.58
N TYR E 184 8.67 3.87 -32.87
CA TYR E 184 8.95 4.27 -34.25
C TYR E 184 10.07 3.40 -34.83
N GLY E 185 9.86 2.95 -36.06
CA GLY E 185 10.79 2.12 -36.79
C GLY E 185 10.48 0.64 -36.73
N THR E 186 9.88 0.18 -35.64
CA THR E 186 9.46 -1.20 -35.58
C THR E 186 8.39 -1.46 -36.62
N THR E 187 8.54 -2.54 -37.39
CA THR E 187 7.55 -2.90 -38.39
C THR E 187 6.44 -3.72 -37.72
N LEU E 188 5.19 -3.30 -37.95
CA LEU E 188 4.04 -4.00 -37.41
C LEU E 188 3.80 -5.27 -38.21
N THR E 189 3.50 -6.35 -37.51
CA THR E 189 3.16 -7.60 -38.16
C THR E 189 1.86 -8.11 -37.57
N HIS E 190 1.25 -9.06 -38.26
CA HIS E 190 0.08 -9.71 -37.71
C HIS E 190 0.42 -10.37 -36.39
N ASP E 191 1.64 -10.88 -36.26
CA ASP E 191 1.98 -11.58 -35.05
C ASP E 191 2.22 -10.63 -33.89
N ASN E 192 2.94 -9.53 -34.12
CA ASN E 192 3.21 -8.66 -32.99
C ASN E 192 1.99 -7.80 -32.65
N ILE E 193 1.12 -7.49 -33.63
CA ILE E 193 -0.15 -6.85 -33.30
C ILE E 193 -1.03 -7.80 -32.50
N ALA E 194 -1.12 -9.06 -32.94
CA ALA E 194 -1.92 -10.02 -32.21
C ALA E 194 -1.40 -10.18 -30.78
N GLN E 195 -0.07 -10.13 -30.61
CA GLN E 195 0.51 -10.28 -29.28
C GLN E 195 0.11 -9.10 -28.38
N VAL E 196 0.27 -7.87 -28.89
CA VAL E 196 -0.10 -6.70 -28.11
C VAL E 196 -1.58 -6.71 -27.76
N MET E 197 -2.44 -7.07 -28.72
CA MET E 197 -3.88 -7.03 -28.48
C MET E 197 -4.30 -8.10 -27.49
N ALA E 198 -3.72 -9.31 -27.60
CA ALA E 198 -4.07 -10.38 -26.66
C ALA E 198 -3.65 -10.02 -25.24
N ALA E 199 -2.52 -9.32 -25.11
CA ALA E 199 -2.03 -8.91 -23.80
C ALA E 199 -2.94 -7.85 -23.19
N GLU E 200 -3.36 -6.87 -23.97
CA GLU E 200 -4.27 -5.86 -23.41
C GLU E 200 -5.63 -6.47 -23.06
N LYS E 201 -6.14 -7.38 -23.89
CA LYS E 201 -7.42 -8.01 -23.59
C LYS E 201 -7.33 -8.78 -22.30
N TYR E 202 -6.25 -9.52 -22.10
CA TYR E 202 -6.07 -10.20 -20.82
C TYR E 202 -6.06 -9.22 -19.67
N LEU E 203 -5.29 -8.13 -19.79
CA LEU E 203 -5.24 -7.17 -18.70
C LEU E 203 -6.62 -6.56 -18.42
N ARG E 204 -7.37 -6.22 -19.48
CA ARG E 204 -8.69 -5.62 -19.28
C ARG E 204 -9.61 -6.60 -18.55
N SER E 205 -9.53 -7.89 -18.90
CA SER E 205 -10.43 -8.84 -18.26
C SER E 205 -10.17 -9.02 -16.79
N LEU E 206 -9.07 -8.50 -16.27
CA LEU E 206 -8.80 -8.54 -14.85
C LEU E 206 -9.33 -7.34 -14.12
N GLY E 207 -9.90 -6.38 -14.84
CA GLY E 207 -10.44 -5.20 -14.21
C GLY E 207 -9.72 -3.91 -14.50
N PHE E 208 -8.96 -3.83 -15.58
CA PHE E 208 -8.18 -2.64 -15.92
C PHE E 208 -8.63 -2.21 -17.31
N PRO E 209 -9.73 -1.44 -17.40
CA PRO E 209 -10.25 -1.03 -18.72
C PRO E 209 -9.31 -0.10 -19.47
N THR E 210 -8.55 0.73 -18.77
CA THR E 210 -7.58 1.61 -19.40
C THR E 210 -6.20 1.00 -19.18
N VAL E 211 -5.58 0.51 -20.25
CA VAL E 211 -4.31 -0.18 -20.11
C VAL E 211 -3.62 -0.09 -21.45
N ARG E 212 -2.29 -0.14 -21.43
CA ARG E 212 -1.49 -0.22 -22.65
C ARG E 212 -0.39 -1.23 -22.44
N VAL E 213 -0.19 -2.12 -23.39
CA VAL E 213 0.98 -3.00 -23.36
C VAL E 213 1.94 -2.52 -24.44
N ARG E 214 2.95 -1.75 -24.05
CA ARG E 214 3.91 -1.23 -25.00
C ARG E 214 4.89 -2.33 -25.40
N PHE E 215 5.15 -2.44 -26.70
CA PHE E 215 5.98 -3.51 -27.25
C PHE E 215 7.43 -3.03 -27.39
N HIS E 216 8.37 -3.77 -26.79
CA HIS E 216 9.82 -3.49 -26.90
C HIS E 216 10.56 -4.79 -27.20
N ASN E 217 10.20 -5.41 -28.32
CA ASN E 217 10.69 -6.73 -28.72
C ASN E 217 10.45 -7.72 -27.59
N ASP E 218 11.49 -8.05 -26.83
CA ASP E 218 11.33 -9.08 -25.82
C ASP E 218 10.81 -8.52 -24.50
N ILE E 219 10.64 -7.21 -24.38
CA ILE E 219 10.11 -6.56 -23.18
C ILE E 219 8.70 -6.05 -23.43
N ALA E 220 7.79 -6.36 -22.50
CA ALA E 220 6.49 -5.72 -22.44
C ALA E 220 6.51 -4.68 -21.33
N ARG E 221 6.09 -3.47 -21.67
CA ARG E 221 6.05 -2.34 -20.74
C ARG E 221 4.58 -1.95 -20.60
N ILE E 222 4.00 -2.32 -19.47
CA ILE E 222 2.58 -2.12 -19.17
C ILE E 222 2.38 -0.72 -18.60
N GLU E 223 1.46 0.04 -19.19
CA GLU E 223 1.05 1.32 -18.64
C GLU E 223 -0.33 1.20 -18.02
N LEU E 224 -0.43 1.60 -16.77
CA LEU E 224 -1.64 1.57 -15.98
C LEU E 224 -1.84 2.95 -15.38
N PRO E 225 -3.08 3.40 -15.23
CA PRO E 225 -3.32 4.62 -14.44
C PRO E 225 -2.76 4.44 -13.03
N GLU E 226 -2.04 5.46 -12.58
CA GLU E 226 -1.36 5.36 -11.30
C GLU E 226 -2.32 5.03 -10.16
N ALA E 227 -3.53 5.56 -10.21
CA ALA E 227 -4.49 5.25 -9.15
C ALA E 227 -4.86 3.77 -9.10
N ARG E 228 -4.51 2.98 -10.11
CA ARG E 228 -4.81 1.55 -10.14
C ARG E 228 -3.62 0.66 -9.81
N ILE E 229 -2.38 1.19 -9.78
CA ILE E 229 -1.21 0.32 -9.70
C ILE E 229 -1.18 -0.46 -8.38
N GLY E 230 -1.60 0.18 -7.28
CA GLY E 230 -1.70 -0.54 -6.03
C GLY E 230 -2.58 -1.78 -6.12
N ASP E 231 -3.74 -1.65 -6.78
CA ASP E 231 -4.62 -2.80 -6.94
C ASP E 231 -3.97 -3.93 -7.75
N PHE E 232 -3.03 -3.59 -8.64
CA PHE E 232 -2.47 -4.55 -9.58
C PHE E 232 -1.60 -5.62 -8.92
N LEU E 233 -1.05 -5.34 -7.75
CA LEU E 233 -0.02 -6.19 -7.16
C LEU E 233 -0.49 -7.64 -7.05
N VAL E 234 -1.76 -7.86 -6.73
CA VAL E 234 -2.30 -9.21 -6.60
C VAL E 234 -2.30 -9.98 -7.92
N PHE E 235 -2.07 -9.30 -9.05
CA PHE E 235 -2.07 -9.95 -10.35
C PHE E 235 -0.68 -10.11 -10.96
N ASN E 236 0.36 -9.55 -10.34
CA ASN E 236 1.72 -9.59 -10.87
C ASN E 236 2.11 -10.93 -11.49
N ASP E 237 2.02 -12.02 -10.71
CA ASP E 237 2.52 -13.29 -11.20
C ASP E 237 1.68 -13.83 -12.36
N ARG E 238 0.35 -13.70 -12.29
CA ARG E 238 -0.47 -14.17 -13.40
C ARG E 238 -0.18 -13.38 -14.68
N VAL E 239 -0.05 -12.06 -14.56
CA VAL E 239 0.23 -11.24 -15.74
C VAL E 239 1.60 -11.58 -16.32
N ASN E 240 2.60 -11.75 -15.45
CA ASN E 240 3.94 -12.13 -15.89
C ASN E 240 3.93 -13.42 -16.71
N ARG E 241 3.30 -14.47 -16.18
CA ARG E 241 3.33 -15.74 -16.90
C ARG E 241 2.47 -15.67 -18.15
N GLN E 242 1.33 -14.98 -18.10
CA GLN E 242 0.44 -14.92 -19.26
C GLN E 242 1.12 -14.19 -20.43
N LEU E 243 1.73 -13.04 -20.16
CA LEU E 243 2.38 -12.33 -21.26
C LEU E 243 3.67 -13.02 -21.70
N GLN E 244 4.27 -13.84 -20.85
CA GLN E 244 5.42 -14.61 -21.30
C GLN E 244 4.99 -15.69 -22.30
N SER E 245 3.90 -16.38 -22.01
CA SER E 245 3.37 -17.35 -22.96
C SER E 245 2.89 -16.68 -24.26
N LEU E 246 2.57 -15.39 -24.25
CA LEU E 246 2.23 -14.69 -25.49
C LEU E 246 3.47 -14.29 -26.30
N GLY E 247 4.66 -14.53 -25.77
CA GLY E 247 5.89 -14.28 -26.49
C GLY E 247 6.86 -13.30 -25.85
N PHE E 248 6.49 -12.53 -24.85
CA PHE E 248 7.47 -11.65 -24.21
C PHE E 248 8.37 -12.45 -23.26
N ARG E 249 9.62 -12.01 -23.15
CA ARG E 249 10.52 -12.62 -22.17
C ARG E 249 10.49 -11.88 -20.85
N TYR E 250 10.40 -10.56 -20.85
CA TYR E 250 10.31 -9.78 -19.62
C TYR E 250 9.02 -9.01 -19.61
N VAL E 251 8.25 -9.13 -18.52
CA VAL E 251 6.99 -8.41 -18.38
C VAL E 251 7.14 -7.41 -17.25
N THR E 252 7.00 -6.14 -17.58
CA THR E 252 7.36 -5.05 -16.70
C THR E 252 6.24 -4.04 -16.62
N LEU E 253 6.32 -3.22 -15.58
CA LEU E 253 5.33 -2.21 -15.25
C LEU E 253 6.03 -0.86 -15.30
N ASP E 254 5.50 0.05 -16.11
CA ASP E 254 6.13 1.37 -16.23
C ASP E 254 5.90 2.12 -14.93
N LEU E 255 6.97 2.58 -14.31
CA LEU E 255 6.74 3.31 -13.06
C LEU E 255 6.08 4.66 -13.30
N GLY E 256 6.18 5.20 -14.52
CA GLY E 256 5.55 6.47 -14.82
C GLY E 256 4.05 6.40 -14.96
N GLY E 257 3.52 5.22 -15.31
CA GLY E 257 2.09 5.01 -15.49
C GLY E 257 1.59 5.40 -16.88
N PHE E 258 0.27 5.30 -17.02
CA PHE E 258 -0.44 5.73 -18.20
C PHE E 258 -0.52 7.25 -18.17
N ARG E 259 -0.08 7.92 -19.23
CA ARG E 259 -0.13 9.38 -19.29
C ARG E 259 0.75 10.00 -18.19
N SER E 260 2.07 9.80 -18.31
CA SER E 260 2.99 10.30 -17.30
C SER E 260 2.91 11.83 -17.18
N GLY E 261 2.79 12.32 -15.93
CA GLY E 261 2.75 13.74 -15.66
C GLY E 261 1.36 14.35 -15.57
N ARG E 262 0.33 13.66 -16.06
CA ARG E 262 -1.02 14.21 -16.06
C ARG E 262 -1.53 14.46 -14.63
N MET E 263 -0.98 13.73 -13.64
CA MET E 263 -1.42 13.86 -12.25
C MET E 263 -0.36 14.45 -11.32
N ASN E 264 0.84 14.78 -11.80
CA ASN E 264 1.91 15.22 -10.92
C ASN E 264 1.64 16.62 -10.35
N ASP E 265 2.48 17.01 -9.38
CA ASP E 265 2.57 18.37 -8.85
C ASP E 265 3.30 19.30 -9.84
N THR E 266 3.26 20.61 -9.54
CA THR E 266 3.69 21.62 -10.52
C THR E 266 5.17 21.50 -10.89
N LEU E 267 6.03 21.11 -9.93
CA LEU E 267 7.46 21.01 -10.25
C LEU E 267 7.76 19.82 -11.14
N THR E 268 7.14 18.67 -10.87
CA THR E 268 7.58 17.41 -11.46
C THR E 268 6.78 17.00 -12.71
N LYS E 269 5.58 17.55 -12.92
CA LYS E 269 4.92 17.42 -14.21
C LYS E 269 5.69 18.18 -15.29
N ALA E 270 6.37 19.27 -14.91
CA ALA E 270 7.20 20.05 -15.83
C ALA E 270 8.60 19.44 -16.03
N GLN E 271 9.10 18.70 -15.03
CA GLN E 271 10.35 17.98 -15.22
C GLN E 271 10.16 16.69 -16.03
N LEU E 272 9.01 16.02 -15.88
CA LEU E 272 8.72 14.84 -16.70
C LEU E 272 8.48 15.21 -18.16
N ALA E 273 8.02 16.45 -18.42
CA ALA E 273 7.72 16.93 -19.77
C ALA E 273 8.98 17.33 -20.53
N THR E 274 9.99 17.88 -19.86
CA THR E 274 11.29 17.98 -20.52
C THR E 274 11.96 16.62 -20.66
N PHE E 275 11.60 15.63 -19.81
CA PHE E 275 12.08 14.26 -19.99
C PHE E 275 11.42 13.60 -21.21
N ALA E 276 10.08 13.58 -21.24
CA ALA E 276 9.33 13.02 -22.36
C ALA E 276 9.65 13.71 -23.69
N ALA E 277 10.11 14.97 -23.66
CA ALA E 277 10.49 15.71 -24.86
C ALA E 277 11.95 15.54 -25.23
N SER E 278 12.77 14.92 -24.36
CA SER E 278 14.16 14.64 -24.67
C SER E 278 14.31 13.68 -25.86
N TRP E 279 13.21 13.05 -26.29
CA TRP E 279 13.24 11.98 -27.31
C TRP E 279 12.23 12.22 -28.43
N ALA F 2 -51.95 14.14 -1.51
CA ALA F 2 -51.67 12.76 -1.08
C ALA F 2 -50.77 12.11 -2.10
N THR F 3 -51.26 12.06 -3.33
CA THR F 3 -50.53 11.56 -4.47
C THR F 3 -49.63 12.66 -5.03
N LEU F 4 -48.72 12.26 -5.91
CA LEU F 4 -47.83 13.25 -6.51
C LEU F 4 -48.62 14.28 -7.31
N ALA F 5 -49.71 13.87 -7.97
CA ALA F 5 -50.50 14.79 -8.78
C ALA F 5 -51.10 15.91 -7.93
N THR F 6 -51.61 15.56 -6.74
CA THR F 6 -52.11 16.57 -5.82
C THR F 6 -50.97 17.46 -5.33
N LYS F 7 -49.80 16.86 -5.05
CA LYS F 7 -48.66 17.63 -4.59
C LYS F 7 -48.18 18.57 -5.69
N LYS F 8 -48.27 18.14 -6.95
CA LYS F 8 -47.88 18.98 -8.07
C LYS F 8 -48.89 20.11 -8.28
N ALA F 9 -50.17 19.82 -8.06
CA ALA F 9 -51.21 20.85 -8.18
C ALA F 9 -51.01 21.98 -7.19
N THR F 10 -50.69 21.64 -5.93
CA THR F 10 -50.43 22.67 -4.93
C THR F 10 -49.31 23.59 -5.39
N LEU F 11 -48.27 23.02 -5.99
CA LEU F 11 -47.11 23.80 -6.37
C LEU F 11 -47.43 24.70 -7.56
N VAL F 12 -48.22 24.18 -8.51
CA VAL F 12 -48.67 25.00 -9.63
C VAL F 12 -49.51 26.16 -9.10
N ALA F 13 -50.41 25.89 -8.14
CA ALA F 13 -51.23 26.93 -7.54
C ALA F 13 -50.37 28.00 -6.89
N ALA F 14 -49.40 27.58 -6.06
CA ALA F 14 -48.57 28.55 -5.36
C ALA F 14 -47.83 29.44 -6.34
N LEU F 15 -47.40 28.87 -7.46
CA LEU F 15 -46.68 29.66 -8.45
C LEU F 15 -47.62 30.61 -9.19
N LYS F 16 -48.83 30.15 -9.54
CA LYS F 16 -49.74 31.02 -10.26
C LYS F 16 -50.16 32.21 -9.41
N ASP F 17 -50.22 32.02 -8.09
CA ASP F 17 -50.56 33.15 -7.24
C ASP F 17 -49.42 34.15 -7.17
N LEU F 18 -48.17 33.68 -7.27
CA LEU F 18 -47.07 34.61 -7.13
C LEU F 18 -46.84 35.38 -8.43
N GLN F 19 -47.16 34.78 -9.59
CA GLN F 19 -47.08 35.41 -10.91
C GLN F 19 -45.65 35.75 -11.35
N ARG F 20 -44.80 36.24 -10.44
CA ARG F 20 -43.42 36.62 -10.77
C ARG F 20 -42.50 36.25 -9.62
N VAL F 21 -41.42 35.50 -9.90
CA VAL F 21 -40.56 34.96 -8.85
C VAL F 21 -39.08 35.13 -9.15
N THR F 22 -38.32 35.18 -8.07
CA THR F 22 -36.86 35.07 -8.08
C THR F 22 -36.50 33.75 -7.40
N VAL F 23 -35.73 32.91 -8.10
CA VAL F 23 -35.42 31.55 -7.62
C VAL F 23 -33.96 31.48 -7.24
N ALA F 24 -33.70 31.20 -5.96
CA ALA F 24 -32.35 30.89 -5.48
C ALA F 24 -31.94 29.51 -6.02
N PHE F 25 -31.03 29.49 -6.99
CA PHE F 25 -30.69 28.30 -7.77
C PHE F 25 -29.31 27.75 -7.38
N SER F 26 -29.29 26.59 -6.72
CA SER F 26 -28.04 25.87 -6.41
C SER F 26 -27.50 25.06 -7.60
N GLY F 27 -28.37 24.53 -8.45
CA GLY F 27 -28.01 23.51 -9.41
C GLY F 27 -28.41 22.11 -9.00
N GLY F 28 -28.84 21.91 -7.75
CA GLY F 28 -29.27 20.61 -7.28
C GLY F 28 -30.63 20.21 -7.82
N ILE F 29 -31.08 19.03 -7.41
CA ILE F 29 -32.30 18.48 -7.97
C ILE F 29 -33.51 19.29 -7.50
N ASP F 30 -33.48 19.76 -6.24
CA ASP F 30 -34.61 20.50 -5.70
C ASP F 30 -34.77 21.86 -6.37
N SER F 31 -33.67 22.60 -6.44
CA SER F 31 -33.76 23.89 -7.09
C SER F 31 -33.93 23.75 -8.60
N THR F 32 -33.53 22.61 -9.19
CA THR F 32 -33.84 22.40 -10.61
C THR F 32 -35.33 22.15 -10.82
N LEU F 33 -35.97 21.41 -9.91
CA LEU F 33 -37.40 21.18 -10.03
C LEU F 33 -38.18 22.50 -9.93
N VAL F 34 -37.82 23.33 -8.94
CA VAL F 34 -38.52 24.59 -8.74
C VAL F 34 -38.29 25.52 -9.93
N LEU F 35 -37.07 25.54 -10.46
CA LEU F 35 -36.79 26.40 -11.60
C LEU F 35 -37.58 25.95 -12.82
N LYS F 36 -37.73 24.63 -12.99
CA LYS F 36 -38.41 24.15 -14.18
C LYS F 36 -39.93 24.29 -14.06
N MET F 37 -40.47 24.17 -12.84
CA MET F 37 -41.91 24.37 -12.67
C MET F 37 -42.25 25.86 -12.73
N ALA F 38 -41.39 26.71 -12.18
CA ALA F 38 -41.61 28.14 -12.27
C ALA F 38 -41.56 28.62 -13.72
N LEU F 39 -40.60 28.12 -14.52
CA LEU F 39 -40.56 28.51 -15.94
C LEU F 39 -41.79 28.01 -16.68
N ASP F 40 -42.24 26.79 -16.37
CA ASP F 40 -43.39 26.20 -17.02
C ASP F 40 -44.69 26.93 -16.69
N VAL F 41 -44.80 27.46 -15.48
CA VAL F 41 -46.07 28.01 -15.05
C VAL F 41 -46.13 29.51 -15.29
N LEU F 42 -45.01 30.22 -15.22
CA LEU F 42 -45.00 31.67 -15.33
C LEU F 42 -44.28 32.23 -16.54
N GLY F 43 -43.54 31.42 -17.28
CA GLY F 43 -42.85 31.92 -18.46
C GLY F 43 -41.52 32.59 -18.16
N ARG F 44 -40.62 32.54 -19.15
CA ARG F 44 -39.24 32.98 -18.97
C ARG F 44 -39.15 34.41 -18.43
N ASP F 45 -40.04 35.28 -18.85
CA ASP F 45 -39.85 36.68 -18.47
C ASP F 45 -40.27 36.96 -17.05
N ASN F 46 -40.93 36.03 -16.38
CA ASN F 46 -41.38 36.23 -15.01
C ASN F 46 -40.55 35.47 -13.99
N VAL F 47 -39.42 34.90 -14.38
CA VAL F 47 -38.59 34.10 -13.50
C VAL F 47 -37.15 34.56 -13.57
N THR F 48 -36.56 34.90 -12.44
CA THR F 48 -35.13 35.18 -12.37
C THR F 48 -34.44 34.10 -11.53
N ALA F 49 -33.49 33.40 -12.15
CA ALA F 49 -32.62 32.46 -11.45
C ALA F 49 -31.43 33.24 -10.94
N VAL F 50 -31.13 33.11 -9.65
CA VAL F 50 -30.00 33.81 -9.06
C VAL F 50 -28.99 32.79 -8.56
N VAL F 51 -27.74 32.93 -9.03
CA VAL F 51 -26.65 32.07 -8.59
C VAL F 51 -25.67 32.94 -7.82
N ALA F 52 -25.41 32.55 -6.56
CA ALA F 52 -24.50 33.26 -5.68
C ALA F 52 -23.06 32.81 -5.91
N ASN F 53 -22.17 33.78 -6.05
CA ASN F 53 -20.74 33.57 -6.17
C ASN F 53 -20.08 34.17 -4.94
N SER F 54 -19.19 33.43 -4.31
CA SER F 54 -18.60 33.90 -3.07
C SER F 54 -17.26 33.22 -2.86
N GLU F 55 -16.56 33.68 -1.83
CA GLU F 55 -15.28 33.08 -1.45
C GLU F 55 -15.43 31.71 -0.82
N LEU F 56 -16.61 31.36 -0.29
CA LEU F 56 -16.79 30.11 0.43
C LEU F 56 -17.23 28.97 -0.47
N PHE F 57 -17.33 29.21 -1.78
CA PHE F 57 -17.59 28.14 -2.71
C PHE F 57 -16.71 28.35 -3.93
N THR F 58 -16.50 27.28 -4.67
CA THR F 58 -15.57 27.26 -5.77
C THR F 58 -16.16 27.90 -7.04
N ASP F 59 -15.26 28.40 -7.90
CA ASP F 59 -15.68 28.88 -9.20
C ASP F 59 -16.35 27.80 -10.06
N GLU F 60 -15.94 26.53 -9.96
CA GLU F 60 -16.64 25.53 -10.77
C GLU F 60 -18.09 25.39 -10.32
N GLU F 61 -18.33 25.31 -9.01
CA GLU F 61 -19.72 25.18 -8.55
C GLU F 61 -20.57 26.33 -9.08
N PHE F 62 -19.97 27.52 -9.12
CA PHE F 62 -20.64 28.69 -9.68
C PHE F 62 -20.85 28.56 -11.17
N ASP F 63 -19.78 28.27 -11.91
CA ASP F 63 -19.90 28.20 -13.36
C ASP F 63 -20.83 27.08 -13.79
N LYS F 64 -20.87 25.98 -13.04
CA LYS F 64 -21.76 24.88 -13.37
C LYS F 64 -23.22 25.24 -13.09
N ALA F 65 -23.46 25.99 -12.00
CA ALA F 65 -24.83 26.34 -11.64
C ALA F 65 -25.40 27.37 -12.59
N MET F 66 -24.58 28.37 -12.94
CA MET F 66 -24.97 29.31 -13.97
C MET F 66 -25.34 28.57 -15.25
N SER F 67 -24.51 27.60 -15.63
CA SER F 67 -24.74 26.96 -16.92
C SER F 67 -25.90 25.98 -16.85
N LEU F 68 -26.19 25.42 -15.66
CA LEU F 68 -27.32 24.50 -15.56
C LEU F 68 -28.65 25.25 -15.61
N ALA F 69 -28.66 26.50 -15.12
CA ALA F 69 -29.85 27.33 -15.20
C ALA F 69 -30.08 27.82 -16.63
N GLU F 70 -29.01 28.07 -17.39
CA GLU F 70 -29.20 28.46 -18.77
C GLU F 70 -29.71 27.31 -19.62
N GLU F 71 -29.24 26.10 -19.39
CA GLU F 71 -29.74 25.03 -20.23
C GLU F 71 -31.19 24.69 -19.91
N LEU F 72 -31.67 25.04 -18.70
CA LEU F 72 -33.07 24.86 -18.40
C LEU F 72 -33.96 25.89 -19.10
N GLY F 73 -33.38 26.94 -19.65
CA GLY F 73 -34.13 27.97 -20.32
C GLY F 73 -34.45 29.19 -19.49
N ALA F 74 -33.73 29.42 -18.40
CA ALA F 74 -33.99 30.56 -17.53
C ALA F 74 -33.05 31.73 -17.81
N ASN F 75 -33.53 32.93 -17.52
CA ASN F 75 -32.66 34.08 -17.35
C ASN F 75 -32.00 33.96 -15.98
N VAL F 76 -30.67 33.98 -15.95
CA VAL F 76 -29.95 33.76 -14.70
C VAL F 76 -28.98 34.90 -14.50
N GLN F 77 -28.84 35.35 -13.26
CA GLN F 77 -27.91 36.41 -12.96
C GLN F 77 -27.06 35.94 -11.80
N GLY F 78 -25.76 36.16 -11.92
CA GLY F 78 -24.87 35.94 -10.81
C GLY F 78 -24.87 37.15 -9.89
N THR F 79 -24.86 36.88 -8.60
CA THR F 79 -24.69 37.91 -7.59
C THR F 79 -23.55 37.43 -6.69
N THR F 80 -22.65 38.34 -6.35
CA THR F 80 -21.50 37.97 -5.55
C THR F 80 -21.70 38.51 -4.14
N LEU F 81 -21.51 37.65 -3.16
CA LEU F 81 -21.66 37.97 -1.75
C LEU F 81 -20.29 38.08 -1.11
N ASP F 82 -20.13 39.03 -0.19
CA ASP F 82 -18.89 39.20 0.57
C ASP F 82 -19.14 38.66 1.98
N TYR F 83 -19.07 37.33 2.09
CA TYR F 83 -19.32 36.67 3.37
C TYR F 83 -18.29 37.04 4.42
N LEU F 84 -17.05 37.25 4.00
CA LEU F 84 -15.98 37.57 4.99
C LEU F 84 -16.23 38.93 5.63
N SER F 85 -17.17 39.70 5.09
CA SER F 85 -17.54 41.03 5.61
C SER F 85 -18.18 40.87 7.00
N ASP F 86 -19.00 39.86 7.19
CA ASP F 86 -19.62 39.64 8.52
C ASP F 86 -18.61 39.01 9.46
N ASP F 87 -18.41 39.60 10.63
CA ASP F 87 -17.41 39.13 11.55
C ASP F 87 -17.75 37.76 12.12
N HIS F 88 -19.03 37.39 12.14
CA HIS F 88 -19.39 36.04 12.55
C HIS F 88 -18.80 35.00 11.59
N ILE F 89 -18.83 35.31 10.29
CA ILE F 89 -18.26 34.41 9.30
C ILE F 89 -16.73 34.48 9.32
N LYS F 90 -16.19 35.71 9.38
CA LYS F 90 -14.74 35.91 9.26
C LYS F 90 -13.98 35.21 10.38
N ASN F 91 -14.54 35.20 11.59
CA ASN F 91 -13.91 34.55 12.72
C ASN F 91 -14.52 33.19 13.03
N ASN F 92 -15.38 32.69 12.14
CA ASN F 92 -15.86 31.31 12.11
C ASN F 92 -16.33 30.82 13.47
N THR F 93 -17.33 31.49 13.97
CA THR F 93 -18.02 31.04 15.17
C THR F 93 -19.01 29.94 14.78
N PRO F 94 -19.51 29.17 15.75
CA PRO F 94 -20.48 28.12 15.38
C PRO F 94 -21.77 28.68 14.83
N ASP F 95 -22.02 29.98 15.02
CA ASP F 95 -23.20 30.65 14.47
C ASP F 95 -22.98 31.16 13.04
N SER F 96 -21.82 30.87 12.44
CA SER F 96 -21.46 31.54 11.20
C SER F 96 -22.33 31.08 10.03
N TRP F 97 -22.86 29.85 10.10
CA TRP F 97 -23.79 29.39 9.08
C TRP F 97 -25.03 30.29 9.01
N TYR F 98 -25.47 30.78 10.16
CA TYR F 98 -26.69 31.57 10.20
C TYR F 98 -26.48 32.92 9.56
N TYR F 99 -25.38 33.60 9.92
CA TYR F 99 -25.14 34.93 9.38
C TYR F 99 -24.84 34.90 7.88
N ALA F 100 -24.28 33.80 7.38
CA ALA F 100 -24.11 33.67 5.93
C ALA F 100 -25.45 33.45 5.23
N LYS F 101 -26.30 32.57 5.76
CA LYS F 101 -27.58 32.36 5.08
C LYS F 101 -28.47 33.59 5.25
N LYS F 102 -28.26 34.36 6.31
CA LYS F 102 -28.96 35.63 6.47
C LYS F 102 -28.50 36.66 5.45
N MET F 103 -27.19 36.76 5.23
CA MET F 103 -26.66 37.69 4.23
C MET F 103 -27.09 37.31 2.83
N PHE F 104 -27.22 36.00 2.58
CA PHE F 104 -27.64 35.48 1.29
C PHE F 104 -29.08 35.84 0.99
N TYR F 105 -29.95 35.65 1.97
CA TYR F 105 -31.37 35.92 1.76
C TYR F 105 -31.67 37.42 1.67
N SER F 106 -30.81 38.28 2.24
CA SER F 106 -31.02 39.72 2.10
C SER F 106 -30.59 40.18 0.72
N ARG F 107 -29.59 39.53 0.11
CA ARG F 107 -29.27 39.84 -1.27
C ARG F 107 -30.39 39.38 -2.19
N LEU F 108 -31.02 38.23 -1.88
CA LEU F 108 -32.04 37.73 -2.78
C LEU F 108 -33.29 38.62 -2.73
N ASN F 109 -33.65 39.11 -1.54
CA ASN F 109 -34.79 40.01 -1.43
C ASN F 109 -34.52 41.32 -2.14
N ASP F 110 -33.27 41.78 -2.07
CA ASP F 110 -32.93 43.00 -2.80
C ASP F 110 -33.06 42.78 -4.30
N ILE F 111 -32.75 41.59 -4.79
CA ILE F 111 -32.93 41.34 -6.22
C ILE F 111 -34.41 41.21 -6.56
N ALA F 112 -35.16 40.54 -5.68
CA ALA F 112 -36.58 40.33 -5.99
C ALA F 112 -37.35 41.63 -5.91
N ALA F 113 -36.99 42.49 -4.95
CA ALA F 113 -37.61 43.82 -4.87
C ALA F 113 -37.35 44.63 -6.13
N ASN F 114 -36.14 44.54 -6.71
CA ASN F 114 -35.78 45.35 -7.86
C ASN F 114 -36.25 44.80 -9.20
N ASN F 115 -36.77 43.56 -9.25
CA ASN F 115 -37.35 43.03 -10.47
C ASN F 115 -38.84 42.76 -10.33
N GLY F 116 -39.45 43.22 -9.25
CA GLY F 116 -40.88 43.09 -9.14
C GLY F 116 -41.38 41.68 -8.88
N SER F 117 -40.54 40.83 -8.29
CA SER F 117 -41.00 39.48 -7.96
C SER F 117 -41.77 39.51 -6.66
N ALA F 118 -42.66 38.54 -6.52
CA ALA F 118 -43.51 38.45 -5.34
C ALA F 118 -42.86 37.65 -4.23
N ALA F 119 -41.86 36.84 -4.58
CA ALA F 119 -41.23 36.01 -3.56
C ALA F 119 -39.86 35.58 -4.07
N VAL F 120 -39.00 35.26 -3.11
CA VAL F 120 -37.78 34.52 -3.38
C VAL F 120 -38.07 33.06 -3.04
N LEU F 121 -37.73 32.17 -3.97
CA LEU F 121 -37.96 30.74 -3.81
C LEU F 121 -36.63 30.02 -3.68
N ASP F 122 -36.59 29.03 -2.81
CA ASP F 122 -35.47 28.10 -2.67
C ASP F 122 -35.99 26.67 -2.85
N GLY F 123 -35.08 25.71 -2.75
CA GLY F 123 -35.45 24.34 -2.99
C GLY F 123 -35.62 23.46 -1.76
N MET F 124 -36.11 24.01 -0.65
CA MET F 124 -36.24 23.22 0.58
C MET F 124 -37.42 22.28 0.48
N ILE F 125 -37.23 21.05 0.95
CA ILE F 125 -38.28 20.03 0.86
C ILE F 125 -38.74 19.69 2.27
N LYS F 126 -39.56 18.64 2.41
CA LYS F 126 -40.30 18.40 3.65
C LYS F 126 -39.47 17.84 4.78
N ASN F 127 -38.35 17.16 4.49
CA ASN F 127 -37.38 16.83 5.54
C ASN F 127 -36.01 17.45 5.26
N LYS F 137 -34.09 28.18 8.86
CA LYS F 137 -33.99 29.12 9.97
C LYS F 137 -34.04 30.57 9.49
N ALA F 138 -32.94 31.01 8.86
CA ALA F 138 -32.83 32.36 8.30
C ALA F 138 -33.59 32.54 6.98
N ARG F 139 -34.20 31.47 6.45
CA ARG F 139 -35.05 31.60 5.28
C ARG F 139 -36.36 32.30 5.62
N SER F 140 -37.05 31.82 6.66
CA SER F 140 -38.34 32.35 7.06
C SER F 140 -38.22 33.75 7.66
N GLU F 141 -37.01 34.15 8.08
CA GLU F 141 -36.78 35.51 8.55
C GLU F 141 -36.90 36.51 7.40
N ALA F 142 -36.26 36.20 6.27
CA ALA F 142 -36.45 36.98 5.06
C ALA F 142 -37.76 36.63 4.35
N GLY F 143 -38.42 35.56 4.76
CA GLY F 143 -39.69 35.21 4.19
C GLY F 143 -39.62 34.51 2.85
N ALA F 144 -38.47 33.93 2.51
CA ALA F 144 -38.42 33.08 1.32
C ALA F 144 -39.44 31.95 1.44
N ARG F 145 -39.92 31.48 0.30
CA ARG F 145 -40.93 30.44 0.27
C ARG F 145 -40.29 29.15 -0.22
N SER F 146 -40.70 28.05 0.37
CA SER F 146 -40.20 26.73 0.01
C SER F 146 -41.41 25.98 -0.52
N LEU F 147 -41.72 26.21 -1.80
CA LEU F 147 -42.97 25.66 -2.32
C LEU F 147 -42.96 24.15 -2.31
N LEU F 148 -41.78 23.54 -2.43
CA LEU F 148 -41.68 22.09 -2.37
C LEU F 148 -42.04 21.58 -0.97
N GLN F 149 -41.64 22.33 0.06
CA GLN F 149 -42.00 21.96 1.43
C GLN F 149 -43.47 22.23 1.71
N GLU F 150 -44.02 23.31 1.16
CA GLU F 150 -45.43 23.60 1.36
C GLU F 150 -46.32 22.58 0.65
N ALA F 151 -45.88 22.08 -0.50
CA ALA F 151 -46.64 21.09 -1.26
C ALA F 151 -46.42 19.67 -0.75
N ASP F 152 -45.70 19.51 0.36
CA ASP F 152 -45.44 18.21 1.01
C ASP F 152 -44.59 17.27 0.14
N PHE F 153 -43.64 17.84 -0.60
CA PHE F 153 -42.72 17.03 -1.37
C PHE F 153 -41.66 16.41 -0.47
N PHE F 154 -41.47 15.10 -0.60
CA PHE F 154 -40.31 14.40 -0.05
C PHE F 154 -39.31 14.11 -1.18
N LYS F 155 -38.15 13.57 -0.80
CA LYS F 155 -37.13 13.26 -1.78
C LYS F 155 -37.65 12.31 -2.87
N THR F 156 -38.55 11.39 -2.51
CA THR F 156 -39.11 10.49 -3.52
C THR F 156 -40.06 11.26 -4.45
N ASP F 157 -40.84 12.20 -3.90
CA ASP F 157 -41.70 13.04 -4.74
C ASP F 157 -40.88 13.93 -5.67
N VAL F 158 -39.75 14.46 -5.19
CA VAL F 158 -38.91 15.33 -6.05
C VAL F 158 -38.40 14.50 -7.21
N ARG F 159 -38.15 13.21 -6.97
CA ARG F 159 -37.59 12.29 -8.00
C ARG F 159 -38.66 11.94 -9.03
N ALA F 160 -39.87 11.68 -8.57
CA ALA F 160 -41.00 11.28 -9.41
C ALA F 160 -41.36 12.41 -10.36
N LEU F 161 -41.49 13.64 -9.83
CA LEU F 161 -41.82 14.79 -10.67
C LEU F 161 -40.65 15.16 -11.58
N ALA F 162 -39.41 14.95 -11.12
CA ALA F 162 -38.28 15.24 -11.97
C ALA F 162 -38.22 14.29 -13.15
N GLN F 163 -38.60 13.03 -12.94
CA GLN F 163 -38.61 12.09 -14.04
C GLN F 163 -39.76 12.40 -15.00
N GLU F 164 -40.96 12.62 -14.47
CA GLU F 164 -42.10 12.84 -15.35
C GLU F 164 -41.94 14.12 -16.17
N LEU F 165 -41.19 15.10 -15.66
CA LEU F 165 -40.91 16.32 -16.41
C LEU F 165 -39.67 16.20 -17.29
N GLY F 166 -39.09 15.00 -17.41
CA GLY F 166 -37.91 14.84 -18.23
C GLY F 166 -36.66 15.50 -17.68
N LEU F 167 -36.65 15.83 -16.38
CA LEU F 167 -35.46 16.44 -15.80
C LEU F 167 -34.47 15.35 -15.44
N THR F 168 -33.27 15.41 -16.03
CA THR F 168 -32.21 14.45 -15.77
C THR F 168 -30.88 15.07 -15.34
N ASN F 169 -30.68 16.37 -15.51
CA ASN F 169 -29.37 17.04 -15.33
C ASN F 169 -29.41 17.93 -14.08
N TRP F 170 -28.80 17.46 -13.00
CA TRP F 170 -28.53 18.27 -11.81
C TRP F 170 -27.15 17.97 -11.22
N ASN F 171 -26.74 18.80 -10.25
CA ASN F 171 -25.56 18.56 -9.43
C ASN F 171 -25.87 17.44 -8.45
N LYS F 172 -25.38 16.23 -8.76
CA LYS F 172 -25.76 15.09 -7.93
C LYS F 172 -25.10 15.14 -6.55
N VAL F 173 -23.93 15.78 -6.42
CA VAL F 173 -23.25 15.96 -5.14
C VAL F 173 -23.23 17.45 -4.84
N ALA F 174 -23.73 17.82 -3.66
CA ALA F 174 -23.89 19.22 -3.29
C ALA F 174 -22.67 19.74 -2.57
N SER F 175 -22.45 21.04 -2.70
CA SER F 175 -21.28 21.69 -2.12
C SER F 175 -21.52 22.04 -0.65
N CYS F 176 -20.45 22.02 0.12
CA CYS F 176 -20.48 22.48 1.51
C CYS F 176 -19.61 23.71 1.59
N SER F 177 -19.89 24.58 2.56
CA SER F 177 -19.11 25.79 2.66
C SER F 177 -17.69 25.44 3.12
N VAL F 178 -16.69 26.05 2.48
CA VAL F 178 -15.31 25.80 2.82
C VAL F 178 -15.02 26.16 4.26
N SER F 179 -15.94 26.86 4.92
CA SER F 179 -15.82 27.17 6.33
C SER F 179 -15.60 25.90 7.19
N SER F 180 -16.15 24.75 6.79
CA SER F 180 -16.02 23.52 7.56
C SER F 180 -14.59 22.97 7.58
N ARG F 181 -13.70 23.52 6.77
CA ARG F 181 -12.30 23.16 6.77
C ARG F 181 -11.54 23.93 7.85
N PHE F 182 -12.22 24.82 8.58
CA PHE F 182 -11.53 25.62 9.56
C PHE F 182 -12.09 25.36 10.95
N PRO F 183 -11.25 25.29 11.97
CA PRO F 183 -11.75 25.14 13.33
C PRO F 183 -12.53 26.36 13.73
N TYR F 184 -13.53 26.16 14.60
CA TYR F 184 -14.20 27.29 15.21
C TYR F 184 -13.19 28.20 15.88
N GLY F 185 -13.32 29.51 15.61
CA GLY F 185 -12.44 30.52 16.15
C GLY F 185 -11.32 30.92 15.21
N THR F 186 -10.91 29.99 14.34
CA THR F 186 -9.91 30.33 13.33
C THR F 186 -10.45 31.39 12.39
N THR F 187 -9.63 32.42 12.14
CA THR F 187 -10.04 33.51 11.28
C THR F 187 -9.82 33.14 9.82
N LEU F 188 -10.89 33.25 9.01
CA LEU F 188 -10.78 33.02 7.57
C LEU F 188 -10.23 34.25 6.89
N THR F 189 -9.28 34.06 5.97
CA THR F 189 -8.73 35.13 5.17
C THR F 189 -8.85 34.76 3.70
N HIS F 190 -8.65 35.74 2.82
CA HIS F 190 -8.66 35.43 1.40
C HIS F 190 -7.59 34.41 1.06
N ASP F 191 -6.45 34.46 1.74
CA ASP F 191 -5.37 33.57 1.36
C ASP F 191 -5.56 32.14 1.87
N ASN F 192 -6.00 31.93 3.12
CA ASN F 192 -6.09 30.55 3.58
C ASN F 192 -7.29 29.82 2.97
N ILE F 193 -8.34 30.55 2.58
CA ILE F 193 -9.43 29.94 1.82
C ILE F 193 -8.94 29.44 0.47
N ALA F 194 -8.20 30.29 -0.25
CA ALA F 194 -7.69 29.88 -1.55
C ALA F 194 -6.76 28.69 -1.41
N GLN F 195 -5.95 28.71 -0.35
CA GLN F 195 -5.01 27.64 -0.07
C GLN F 195 -5.75 26.31 0.12
N VAL F 196 -6.81 26.34 0.92
CA VAL F 196 -7.63 25.15 1.11
C VAL F 196 -8.23 24.69 -0.21
N MET F 197 -8.73 25.62 -1.02
CA MET F 197 -9.44 25.25 -2.25
C MET F 197 -8.51 24.70 -3.31
N ALA F 198 -7.32 25.30 -3.49
CA ALA F 198 -6.38 24.74 -4.46
C ALA F 198 -5.92 23.36 -4.04
N ALA F 199 -5.75 23.14 -2.73
CA ALA F 199 -5.33 21.82 -2.26
C ALA F 199 -6.39 20.77 -2.59
N GLU F 200 -7.65 21.08 -2.30
CA GLU F 200 -8.74 20.13 -2.58
C GLU F 200 -8.93 19.92 -4.07
N LYS F 201 -8.76 20.98 -4.87
CA LYS F 201 -8.86 20.82 -6.30
C LYS F 201 -7.79 19.87 -6.82
N TYR F 202 -6.54 20.04 -6.34
CA TYR F 202 -5.44 19.16 -6.74
C TYR F 202 -5.71 17.70 -6.37
N LEU F 203 -6.17 17.43 -5.15
CA LEU F 203 -6.45 16.04 -4.79
C LEU F 203 -7.58 15.47 -5.64
N ARG F 204 -8.65 16.25 -5.90
CA ARG F 204 -9.73 15.73 -6.71
C ARG F 204 -9.24 15.38 -8.11
N SER F 205 -8.29 16.17 -8.63
CA SER F 205 -7.72 15.89 -9.93
C SER F 205 -6.84 14.62 -9.93
N LEU F 206 -6.54 14.03 -8.77
CA LEU F 206 -5.83 12.77 -8.72
C LEU F 206 -6.76 11.56 -8.74
N GLY F 207 -8.06 11.78 -8.64
CA GLY F 207 -9.02 10.72 -8.64
C GLY F 207 -9.74 10.54 -7.32
N PHE F 208 -9.74 11.57 -6.47
CA PHE F 208 -10.33 11.46 -5.14
C PHE F 208 -11.43 12.51 -5.07
N PRO F 209 -12.60 12.21 -5.63
CA PRO F 209 -13.67 13.22 -5.69
C PRO F 209 -14.23 13.60 -4.32
N THR F 210 -14.26 12.68 -3.37
CA THR F 210 -14.71 12.98 -2.01
C THR F 210 -13.48 13.19 -1.14
N VAL F 211 -13.23 14.43 -0.73
CA VAL F 211 -12.00 14.74 -0.01
C VAL F 211 -12.17 16.04 0.76
N ARG F 212 -11.42 16.18 1.85
CA ARG F 212 -11.37 17.41 2.63
C ARG F 212 -9.92 17.70 3.04
N VAL F 213 -9.49 18.94 2.84
CA VAL F 213 -8.22 19.43 3.38
C VAL F 213 -8.56 20.35 4.54
N ARG F 214 -8.49 19.83 5.76
CA ARG F 214 -8.80 20.63 6.93
C ARG F 214 -7.60 21.53 7.28
N PHE F 215 -7.90 22.78 7.62
CA PHE F 215 -6.88 23.80 7.87
C PHE F 215 -6.53 23.84 9.35
N HIS F 216 -5.23 23.73 9.66
CA HIS F 216 -4.74 23.85 11.03
C HIS F 216 -3.49 24.73 11.04
N ASN F 217 -3.66 25.96 10.59
CA ASN F 217 -2.55 26.88 10.37
C ASN F 217 -1.52 26.22 9.47
N ASP F 218 -0.42 25.73 10.05
CA ASP F 218 0.68 25.22 9.24
C ASP F 218 0.55 23.74 8.92
N ILE F 219 -0.47 23.06 9.43
CA ILE F 219 -0.71 21.65 9.16
C ILE F 219 -1.92 21.54 8.26
N ALA F 220 -1.82 20.74 7.22
CA ALA F 220 -2.97 20.31 6.44
C ALA F 220 -3.33 18.89 6.87
N ARG F 221 -4.60 18.67 7.19
CA ARG F 221 -5.09 17.36 7.62
C ARG F 221 -6.06 16.90 6.54
N ILE F 222 -5.63 15.93 5.75
CA ILE F 222 -6.42 15.44 4.63
C ILE F 222 -7.35 14.33 5.11
N GLU F 223 -8.65 14.50 4.87
CA GLU F 223 -9.63 13.45 5.13
C GLU F 223 -10.01 12.79 3.81
N LEU F 224 -9.87 11.47 3.75
CA LEU F 224 -10.18 10.63 2.61
C LEU F 224 -11.05 9.48 3.07
N PRO F 225 -11.95 8.98 2.21
CA PRO F 225 -12.62 7.72 2.54
C PRO F 225 -11.55 6.65 2.72
N GLU F 226 -11.67 5.90 3.84
CA GLU F 226 -10.63 4.95 4.20
C GLU F 226 -10.39 3.92 3.11
N ALA F 227 -11.43 3.53 2.39
CA ALA F 227 -11.30 2.55 1.33
C ALA F 227 -10.41 3.04 0.18
N ARG F 228 -10.05 4.33 0.13
CA ARG F 228 -9.17 4.86 -0.90
C ARG F 228 -7.74 5.08 -0.43
N ILE F 229 -7.44 4.97 0.87
CA ILE F 229 -6.13 5.34 1.37
C ILE F 229 -5.04 4.42 0.82
N GLY F 230 -5.36 3.13 0.65
CA GLY F 230 -4.42 2.27 -0.05
C GLY F 230 -4.09 2.80 -1.44
N ASP F 231 -5.12 3.21 -2.19
CA ASP F 231 -4.88 3.76 -3.52
C ASP F 231 -4.05 5.03 -3.50
N PHE F 232 -4.16 5.80 -2.41
CA PHE F 232 -3.55 7.13 -2.28
C PHE F 232 -2.01 7.09 -2.15
N LEU F 233 -1.43 5.97 -1.68
CA LEU F 233 0.00 5.94 -1.33
C LEU F 233 0.91 6.37 -2.48
N VAL F 234 0.56 6.00 -3.71
CA VAL F 234 1.39 6.35 -4.86
C VAL F 234 1.48 7.86 -5.07
N PHE F 235 0.66 8.66 -4.40
CA PHE F 235 0.68 10.11 -4.58
C PHE F 235 1.25 10.88 -3.40
N ASN F 236 1.61 10.18 -2.31
CA ASN F 236 2.10 10.80 -1.08
C ASN F 236 3.08 11.95 -1.30
N ASP F 237 4.21 11.66 -1.94
CA ASP F 237 5.23 12.70 -2.09
C ASP F 237 4.72 13.83 -2.99
N ARG F 238 4.02 13.48 -4.07
CA ARG F 238 3.46 14.50 -4.94
C ARG F 238 2.46 15.37 -4.17
N VAL F 239 1.62 14.75 -3.35
CA VAL F 239 0.68 15.56 -2.59
C VAL F 239 1.42 16.41 -1.56
N ASN F 240 2.38 15.81 -0.88
CA ASN F 240 3.13 16.50 0.16
C ASN F 240 3.78 17.76 -0.38
N ARG F 241 4.49 17.65 -1.50
CA ARG F 241 5.20 18.81 -2.02
C ARG F 241 4.23 19.84 -2.59
N GLN F 242 3.15 19.38 -3.23
CA GLN F 242 2.19 20.30 -3.84
C GLN F 242 1.50 21.14 -2.76
N LEU F 243 1.06 20.52 -1.66
CA LEU F 243 0.42 21.32 -0.61
C LEU F 243 1.43 22.17 0.15
N GLN F 244 2.71 21.81 0.11
CA GLN F 244 3.72 22.70 0.68
C GLN F 244 3.93 23.93 -0.19
N SER F 245 3.96 23.75 -1.51
CA SER F 245 4.00 24.88 -2.42
C SER F 245 2.75 25.74 -2.32
N LEU F 246 1.63 25.19 -1.85
CA LEU F 246 0.46 26.02 -1.56
C LEU F 246 0.53 26.75 -0.22
N GLY F 247 1.53 26.51 0.62
CA GLY F 247 1.69 27.27 1.85
C GLY F 247 1.61 26.50 3.15
N PHE F 248 1.24 25.22 3.17
CA PHE F 248 1.28 24.46 4.41
C PHE F 248 2.71 24.02 4.72
N ARG F 249 3.05 23.95 6.01
CA ARG F 249 4.38 23.45 6.34
C ARG F 249 4.39 21.94 6.48
N TYR F 250 3.34 21.36 7.05
CA TYR F 250 3.18 19.93 7.22
C TYR F 250 1.91 19.47 6.51
N VAL F 251 2.03 18.39 5.77
CA VAL F 251 0.94 17.80 5.03
C VAL F 251 0.68 16.42 5.58
N THR F 252 -0.50 16.21 6.14
CA THR F 252 -0.76 14.99 6.89
C THR F 252 -2.06 14.36 6.40
N LEU F 253 -2.23 13.08 6.75
CA LEU F 253 -3.40 12.29 6.39
C LEU F 253 -4.07 11.79 7.66
N ASP F 254 -5.37 12.10 7.82
CA ASP F 254 -6.09 11.72 9.04
C ASP F 254 -6.27 10.21 9.10
N LEU F 255 -5.80 9.58 10.18
CA LEU F 255 -5.95 8.12 10.23
C LEU F 255 -7.40 7.73 10.43
N GLY F 256 -8.23 8.67 10.89
CA GLY F 256 -9.64 8.43 11.09
C GLY F 256 -10.45 8.33 9.82
N GLY F 257 -9.98 8.96 8.74
CA GLY F 257 -10.73 8.97 7.49
C GLY F 257 -11.64 10.17 7.29
N PHE F 258 -12.52 10.03 6.30
CA PHE F 258 -13.47 11.09 5.91
C PHE F 258 -14.57 11.29 6.94
N ARG F 259 -14.72 12.55 7.39
CA ARG F 259 -15.63 12.93 8.47
C ARG F 259 -15.20 12.25 9.76
N SER F 260 -13.94 12.52 10.10
CA SER F 260 -13.23 11.95 11.23
C SER F 260 -13.91 12.33 12.54
P PO4 G . 14.40 13.92 15.95
O1 PO4 G . 14.80 15.05 16.83
O2 PO4 G . 13.25 13.22 16.62
O3 PO4 G . 14.05 14.51 14.60
O4 PO4 G . 15.58 12.97 15.81
S SO4 H . 28.12 8.62 24.15
O1 SO4 H . 29.19 9.39 23.50
O2 SO4 H . 27.90 9.21 25.48
O3 SO4 H . 26.90 8.71 23.35
O4 SO4 H . 28.42 7.19 24.28
CA CA I . 6.64 -4.58 4.08
P PO4 J . 0.91 -21.21 18.27
O1 PO4 J . 0.11 -19.93 18.21
O2 PO4 J . 0.43 -22.10 19.38
O3 PO4 J . 2.35 -20.83 18.50
O4 PO4 J . 0.79 -21.97 16.99
S SO4 K . 15.12 -23.32 23.23
O1 SO4 K . 16.28 -22.85 22.48
O2 SO4 K . 14.89 -22.45 24.39
O3 SO4 K . 13.94 -23.24 22.35
O4 SO4 K . 15.33 -24.67 23.72
P PO4 L . 22.87 -11.22 -10.30
O1 PO4 L . 22.88 -9.82 -10.86
O2 PO4 L . 23.06 -11.12 -8.80
O3 PO4 L . 24.01 -11.96 -10.93
O4 PO4 L . 21.62 -11.99 -10.63
S SO4 M . 35.43 -13.64 1.13
O1 SO4 M . 36.77 -14.24 0.96
O2 SO4 M . 35.49 -12.53 2.08
O3 SO4 M . 34.48 -14.62 1.66
O4 SO4 M . 34.97 -13.16 -0.17
P PO4 N . -22.95 -16.18 -5.75
O1 PO4 N . -23.13 -16.02 -4.27
O2 PO4 N . -21.63 -15.58 -6.16
O3 PO4 N . -24.02 -15.42 -6.49
O4 PO4 N . -22.97 -17.63 -6.12
S SO4 O . -34.13 -7.41 -13.34
O1 SO4 O . -33.09 -8.14 -12.67
O2 SO4 O . -34.16 -6.08 -12.81
O3 SO4 O . -35.39 -8.04 -13.12
O4 SO4 O . -33.85 -7.37 -14.74
CA CA P . -8.30 0.43 -5.26
P PO4 Q . -1.76 6.10 -26.72
O1 PO4 Q . -0.82 6.81 -25.79
O2 PO4 Q . -3.13 6.19 -26.11
O3 PO4 Q . -1.72 6.77 -28.06
O4 PO4 Q . -1.39 4.64 -26.94
S SO4 R . -14.45 10.47 -32.04
O1 SO4 R . -14.01 11.84 -31.75
O2 SO4 R . -15.47 10.07 -31.05
O3 SO4 R . -14.99 10.39 -33.40
O4 SO4 R . -13.28 9.58 -31.95
P PO4 S . -17.94 18.73 5.97
O1 PO4 S . -18.77 19.76 6.69
O2 PO4 S . -17.72 17.60 6.91
O3 PO4 S . -16.63 19.37 5.56
O4 PO4 S . -18.63 18.20 4.73
S SO4 T . -30.98 22.51 -3.85
O1 SO4 T . -30.01 23.45 -3.27
O2 SO4 T . -32.33 22.94 -3.47
O3 SO4 T . -30.86 22.50 -5.28
O4 SO4 T . -30.76 21.15 -3.35
#